data_6R0L
# 
_entry.id   6R0L 
# 
_audit_conform.dict_name       mmcif_pdbx.dic 
_audit_conform.dict_version    5.383 
_audit_conform.dict_location   http://mmcif.pdb.org/dictionaries/ascii/mmcif_pdbx.dic 
# 
loop_
_database_2.database_id 
_database_2.database_code 
_database_2.pdbx_database_accession 
_database_2.pdbx_DOI 
PDB   6R0L         pdb_00006r0l 10.2210/pdb6r0l/pdb 
WWPDB D_1292101199 ?            ?                   
# 
loop_
_pdbx_audit_revision_history.ordinal 
_pdbx_audit_revision_history.data_content_type 
_pdbx_audit_revision_history.major_revision 
_pdbx_audit_revision_history.minor_revision 
_pdbx_audit_revision_history.revision_date 
1 'Structure model' 1 0 2020-09-30 
2 'Structure model' 1 1 2020-12-30 
3 'Structure model' 1 2 2021-03-03 
4 'Structure model' 1 3 2024-01-24 
# 
_pdbx_audit_revision_details.ordinal             1 
_pdbx_audit_revision_details.revision_ordinal    1 
_pdbx_audit_revision_details.data_content_type   'Structure model' 
_pdbx_audit_revision_details.provider            repository 
_pdbx_audit_revision_details.type                'Initial release' 
_pdbx_audit_revision_details.description         ? 
_pdbx_audit_revision_details.details             ? 
# 
loop_
_pdbx_audit_revision_group.ordinal 
_pdbx_audit_revision_group.revision_ordinal 
_pdbx_audit_revision_group.data_content_type 
_pdbx_audit_revision_group.group 
1 2 'Structure model' 'Database references'    
2 3 'Structure model' 'Database references'    
3 4 'Structure model' 'Data collection'        
4 4 'Structure model' 'Database references'    
5 4 'Structure model' 'Refinement description' 
# 
loop_
_pdbx_audit_revision_category.ordinal 
_pdbx_audit_revision_category.revision_ordinal 
_pdbx_audit_revision_category.data_content_type 
_pdbx_audit_revision_category.category 
1 2 'Structure model' citation                      
2 2 'Structure model' citation_author               
3 3 'Structure model' citation                      
4 3 'Structure model' citation_author               
5 4 'Structure model' chem_comp_atom                
6 4 'Structure model' chem_comp_bond                
7 4 'Structure model' database_2                    
8 4 'Structure model' pdbx_initial_refinement_model 
# 
loop_
_pdbx_audit_revision_item.ordinal 
_pdbx_audit_revision_item.revision_ordinal 
_pdbx_audit_revision_item.data_content_type 
_pdbx_audit_revision_item.item 
1  2 'Structure model' '_citation.country'                   
2  2 'Structure model' '_citation.journal_abbrev'            
3  2 'Structure model' '_citation.journal_id_ASTM'           
4  2 'Structure model' '_citation.journal_id_CSD'            
5  2 'Structure model' '_citation.journal_id_ISSN'           
6  2 'Structure model' '_citation.pdbx_database_id_DOI'      
7  2 'Structure model' '_citation.pdbx_database_id_PubMed'   
8  2 'Structure model' '_citation.title'                     
9  2 'Structure model' '_citation.year'                      
10 3 'Structure model' '_citation.journal_volume'            
11 3 'Structure model' '_citation.page_first'                
12 3 'Structure model' '_citation.page_last'                 
13 3 'Structure model' '_citation.year'                      
14 3 'Structure model' '_citation_author.identifier_ORCID'   
15 4 'Structure model' '_database_2.pdbx_DOI'                
16 4 'Structure model' '_database_2.pdbx_database_accession' 
# 
_pdbx_database_status.status_code                     REL 
_pdbx_database_status.status_code_sf                  REL 
_pdbx_database_status.status_code_mr                  ? 
_pdbx_database_status.entry_id                        6R0L 
_pdbx_database_status.recvd_initial_deposition_date   2019-03-13 
_pdbx_database_status.SG_entry                        N 
_pdbx_database_status.deposit_site                    PDBE 
_pdbx_database_status.process_site                    PDBE 
_pdbx_database_status.status_code_cs                  ? 
_pdbx_database_status.status_code_nmr_data            ? 
_pdbx_database_status.methods_development_category    ? 
_pdbx_database_status.pdb_format_compatible           Y 
# 
loop_
_audit_author.name 
_audit_author.pdbx_ordinal 
_audit_author.identifier_ORCID 
'Chaves-Sanjuan, A.' 1 0000-0003-3287-9024 
'Gobbini, A.'        2 ?                   
'Nardini, M.'        3 0000-0002-3718-2165 
# 
_citation.abstract                  ? 
_citation.abstract_id_CAS           ? 
_citation.book_id_ISBN              ? 
_citation.book_publisher            ? 
_citation.book_publisher_city       ? 
_citation.book_title                ? 
_citation.coordinate_linkage        ? 
_citation.country                   UK 
_citation.database_id_Medline       ? 
_citation.details                   ? 
_citation.id                        primary 
_citation.journal_abbrev            'Plant J.' 
_citation.journal_id_ASTM           PLJUED 
_citation.journal_id_CSD            2117 
_citation.journal_id_ISSN           1365-313X 
_citation.journal_full              ? 
_citation.journal_issue             ? 
_citation.journal_volume            105 
_citation.language                  ? 
_citation.page_first                49 
_citation.page_last                 61 
_citation.title                     'Structural determinants for NF-Y subunit organization and NF-Y/DNA association in plants.' 
_citation.year                      2021 
_citation.database_id_CSD           ? 
_citation.pdbx_database_id_DOI      10.1111/tpj.15038 
_citation.pdbx_database_id_PubMed   33098724 
_citation.unpublished_flag          ? 
# 
loop_
_citation_author.citation_id 
_citation_author.name 
_citation_author.ordinal 
_citation_author.identifier_ORCID 
primary 'Chaves-Sanjuan, A.' 1 ? 
primary 'Gnesutta, N.'       2 ? 
primary 'Gobbini, A.'        3 ? 
primary 'Martignago, D.'     4 ? 
primary 'Bernardini, A.'     5 ? 
primary 'Fornara, F.'        6 ? 
primary 'Mantovani, R.'      7 ? 
primary 'Nardini, M.'        8 ? 
# 
loop_
_entity.id 
_entity.type 
_entity.src_method 
_entity.pdbx_description 
_entity.formula_weight 
_entity.pdbx_number_of_molecules 
_entity.pdbx_ec 
_entity.pdbx_mutation 
_entity.pdbx_fragment 
_entity.details 
1 polymer     man OsGhd8   10092.552 1  ? ? ? OsGhd8   
2 polymer     man OsNF-YC7 8806.335  1  ? ? ? OsNF-YC7 
3 non-polymer syn GLYCEROL 92.094    2  ? ? ? ?        
4 water       nat water    18.015    41 ? ? ? ?        
# 
loop_
_entity_name_com.entity_id 
_entity_name_com.name 
1 'OsNF-YB11,Protein DAYS TO HEADING 8,Protein HEADING DATE 5,Transcriptional activator HAP3H,OsHAP3H,OsGhd8' 
2 OsNF-YC7                                                                                                    
# 
loop_
_entity_poly.entity_id 
_entity_poly.type 
_entity_poly.nstd_linkage 
_entity_poly.nstd_monomer 
_entity_poly.pdbx_seq_one_letter_code 
_entity_poly.pdbx_seq_one_letter_code_can 
_entity_poly.pdbx_strand_id 
_entity_poly.pdbx_target_identifier 
1 'polypeptide(L)' no no 
;DRFLPIANVSRIMKRSLPANAKISKESKETVQECVSEFISFVTGEASDKCQREKRKTINGDDLLWAMTTLGFEAYVGPLK
SYLNRYRE
;
;DRFLPIANVSRIMKRSLPANAKISKESKETVQECVSEFISFVTGEASDKCQREKRKTINGDDLLWAMTTLGFEAYVGPLK
SYLNRYRE
;
A ? 
2 'polypeptide(L)' no no PLARIKKIMKADEDVRMIAAEAPVVFARACEMFILELTHRGWAHAEENKRRTLQKSDIAAAIARTEVFDFLVDIVPR               
PLARIKKIMKADEDVRMIAAEAPVVFARACEMFILELTHRGWAHAEENKRRTLQKSDIAAAIARTEVFDFLVDIVPR               B ? 
# 
loop_
_pdbx_entity_nonpoly.entity_id 
_pdbx_entity_nonpoly.name 
_pdbx_entity_nonpoly.comp_id 
3 GLYCEROL GOL 
4 water    HOH 
# 
loop_
_entity_poly_seq.entity_id 
_entity_poly_seq.num 
_entity_poly_seq.mon_id 
_entity_poly_seq.hetero 
1 1  ASP n 
1 2  ARG n 
1 3  PHE n 
1 4  LEU n 
1 5  PRO n 
1 6  ILE n 
1 7  ALA n 
1 8  ASN n 
1 9  VAL n 
1 10 SER n 
1 11 ARG n 
1 12 ILE n 
1 13 MET n 
1 14 LYS n 
1 15 ARG n 
1 16 SER n 
1 17 LEU n 
1 18 PRO n 
1 19 ALA n 
1 20 ASN n 
1 21 ALA n 
1 22 LYS n 
1 23 ILE n 
1 24 SER n 
1 25 LYS n 
1 26 GLU n 
1 27 SER n 
1 28 LYS n 
1 29 GLU n 
1 30 THR n 
1 31 VAL n 
1 32 GLN n 
1 33 GLU n 
1 34 CYS n 
1 35 VAL n 
1 36 SER n 
1 37 GLU n 
1 38 PHE n 
1 39 ILE n 
1 40 SER n 
1 41 PHE n 
1 42 VAL n 
1 43 THR n 
1 44 GLY n 
1 45 GLU n 
1 46 ALA n 
1 47 SER n 
1 48 ASP n 
1 49 LYS n 
1 50 CYS n 
1 51 GLN n 
1 52 ARG n 
1 53 GLU n 
1 54 LYS n 
1 55 ARG n 
1 56 LYS n 
1 57 THR n 
1 58 ILE n 
1 59 ASN n 
1 60 GLY n 
1 61 ASP n 
1 62 ASP n 
1 63 LEU n 
1 64 LEU n 
1 65 TRP n 
1 66 ALA n 
1 67 MET n 
1 68 THR n 
1 69 THR n 
1 70 LEU n 
1 71 GLY n 
1 72 PHE n 
1 73 GLU n 
1 74 ALA n 
1 75 TYR n 
1 76 VAL n 
1 77 GLY n 
1 78 PRO n 
1 79 LEU n 
1 80 LYS n 
1 81 SER n 
1 82 TYR n 
1 83 LEU n 
1 84 ASN n 
1 85 ARG n 
1 86 TYR n 
1 87 ARG n 
1 88 GLU n 
2 1  PRO n 
2 2  LEU n 
2 3  ALA n 
2 4  ARG n 
2 5  ILE n 
2 6  LYS n 
2 7  LYS n 
2 8  ILE n 
2 9  MET n 
2 10 LYS n 
2 11 ALA n 
2 12 ASP n 
2 13 GLU n 
2 14 ASP n 
2 15 VAL n 
2 16 ARG n 
2 17 MET n 
2 18 ILE n 
2 19 ALA n 
2 20 ALA n 
2 21 GLU n 
2 22 ALA n 
2 23 PRO n 
2 24 VAL n 
2 25 VAL n 
2 26 PHE n 
2 27 ALA n 
2 28 ARG n 
2 29 ALA n 
2 30 CYS n 
2 31 GLU n 
2 32 MET n 
2 33 PHE n 
2 34 ILE n 
2 35 LEU n 
2 36 GLU n 
2 37 LEU n 
2 38 THR n 
2 39 HIS n 
2 40 ARG n 
2 41 GLY n 
2 42 TRP n 
2 43 ALA n 
2 44 HIS n 
2 45 ALA n 
2 46 GLU n 
2 47 GLU n 
2 48 ASN n 
2 49 LYS n 
2 50 ARG n 
2 51 ARG n 
2 52 THR n 
2 53 LEU n 
2 54 GLN n 
2 55 LYS n 
2 56 SER n 
2 57 ASP n 
2 58 ILE n 
2 59 ALA n 
2 60 ALA n 
2 61 ALA n 
2 62 ILE n 
2 63 ALA n 
2 64 ARG n 
2 65 THR n 
2 66 GLU n 
2 67 VAL n 
2 68 PHE n 
2 69 ASP n 
2 70 PHE n 
2 71 LEU n 
2 72 VAL n 
2 73 ASP n 
2 74 ILE n 
2 75 VAL n 
2 76 PRO n 
2 77 ARG n 
# 
loop_
_entity_src_gen.entity_id 
_entity_src_gen.pdbx_src_id 
_entity_src_gen.pdbx_alt_source_flag 
_entity_src_gen.pdbx_seq_type 
_entity_src_gen.pdbx_beg_seq_num 
_entity_src_gen.pdbx_end_seq_num 
_entity_src_gen.gene_src_common_name 
_entity_src_gen.gene_src_genus 
_entity_src_gen.pdbx_gene_src_gene 
_entity_src_gen.gene_src_species 
_entity_src_gen.gene_src_strain 
_entity_src_gen.gene_src_tissue 
_entity_src_gen.gene_src_tissue_fraction 
_entity_src_gen.gene_src_details 
_entity_src_gen.pdbx_gene_src_fragment 
_entity_src_gen.pdbx_gene_src_scientific_name 
_entity_src_gen.pdbx_gene_src_ncbi_taxonomy_id 
_entity_src_gen.pdbx_gene_src_variant 
_entity_src_gen.pdbx_gene_src_cell_line 
_entity_src_gen.pdbx_gene_src_atcc 
_entity_src_gen.pdbx_gene_src_organ 
_entity_src_gen.pdbx_gene_src_organelle 
_entity_src_gen.pdbx_gene_src_cell 
_entity_src_gen.pdbx_gene_src_cellular_location 
_entity_src_gen.host_org_common_name 
_entity_src_gen.pdbx_host_org_scientific_name 
_entity_src_gen.pdbx_host_org_ncbi_taxonomy_id 
_entity_src_gen.host_org_genus 
_entity_src_gen.pdbx_host_org_gene 
_entity_src_gen.pdbx_host_org_organ 
_entity_src_gen.host_org_species 
_entity_src_gen.pdbx_host_org_tissue 
_entity_src_gen.pdbx_host_org_tissue_fraction 
_entity_src_gen.pdbx_host_org_strain 
_entity_src_gen.pdbx_host_org_variant 
_entity_src_gen.pdbx_host_org_cell_line 
_entity_src_gen.pdbx_host_org_atcc 
_entity_src_gen.pdbx_host_org_culture_collection 
_entity_src_gen.pdbx_host_org_cell 
_entity_src_gen.pdbx_host_org_organelle 
_entity_src_gen.pdbx_host_org_cellular_location 
_entity_src_gen.pdbx_host_org_vector_type 
_entity_src_gen.pdbx_host_org_vector 
_entity_src_gen.host_org_details 
_entity_src_gen.expression_system_id 
_entity_src_gen.plasmid_name 
_entity_src_gen.plasmid_details 
_entity_src_gen.pdbx_description 
1 1 sample 'Biological sequence' 1 88 Rice ? 'HD5, DTH8, GHD8, HAP3H, NFYB11, Os08g0174500, LOC_Os08g07740' ? ? ? ? ? ? 
'Oryza sativa' 4530 ? ? ? ? ? ? ? ? 'Escherichia coli' 562 ? ? ? ? ? ? ? ? ? ? ? ? ? ? ? ? ? ? ? ? ? 
2 1 sample 'Biological sequence' 1 77 Rice ? 'Os09g0480700, OSNPB_090480700'                                ? ? ? ? ? ? 
'Oryza sativa' 4530 ? ? ? ? ? ? ? ? 'Escherichia coli' 562 ? ? ? ? ? ? ? ? ? ? ? ? ? ? ? ? ? ? ? ? ? 
# 
loop_
_chem_comp.id 
_chem_comp.type 
_chem_comp.mon_nstd_flag 
_chem_comp.name 
_chem_comp.pdbx_synonyms 
_chem_comp.formula 
_chem_comp.formula_weight 
ALA 'L-peptide linking' y ALANINE         ?                               'C3 H7 N O2'     89.093  
ARG 'L-peptide linking' y ARGININE        ?                               'C6 H15 N4 O2 1' 175.209 
ASN 'L-peptide linking' y ASPARAGINE      ?                               'C4 H8 N2 O3'    132.118 
ASP 'L-peptide linking' y 'ASPARTIC ACID' ?                               'C4 H7 N O4'     133.103 
CYS 'L-peptide linking' y CYSTEINE        ?                               'C3 H7 N O2 S'   121.158 
GLN 'L-peptide linking' y GLUTAMINE       ?                               'C5 H10 N2 O3'   146.144 
GLU 'L-peptide linking' y 'GLUTAMIC ACID' ?                               'C5 H9 N O4'     147.129 
GLY 'peptide linking'   y GLYCINE         ?                               'C2 H5 N O2'     75.067  
GOL non-polymer         . GLYCEROL        'GLYCERIN; PROPANE-1,2,3-TRIOL' 'C3 H8 O3'       92.094  
HIS 'L-peptide linking' y HISTIDINE       ?                               'C6 H10 N3 O2 1' 156.162 
HOH non-polymer         . WATER           ?                               'H2 O'           18.015  
ILE 'L-peptide linking' y ISOLEUCINE      ?                               'C6 H13 N O2'    131.173 
LEU 'L-peptide linking' y LEUCINE         ?                               'C6 H13 N O2'    131.173 
LYS 'L-peptide linking' y LYSINE          ?                               'C6 H15 N2 O2 1' 147.195 
MET 'L-peptide linking' y METHIONINE      ?                               'C5 H11 N O2 S'  149.211 
PHE 'L-peptide linking' y PHENYLALANINE   ?                               'C9 H11 N O2'    165.189 
PRO 'L-peptide linking' y PROLINE         ?                               'C5 H9 N O2'     115.130 
SER 'L-peptide linking' y SERINE          ?                               'C3 H7 N O3'     105.093 
THR 'L-peptide linking' y THREONINE       ?                               'C4 H9 N O3'     119.119 
TRP 'L-peptide linking' y TRYPTOPHAN      ?                               'C11 H12 N2 O2'  204.225 
TYR 'L-peptide linking' y TYROSINE        ?                               'C9 H11 N O3'    181.189 
VAL 'L-peptide linking' y VALINE          ?                               'C5 H11 N O2'    117.146 
# 
loop_
_pdbx_poly_seq_scheme.asym_id 
_pdbx_poly_seq_scheme.entity_id 
_pdbx_poly_seq_scheme.seq_id 
_pdbx_poly_seq_scheme.mon_id 
_pdbx_poly_seq_scheme.ndb_seq_num 
_pdbx_poly_seq_scheme.pdb_seq_num 
_pdbx_poly_seq_scheme.auth_seq_num 
_pdbx_poly_seq_scheme.pdb_mon_id 
_pdbx_poly_seq_scheme.auth_mon_id 
_pdbx_poly_seq_scheme.pdb_strand_id 
_pdbx_poly_seq_scheme.pdb_ins_code 
_pdbx_poly_seq_scheme.hetero 
A 1 1  ASP 1  60  60  ASP ASP A . n 
A 1 2  ARG 2  61  61  ARG ARG A . n 
A 1 3  PHE 3  62  62  PHE PHE A . n 
A 1 4  LEU 4  63  63  LEU LEU A . n 
A 1 5  PRO 5  64  64  PRO PRO A . n 
A 1 6  ILE 6  65  65  ILE ILE A . n 
A 1 7  ALA 7  66  66  ALA ALA A . n 
A 1 8  ASN 8  67  67  ASN ASN A . n 
A 1 9  VAL 9  68  68  VAL VAL A . n 
A 1 10 SER 10 69  69  SER SER A . n 
A 1 11 ARG 11 70  70  ARG ARG A . n 
A 1 12 ILE 12 71  71  ILE ILE A . n 
A 1 13 MET 13 72  72  MET MET A . n 
A 1 14 LYS 14 73  73  LYS LYS A . n 
A 1 15 ARG 15 74  74  ARG ARG A . n 
A 1 16 SER 16 75  75  SER SER A . n 
A 1 17 LEU 17 76  76  LEU LEU A . n 
A 1 18 PRO 18 77  77  PRO PRO A . n 
A 1 19 ALA 19 78  78  ALA ALA A . n 
A 1 20 ASN 20 79  79  ASN ASN A . n 
A 1 21 ALA 21 80  80  ALA ALA A . n 
A 1 22 LYS 22 81  81  LYS LYS A . n 
A 1 23 ILE 23 82  82  ILE ILE A . n 
A 1 24 SER 24 83  83  SER SER A . n 
A 1 25 LYS 25 84  84  LYS LYS A . n 
A 1 26 GLU 26 85  85  GLU GLU A . n 
A 1 27 SER 27 86  86  SER SER A . n 
A 1 28 LYS 28 87  87  LYS LYS A . n 
A 1 29 GLU 29 88  88  GLU GLU A . n 
A 1 30 THR 30 89  89  THR THR A . n 
A 1 31 VAL 31 90  90  VAL VAL A . n 
A 1 32 GLN 32 91  91  GLN GLN A . n 
A 1 33 GLU 33 92  92  GLU GLU A . n 
A 1 34 CYS 34 93  93  CYS CYS A . n 
A 1 35 VAL 35 94  94  VAL VAL A . n 
A 1 36 SER 36 95  95  SER SER A . n 
A 1 37 GLU 37 96  96  GLU GLU A . n 
A 1 38 PHE 38 97  97  PHE PHE A . n 
A 1 39 ILE 39 98  98  ILE ILE A . n 
A 1 40 SER 40 99  99  SER SER A . n 
A 1 41 PHE 41 100 100 PHE PHE A . n 
A 1 42 VAL 42 101 101 VAL VAL A . n 
A 1 43 THR 43 102 102 THR THR A . n 
A 1 44 GLY 44 103 103 GLY GLY A . n 
A 1 45 GLU 45 104 104 GLU GLU A . n 
A 1 46 ALA 46 105 105 ALA ALA A . n 
A 1 47 SER 47 106 106 SER SER A . n 
A 1 48 ASP 48 107 107 ASP ASP A . n 
A 1 49 LYS 49 108 108 LYS LYS A . n 
A 1 50 CYS 50 109 109 CYS CYS A . n 
A 1 51 GLN 51 110 110 GLN GLN A . n 
A 1 52 ARG 52 111 111 ARG ARG A . n 
A 1 53 GLU 53 112 112 GLU GLU A . n 
A 1 54 LYS 54 113 113 LYS LYS A . n 
A 1 55 ARG 55 114 114 ARG ARG A . n 
A 1 56 LYS 56 115 115 LYS LYS A . n 
A 1 57 THR 57 116 116 THR THR A . n 
A 1 58 ILE 58 117 117 ILE ILE A . n 
A 1 59 ASN 59 118 118 ASN ASN A . n 
A 1 60 GLY 60 119 119 GLY GLY A . n 
A 1 61 ASP 61 120 120 ASP ASP A . n 
A 1 62 ASP 62 121 121 ASP ASP A . n 
A 1 63 LEU 63 122 122 LEU LEU A . n 
A 1 64 LEU 64 123 123 LEU LEU A . n 
A 1 65 TRP 65 124 124 TRP TRP A . n 
A 1 66 ALA 66 125 125 ALA ALA A . n 
A 1 67 MET 67 126 126 MET MET A . n 
A 1 68 THR 68 127 127 THR THR A . n 
A 1 69 THR 69 128 128 THR THR A . n 
A 1 70 LEU 70 129 129 LEU LEU A . n 
A 1 71 GLY 71 130 130 GLY GLY A . n 
A 1 72 PHE 72 131 131 PHE PHE A . n 
A 1 73 GLU 73 132 132 GLU GLU A . n 
A 1 74 ALA 74 133 133 ALA ALA A . n 
A 1 75 TYR 75 134 134 TYR TYR A . n 
A 1 76 VAL 76 135 135 VAL VAL A . n 
A 1 77 GLY 77 136 136 GLY GLY A . n 
A 1 78 PRO 78 137 137 PRO PRO A . n 
A 1 79 LEU 79 138 138 LEU LEU A . n 
A 1 80 LYS 80 139 139 LYS LYS A . n 
A 1 81 SER 81 140 140 SER SER A . n 
A 1 82 TYR 82 141 141 TYR TYR A . n 
A 1 83 LEU 83 142 142 LEU LEU A . n 
A 1 84 ASN 84 143 143 ASN ASN A . n 
A 1 85 ARG 85 144 144 ARG ARG A . n 
A 1 86 TYR 86 145 145 TYR TYR A . n 
A 1 87 ARG 87 146 146 ARG ARG A . n 
A 1 88 GLU 88 147 147 GLU GLU A . n 
B 2 1  PRO 1  54  54  PRO PRO B . n 
B 2 2  LEU 2  55  55  LEU LEU B . n 
B 2 3  ALA 3  56  56  ALA ALA B . n 
B 2 4  ARG 4  57  57  ARG ARG B . n 
B 2 5  ILE 5  58  58  ILE ILE B . n 
B 2 6  LYS 6  59  59  LYS LYS B . n 
B 2 7  LYS 7  60  60  LYS LYS B . n 
B 2 8  ILE 8  61  61  ILE ILE B . n 
B 2 9  MET 9  62  62  MET MET B . n 
B 2 10 LYS 10 63  63  LYS LYS B . n 
B 2 11 ALA 11 64  64  ALA ALA B . n 
B 2 12 ASP 12 65  65  ASP ASP B . n 
B 2 13 GLU 13 66  66  GLU GLU B . n 
B 2 14 ASP 14 67  67  ASP ASP B . n 
B 2 15 VAL 15 68  68  VAL VAL B . n 
B 2 16 ARG 16 69  69  ARG ARG B . n 
B 2 17 MET 17 70  70  MET MET B . n 
B 2 18 ILE 18 71  71  ILE ILE B . n 
B 2 19 ALA 19 72  72  ALA ALA B . n 
B 2 20 ALA 20 73  73  ALA ALA B . n 
B 2 21 GLU 21 74  74  GLU GLU B . n 
B 2 22 ALA 22 75  75  ALA ALA B . n 
B 2 23 PRO 23 76  76  PRO PRO B . n 
B 2 24 VAL 24 77  77  VAL VAL B . n 
B 2 25 VAL 25 78  78  VAL VAL B . n 
B 2 26 PHE 26 79  79  PHE PHE B . n 
B 2 27 ALA 27 80  80  ALA ALA B . n 
B 2 28 ARG 28 81  81  ARG ARG B . n 
B 2 29 ALA 29 82  82  ALA ALA B . n 
B 2 30 CYS 30 83  83  CYS CYS B . n 
B 2 31 GLU 31 84  84  GLU GLU B . n 
B 2 32 MET 32 85  85  MET MET B . n 
B 2 33 PHE 33 86  86  PHE PHE B . n 
B 2 34 ILE 34 87  87  ILE ILE B . n 
B 2 35 LEU 35 88  88  LEU LEU B . n 
B 2 36 GLU 36 89  89  GLU GLU B . n 
B 2 37 LEU 37 90  90  LEU LEU B . n 
B 2 38 THR 38 91  91  THR THR B . n 
B 2 39 HIS 39 92  92  HIS HIS B . n 
B 2 40 ARG 40 93  93  ARG ARG B . n 
B 2 41 GLY 41 94  94  GLY GLY B . n 
B 2 42 TRP 42 95  95  TRP TRP B . n 
B 2 43 ALA 43 96  96  ALA ALA B . n 
B 2 44 HIS 44 97  97  HIS HIS B . n 
B 2 45 ALA 45 98  98  ALA ALA B . n 
B 2 46 GLU 46 99  99  GLU GLU B . n 
B 2 47 GLU 47 100 100 GLU GLU B . n 
B 2 48 ASN 48 101 101 ASN ASN B . n 
B 2 49 LYS 49 102 102 LYS LYS B . n 
B 2 50 ARG 50 103 103 ARG ARG B . n 
B 2 51 ARG 51 104 104 ARG ARG B . n 
B 2 52 THR 52 105 105 THR THR B . n 
B 2 53 LEU 53 106 106 LEU LEU B . n 
B 2 54 GLN 54 107 107 GLN GLN B . n 
B 2 55 LYS 55 108 108 LYS LYS B . n 
B 2 56 SER 56 109 109 SER SER B . n 
B 2 57 ASP 57 110 110 ASP ASP B . n 
B 2 58 ILE 58 111 111 ILE ILE B . n 
B 2 59 ALA 59 112 112 ALA ALA B . n 
B 2 60 ALA 60 113 113 ALA ALA B . n 
B 2 61 ALA 61 114 114 ALA ALA B . n 
B 2 62 ILE 62 115 115 ILE ILE B . n 
B 2 63 ALA 63 116 116 ALA ALA B . n 
B 2 64 ARG 64 117 117 ARG ARG B . n 
B 2 65 THR 65 118 118 THR THR B . n 
B 2 66 GLU 66 119 119 GLU GLU B . n 
B 2 67 VAL 67 120 120 VAL VAL B . n 
B 2 68 PHE 68 121 121 PHE PHE B . n 
B 2 69 ASP 69 122 122 ASP ASP B . n 
B 2 70 PHE 70 123 123 PHE PHE B . n 
B 2 71 LEU 71 124 124 LEU LEU B . n 
B 2 72 VAL 72 125 125 VAL VAL B . n 
B 2 73 ASP 73 126 126 ASP ASP B . n 
B 2 74 ILE 74 127 127 ILE ILE B . n 
B 2 75 VAL 75 128 128 VAL VAL B . n 
B 2 76 PRO 76 129 129 PRO PRO B . n 
B 2 77 ARG 77 130 130 ARG ARG B . n 
# 
loop_
_pdbx_nonpoly_scheme.asym_id 
_pdbx_nonpoly_scheme.entity_id 
_pdbx_nonpoly_scheme.mon_id 
_pdbx_nonpoly_scheme.ndb_seq_num 
_pdbx_nonpoly_scheme.pdb_seq_num 
_pdbx_nonpoly_scheme.auth_seq_num 
_pdbx_nonpoly_scheme.pdb_mon_id 
_pdbx_nonpoly_scheme.auth_mon_id 
_pdbx_nonpoly_scheme.pdb_strand_id 
_pdbx_nonpoly_scheme.pdb_ins_code 
C 3 GOL 1  201 1  GOL GOL A . 
D 3 GOL 1  202 2  GOL GOL A . 
E 4 HOH 1  301 3  HOH HOH A . 
E 4 HOH 2  302 4  HOH HOH A . 
E 4 HOH 3  303 31 HOH HOH A . 
E 4 HOH 4  304 7  HOH HOH A . 
E 4 HOH 5  305 25 HOH HOH A . 
E 4 HOH 6  306 32 HOH HOH A . 
E 4 HOH 7  307 16 HOH HOH A . 
E 4 HOH 8  308 26 HOH HOH A . 
E 4 HOH 9  309 9  HOH HOH A . 
E 4 HOH 10 310 17 HOH HOH A . 
E 4 HOH 11 311 37 HOH HOH A . 
E 4 HOH 12 312 38 HOH HOH A . 
E 4 HOH 13 313 39 HOH HOH A . 
E 4 HOH 14 314 13 HOH HOH A . 
E 4 HOH 15 315 34 HOH HOH A . 
E 4 HOH 16 316 8  HOH HOH A . 
E 4 HOH 17 317 18 HOH HOH A . 
E 4 HOH 18 318 36 HOH HOH A . 
E 4 HOH 19 319 14 HOH HOH A . 
E 4 HOH 20 320 24 HOH HOH A . 
E 4 HOH 21 321 11 HOH HOH A . 
E 4 HOH 22 322 15 HOH HOH A . 
E 4 HOH 23 323 42 HOH HOH A . 
F 4 HOH 1  201 22 HOH HOH B . 
F 4 HOH 2  202 45 HOH HOH B . 
F 4 HOH 3  203 33 HOH HOH B . 
F 4 HOH 4  204 2  HOH HOH B . 
F 4 HOH 5  205 44 HOH HOH B . 
F 4 HOH 6  206 6  HOH HOH B . 
F 4 HOH 7  207 1  HOH HOH B . 
F 4 HOH 8  208 29 HOH HOH B . 
F 4 HOH 9  209 28 HOH HOH B . 
F 4 HOH 10 210 41 HOH HOH B . 
F 4 HOH 11 211 21 HOH HOH B . 
F 4 HOH 12 212 23 HOH HOH B . 
F 4 HOH 13 213 20 HOH HOH B . 
F 4 HOH 14 214 19 HOH HOH B . 
F 4 HOH 15 215 10 HOH HOH B . 
F 4 HOH 16 216 30 HOH HOH B . 
F 4 HOH 17 217 40 HOH HOH B . 
F 4 HOH 18 218 43 HOH HOH B . 
# 
loop_
_software.citation_id 
_software.classification 
_software.compiler_name 
_software.compiler_version 
_software.contact_author 
_software.contact_author_email 
_software.date 
_software.description 
_software.dependencies 
_software.hardware 
_software.language 
_software.location 
_software.mods 
_software.name 
_software.os 
_software.os_version 
_software.type 
_software.version 
_software.pdbx_ordinal 
? refinement       ? ? ? ? ? ? ? ? ? ? ? REFMAC  ? ? ? 5.8.0258 1 
? 'data reduction' ? ? ? ? ? ? ? ? ? ? ? XDS     ? ? ? .        2 
? 'data scaling'   ? ? ? ? ? ? ? ? ? ? ? Aimless ? ? ? .        3 
? phasing          ? ? ? ? ? ? ? ? ? ? ? PHASER  ? ? ? .        4 
# 
_cell.angle_alpha                  90.00 
_cell.angle_alpha_esd              ? 
_cell.angle_beta                   95.39 
_cell.angle_beta_esd               ? 
_cell.angle_gamma                  90.00 
_cell.angle_gamma_esd              ? 
_cell.entry_id                     6R0L 
_cell.details                      ? 
_cell.formula_units_Z              ? 
_cell.length_a                     65.836 
_cell.length_a_esd                 ? 
_cell.length_b                     34.102 
_cell.length_b_esd                 ? 
_cell.length_c                     67.081 
_cell.length_c_esd                 ? 
_cell.volume                       ? 
_cell.volume_esd                   ? 
_cell.Z_PDB                        4 
_cell.reciprocal_angle_alpha       ? 
_cell.reciprocal_angle_beta        ? 
_cell.reciprocal_angle_gamma       ? 
_cell.reciprocal_angle_alpha_esd   ? 
_cell.reciprocal_angle_beta_esd    ? 
_cell.reciprocal_angle_gamma_esd   ? 
_cell.reciprocal_length_a          ? 
_cell.reciprocal_length_b          ? 
_cell.reciprocal_length_c          ? 
_cell.reciprocal_length_a_esd      ? 
_cell.reciprocal_length_b_esd      ? 
_cell.reciprocal_length_c_esd      ? 
_cell.pdbx_unique_axis             ? 
# 
_symmetry.entry_id                         6R0L 
_symmetry.cell_setting                     ? 
_symmetry.Int_Tables_number                5 
_symmetry.space_group_name_Hall            ? 
_symmetry.space_group_name_H-M             'I 1 2 1' 
_symmetry.pdbx_full_space_group_name_H-M   ? 
# 
_exptl.absorpt_coefficient_mu     ? 
_exptl.absorpt_correction_T_max   ? 
_exptl.absorpt_correction_T_min   ? 
_exptl.absorpt_correction_type    ? 
_exptl.absorpt_process_details    ? 
_exptl.entry_id                   6R0L 
_exptl.crystals_number            1 
_exptl.details                    ? 
_exptl.method                     'X-RAY DIFFRACTION' 
_exptl.method_details             ? 
# 
_exptl_crystal.colour                      ? 
_exptl_crystal.density_diffrn              ? 
_exptl_crystal.density_Matthews            1.98 
_exptl_crystal.density_method              ? 
_exptl_crystal.density_percent_sol         37.99 
_exptl_crystal.description                 ? 
_exptl_crystal.F_000                       ? 
_exptl_crystal.id                          1 
_exptl_crystal.preparation                 ? 
_exptl_crystal.size_max                    ? 
_exptl_crystal.size_mid                    ? 
_exptl_crystal.size_min                    ? 
_exptl_crystal.size_rad                    ? 
_exptl_crystal.colour_lustre               ? 
_exptl_crystal.colour_modifier             ? 
_exptl_crystal.colour_primary              ? 
_exptl_crystal.density_meas                ? 
_exptl_crystal.density_meas_esd            ? 
_exptl_crystal.density_meas_gt             ? 
_exptl_crystal.density_meas_lt             ? 
_exptl_crystal.density_meas_temp           ? 
_exptl_crystal.density_meas_temp_esd       ? 
_exptl_crystal.density_meas_temp_gt        ? 
_exptl_crystal.density_meas_temp_lt        ? 
_exptl_crystal.pdbx_crystal_image_url      ? 
_exptl_crystal.pdbx_crystal_image_format   ? 
_exptl_crystal.pdbx_mosaicity              ? 
_exptl_crystal.pdbx_mosaicity_esd          ? 
# 
_exptl_crystal_grow.apparatus       ? 
_exptl_crystal_grow.atmosphere      ? 
_exptl_crystal_grow.crystal_id      1 
_exptl_crystal_grow.details         ? 
_exptl_crystal_grow.method          'VAPOR DIFFUSION, SITTING DROP' 
_exptl_crystal_grow.method_ref      ? 
_exptl_crystal_grow.pH              5.0 
_exptl_crystal_grow.pressure        ? 
_exptl_crystal_grow.pressure_esd    ? 
_exptl_crystal_grow.seeding         ? 
_exptl_crystal_grow.seeding_ref     ? 
_exptl_crystal_grow.temp            277 
_exptl_crystal_grow.temp_details    ? 
_exptl_crystal_grow.temp_esd        ? 
_exptl_crystal_grow.time            ? 
_exptl_crystal_grow.pdbx_details    '20% PEG 4000, 0.1 M sodium acetate pH 5.0, 0.2 M ammonium acetate' 
_exptl_crystal_grow.pdbx_pH_range   ? 
# 
_diffrn.ambient_environment              ? 
_diffrn.ambient_temp                     80 
_diffrn.ambient_temp_details             ? 
_diffrn.ambient_temp_esd                 ? 
_diffrn.crystal_id                       1 
_diffrn.crystal_support                  ? 
_diffrn.crystal_treatment                ? 
_diffrn.details                          ? 
_diffrn.id                               1 
_diffrn.ambient_pressure                 ? 
_diffrn.ambient_pressure_esd             ? 
_diffrn.ambient_pressure_gt              ? 
_diffrn.ambient_pressure_lt              ? 
_diffrn.ambient_temp_gt                  ? 
_diffrn.ambient_temp_lt                  ? 
_diffrn.pdbx_serial_crystal_experiment   N 
# 
_diffrn_detector.details                      ? 
_diffrn_detector.detector                     PIXEL 
_diffrn_detector.diffrn_id                    1 
_diffrn_detector.type                         'DECTRIS PILATUS 6M' 
_diffrn_detector.area_resol_mean              ? 
_diffrn_detector.dtime                        ? 
_diffrn_detector.pdbx_frames_total            ? 
_diffrn_detector.pdbx_collection_time_total   ? 
_diffrn_detector.pdbx_collection_date         2016-04-01 
_diffrn_detector.pdbx_frequency               ? 
# 
_diffrn_radiation.collimation                      ? 
_diffrn_radiation.diffrn_id                        1 
_diffrn_radiation.filter_edge                      ? 
_diffrn_radiation.inhomogeneity                    ? 
_diffrn_radiation.monochromator                    ? 
_diffrn_radiation.polarisn_norm                    ? 
_diffrn_radiation.polarisn_ratio                   ? 
_diffrn_radiation.probe                            ? 
_diffrn_radiation.type                             ? 
_diffrn_radiation.xray_symbol                      ? 
_diffrn_radiation.wavelength_id                    1 
_diffrn_radiation.pdbx_monochromatic_or_laue_m_l   M 
_diffrn_radiation.pdbx_wavelength_list             ? 
_diffrn_radiation.pdbx_wavelength                  ? 
_diffrn_radiation.pdbx_diffrn_protocol             'SINGLE WAVELENGTH' 
_diffrn_radiation.pdbx_analyzer                    ? 
_diffrn_radiation.pdbx_scattering_type             x-ray 
# 
_diffrn_radiation_wavelength.id           1 
_diffrn_radiation_wavelength.wavelength   0.967700 
_diffrn_radiation_wavelength.wt           1.0 
# 
_diffrn_source.current                     ? 
_diffrn_source.details                     ? 
_diffrn_source.diffrn_id                   1 
_diffrn_source.power                       ? 
_diffrn_source.size                        ? 
_diffrn_source.source                      SYNCHROTRON 
_diffrn_source.target                      ? 
_diffrn_source.type                        'ESRF BEAMLINE ID30B' 
_diffrn_source.voltage                     ? 
_diffrn_source.take-off_angle              ? 
_diffrn_source.pdbx_wavelength_list        0.967700 
_diffrn_source.pdbx_wavelength             ? 
_diffrn_source.pdbx_synchrotron_beamline   ID30B 
_diffrn_source.pdbx_synchrotron_site       ESRF 
# 
_reflns.B_iso_Wilson_estimate            13.03 
_reflns.entry_id                         6R0L 
_reflns.data_reduction_details           ? 
_reflns.data_reduction_method            ? 
_reflns.d_resolution_high                1.70 
_reflns.d_resolution_low                 45.21 
_reflns.details                          ? 
_reflns.limit_h_max                      ? 
_reflns.limit_h_min                      ? 
_reflns.limit_k_max                      ? 
_reflns.limit_k_min                      ? 
_reflns.limit_l_max                      ? 
_reflns.limit_l_min                      ? 
_reflns.number_all                       ? 
_reflns.number_obs                       38743 
_reflns.observed_criterion               ? 
_reflns.observed_criterion_F_max         ? 
_reflns.observed_criterion_F_min         ? 
_reflns.observed_criterion_I_max         ? 
_reflns.observed_criterion_I_min         ? 
_reflns.observed_criterion_sigma_F       ? 
_reflns.observed_criterion_sigma_I       2.1 
_reflns.percent_possible_obs             99.6 
_reflns.R_free_details                   ? 
_reflns.Rmerge_F_all                     ? 
_reflns.Rmerge_F_obs                     ? 
_reflns.Friedel_coverage                 ? 
_reflns.number_gt                        ? 
_reflns.threshold_expression             ? 
_reflns.pdbx_redundancy                  6.9 
_reflns.pdbx_Rmerge_I_obs                ? 
_reflns.pdbx_Rmerge_I_all                ? 
_reflns.pdbx_Rsym_value                  ? 
_reflns.pdbx_netI_over_av_sigmaI         ? 
_reflns.pdbx_netI_over_sigmaI            3.6 
_reflns.pdbx_res_netI_over_av_sigmaI_2   ? 
_reflns.pdbx_res_netI_over_sigmaI_2      ? 
_reflns.pdbx_chi_squared                 ? 
_reflns.pdbx_scaling_rejects             ? 
_reflns.pdbx_d_res_high_opt              ? 
_reflns.pdbx_d_res_low_opt               ? 
_reflns.pdbx_d_res_opt_method            ? 
_reflns.phase_calculation_details        ? 
_reflns.pdbx_Rrim_I_all                  ? 
_reflns.pdbx_Rpim_I_all                  ? 
_reflns.pdbx_d_opt                       ? 
_reflns.pdbx_number_measured_all         ? 
_reflns.pdbx_diffrn_id                   1 
_reflns.pdbx_ordinal                     1 
_reflns.pdbx_CC_half                     0.967 
_reflns.pdbx_CC_star                     ? 
_reflns.pdbx_R_split                     ? 
# 
_reflns_shell.d_res_high                  1.70 
_reflns_shell.d_res_low                   1.76 
_reflns_shell.meanI_over_sigI_all         ? 
_reflns_shell.meanI_over_sigI_obs         2.1 
_reflns_shell.number_measured_all         ? 
_reflns_shell.number_measured_obs         ? 
_reflns_shell.number_possible             ? 
_reflns_shell.number_unique_all           ? 
_reflns_shell.number_unique_obs           3887 
_reflns_shell.percent_possible_all        99.6 
_reflns_shell.percent_possible_obs        ? 
_reflns_shell.Rmerge_F_all                ? 
_reflns_shell.Rmerge_F_obs                ? 
_reflns_shell.Rmerge_I_all                ? 
_reflns_shell.Rmerge_I_obs                ? 
_reflns_shell.meanI_over_sigI_gt          ? 
_reflns_shell.meanI_over_uI_all           ? 
_reflns_shell.meanI_over_uI_gt            ? 
_reflns_shell.number_measured_gt          ? 
_reflns_shell.number_unique_gt            ? 
_reflns_shell.percent_possible_gt         ? 
_reflns_shell.Rmerge_F_gt                 ? 
_reflns_shell.Rmerge_I_gt                 ? 
_reflns_shell.pdbx_redundancy             ? 
_reflns_shell.pdbx_Rsym_value             ? 
_reflns_shell.pdbx_chi_squared            ? 
_reflns_shell.pdbx_netI_over_sigmaI_all   ? 
_reflns_shell.pdbx_netI_over_sigmaI_obs   ? 
_reflns_shell.pdbx_Rrim_I_all             ? 
_reflns_shell.pdbx_Rpim_I_all             0.356 
_reflns_shell.pdbx_rejects                ? 
_reflns_shell.pdbx_ordinal                1 
_reflns_shell.pdbx_diffrn_id              1 
_reflns_shell.pdbx_CC_half                0.596 
_reflns_shell.pdbx_CC_star                ? 
_reflns_shell.pdbx_R_split                ? 
# 
_refine.aniso_B[1][1]                            -2.14 
_refine.aniso_B[1][2]                            0.00 
_refine.aniso_B[1][3]                            -1.74 
_refine.aniso_B[2][2]                            -3.15 
_refine.aniso_B[2][3]                            0.00 
_refine.aniso_B[3][3]                            5.52 
_refine.B_iso_max                                ? 
_refine.B_iso_mean                               18.906 
_refine.B_iso_min                                ? 
_refine.correlation_coeff_Fo_to_Fc               0.838 
_refine.correlation_coeff_Fo_to_Fc_free          0.819 
_refine.details                                  'HYDROGENS HAVE BEEN ADDED IN THE RIDING POSITIONS' 
_refine.diff_density_max                         ? 
_refine.diff_density_max_esd                     ? 
_refine.diff_density_min                         ? 
_refine.diff_density_min_esd                     ? 
_refine.diff_density_rms                         ? 
_refine.diff_density_rms_esd                     ? 
_refine.entry_id                                 6R0L 
_refine.pdbx_refine_id                           'X-RAY DIFFRACTION' 
_refine.ls_abs_structure_details                 ? 
_refine.ls_abs_structure_Flack                   ? 
_refine.ls_abs_structure_Flack_esd               ? 
_refine.ls_abs_structure_Rogers                  ? 
_refine.ls_abs_structure_Rogers_esd              ? 
_refine.ls_d_res_high                            2.70 
_refine.ls_d_res_low                             44.77 
_refine.ls_extinction_coef                       ? 
_refine.ls_extinction_coef_esd                   ? 
_refine.ls_extinction_expression                 ? 
_refine.ls_extinction_method                     ? 
_refine.ls_goodness_of_fit_all                   ? 
_refine.ls_goodness_of_fit_all_esd               ? 
_refine.ls_goodness_of_fit_obs                   ? 
_refine.ls_goodness_of_fit_obs_esd               ? 
_refine.ls_hydrogen_treatment                    ? 
_refine.ls_matrix_type                           ? 
_refine.ls_number_constraints                    ? 
_refine.ls_number_parameters                     ? 
_refine.ls_number_reflns_all                     ? 
_refine.ls_number_reflns_obs                     3947 
_refine.ls_number_reflns_R_free                  224 
_refine.ls_number_reflns_R_work                  ? 
_refine.ls_number_restraints                     ? 
_refine.ls_percent_reflns_obs                    98.49 
_refine.ls_percent_reflns_R_free                 5.4 
_refine.ls_R_factor_all                          ? 
_refine.ls_R_factor_obs                          0.25851 
_refine.ls_R_factor_R_free                       0.27638 
_refine.ls_R_factor_R_free_error                 ? 
_refine.ls_R_factor_R_free_error_details         ? 
_refine.ls_R_factor_R_work                       0.25750 
_refine.ls_R_Fsqd_factor_obs                     ? 
_refine.ls_R_I_factor_obs                        ? 
_refine.ls_redundancy_reflns_all                 ? 
_refine.ls_redundancy_reflns_obs                 ? 
_refine.ls_restrained_S_all                      ? 
_refine.ls_restrained_S_obs                      ? 
_refine.ls_shift_over_esd_max                    ? 
_refine.ls_shift_over_esd_mean                   ? 
_refine.ls_structure_factor_coef                 ? 
_refine.ls_weighting_details                     ? 
_refine.ls_weighting_scheme                      ? 
_refine.ls_wR_factor_all                         ? 
_refine.ls_wR_factor_obs                         ? 
_refine.ls_wR_factor_R_free                      ? 
_refine.ls_wR_factor_R_work                      ? 
_refine.occupancy_max                            ? 
_refine.occupancy_min                            ? 
_refine.solvent_model_details                    MASK 
_refine.solvent_model_param_bsol                 ? 
_refine.solvent_model_param_ksol                 ? 
_refine.pdbx_R_complete                          ? 
_refine.ls_R_factor_gt                           ? 
_refine.ls_goodness_of_fit_gt                    ? 
_refine.ls_goodness_of_fit_ref                   ? 
_refine.ls_shift_over_su_max                     ? 
_refine.ls_shift_over_su_max_lt                  ? 
_refine.ls_shift_over_su_mean                    ? 
_refine.ls_shift_over_su_mean_lt                 ? 
_refine.pdbx_ls_sigma_I                          ? 
_refine.pdbx_ls_sigma_F                          ? 
_refine.pdbx_ls_sigma_Fsqd                       ? 
_refine.pdbx_data_cutoff_high_absF               ? 
_refine.pdbx_data_cutoff_high_rms_absF           ? 
_refine.pdbx_data_cutoff_low_absF                ? 
_refine.pdbx_isotropic_thermal_model             ? 
_refine.pdbx_ls_cross_valid_method               THROUGHOUT 
_refine.pdbx_method_to_determine_struct          'MOLECULAR REPLACEMENT' 
_refine.pdbx_starting_model                      5G49 
_refine.pdbx_stereochemistry_target_values       'MAXIMUM LIKELIHOOD' 
_refine.pdbx_R_Free_selection_details            RANDOM 
_refine.pdbx_stereochem_target_val_spec_case     ? 
_refine.pdbx_overall_ESU_R                       ? 
_refine.pdbx_overall_ESU_R_Free                  0.451 
_refine.pdbx_solvent_vdw_probe_radii             1.20 
_refine.pdbx_solvent_ion_probe_radii             0.80 
_refine.pdbx_solvent_shrinkage_radii             0.80 
_refine.pdbx_real_space_R                        ? 
_refine.pdbx_density_correlation                 ? 
_refine.pdbx_pd_number_of_powder_patterns        ? 
_refine.pdbx_pd_number_of_points                 ? 
_refine.pdbx_pd_meas_number_of_points            ? 
_refine.pdbx_pd_proc_ls_prof_R_factor            ? 
_refine.pdbx_pd_proc_ls_prof_wR_factor           ? 
_refine.pdbx_pd_Marquardt_correlation_coeff      ? 
_refine.pdbx_pd_Fsqrd_R_factor                   ? 
_refine.pdbx_pd_ls_matrix_band_width             ? 
_refine.pdbx_overall_phase_error                 ? 
_refine.pdbx_overall_SU_R_free_Cruickshank_DPI   ? 
_refine.pdbx_overall_SU_R_free_Blow_DPI          ? 
_refine.pdbx_overall_SU_R_Blow_DPI               ? 
_refine.pdbx_TLS_residual_ADP_flag               ? 
_refine.pdbx_diffrn_id                           1 
_refine.overall_SU_B                             18.561 
_refine.overall_SU_ML                            0.383 
_refine.overall_SU_R_Cruickshank_DPI             ? 
_refine.overall_SU_R_free                        ? 
_refine.overall_FOM_free_R_set                   ? 
_refine.overall_FOM_work_R_set                   ? 
_refine.pdbx_average_fsc_overall                 ? 
_refine.pdbx_average_fsc_work                    ? 
_refine.pdbx_average_fsc_free                    ? 
# 
_refine_hist.pdbx_refine_id                   'X-RAY DIFFRACTION' 
_refine_hist.cycle_id                         1 
_refine_hist.details                          ? 
_refine_hist.d_res_high                       2.70 
_refine_hist.d_res_low                        44.77 
_refine_hist.number_atoms_solvent             41 
_refine_hist.number_atoms_total               1375 
_refine_hist.number_reflns_all                ? 
_refine_hist.number_reflns_obs                ? 
_refine_hist.number_reflns_R_free             ? 
_refine_hist.number_reflns_R_work             ? 
_refine_hist.R_factor_all                     ? 
_refine_hist.R_factor_obs                     ? 
_refine_hist.R_factor_R_free                  ? 
_refine_hist.R_factor_R_work                  ? 
_refine_hist.pdbx_number_residues_total       ? 
_refine_hist.pdbx_B_iso_mean_ligand           ? 
_refine_hist.pdbx_B_iso_mean_solvent          ? 
_refine_hist.pdbx_number_atoms_protein        1322 
_refine_hist.pdbx_number_atoms_nucleic_acid   0 
_refine_hist.pdbx_number_atoms_ligand         12 
_refine_hist.pdbx_number_atoms_lipid          ? 
_refine_hist.pdbx_number_atoms_carb           ? 
_refine_hist.pdbx_pseudo_atom_details         ? 
# 
loop_
_refine_ls_restr.pdbx_refine_id 
_refine_ls_restr.criterion 
_refine_ls_restr.dev_ideal 
_refine_ls_restr.dev_ideal_target 
_refine_ls_restr.number 
_refine_ls_restr.rejects 
_refine_ls_restr.type 
_refine_ls_restr.weight 
_refine_ls_restr.pdbx_restraint_function 
'X-RAY DIFFRACTION' ? 0.007  0.013  1353 ? r_bond_refined_d             ? ? 
'X-RAY DIFFRACTION' ? 0.002  0.017  1329 ? r_bond_other_d               ? ? 
'X-RAY DIFFRACTION' ? 1.141  1.651  1814 ? r_angle_refined_deg          ? ? 
'X-RAY DIFFRACTION' ? 1.408  1.585  3065 ? r_angle_other_deg            ? ? 
'X-RAY DIFFRACTION' ? 5.515  5.000  163  ? r_dihedral_angle_1_deg       ? ? 
'X-RAY DIFFRACTION' ? 32.634 20.260 77   ? r_dihedral_angle_2_deg       ? ? 
'X-RAY DIFFRACTION' ? 19.238 15.000 256  ? r_dihedral_angle_3_deg       ? ? 
'X-RAY DIFFRACTION' ? 11.927 15.000 15   ? r_dihedral_angle_4_deg       ? ? 
'X-RAY DIFFRACTION' ? 0.057  0.200  180  ? r_chiral_restr               ? ? 
'X-RAY DIFFRACTION' ? 0.004  0.020  1476 ? r_gen_planes_refined         ? ? 
'X-RAY DIFFRACTION' ? 0.002  0.020  301  ? r_gen_planes_other           ? ? 
'X-RAY DIFFRACTION' ? ?      ?      ?    ? r_nbd_refined                ? ? 
'X-RAY DIFFRACTION' ? ?      ?      ?    ? r_nbd_other                  ? ? 
'X-RAY DIFFRACTION' ? ?      ?      ?    ? r_nbtor_refined              ? ? 
'X-RAY DIFFRACTION' ? ?      ?      ?    ? r_nbtor_other                ? ? 
'X-RAY DIFFRACTION' ? ?      ?      ?    ? r_xyhbond_nbd_refined        ? ? 
'X-RAY DIFFRACTION' ? ?      ?      ?    ? r_xyhbond_nbd_other          ? ? 
'X-RAY DIFFRACTION' ? ?      ?      ?    ? r_metal_ion_refined          ? ? 
'X-RAY DIFFRACTION' ? ?      ?      ?    ? r_metal_ion_other            ? ? 
'X-RAY DIFFRACTION' ? ?      ?      ?    ? r_symmetry_vdw_refined       ? ? 
'X-RAY DIFFRACTION' ? ?      ?      ?    ? r_symmetry_vdw_other         ? ? 
'X-RAY DIFFRACTION' ? ?      ?      ?    ? r_symmetry_hbond_refined     ? ? 
'X-RAY DIFFRACTION' ? ?      ?      ?    ? r_symmetry_hbond_other       ? ? 
'X-RAY DIFFRACTION' ? ?      ?      ?    ? r_symmetry_metal_ion_refined ? ? 
'X-RAY DIFFRACTION' ? ?      ?      ?    ? r_symmetry_metal_ion_other   ? ? 
'X-RAY DIFFRACTION' ? 1.242  1.885  658  ? r_mcbond_it                  ? ? 
'X-RAY DIFFRACTION' ? 1.239  1.880  657  ? r_mcbond_other               ? ? 
'X-RAY DIFFRACTION' ? 2.174  2.812  819  ? r_mcangle_it                 ? ? 
'X-RAY DIFFRACTION' ? 2.174  2.818  820  ? r_mcangle_other              ? ? 
'X-RAY DIFFRACTION' ? 1.022  2.072  694  ? r_scbond_it                  ? ? 
'X-RAY DIFFRACTION' ? 1.022  2.075  695  ? r_scbond_other               ? ? 
'X-RAY DIFFRACTION' ? ?      ?      ?    ? r_scangle_it                 ? ? 
'X-RAY DIFFRACTION' ? 3.429  3.049  995  ? r_scangle_other              ? ? 
'X-RAY DIFFRACTION' ? 6.821  32.763 5169 ? r_long_range_B_refined       ? ? 
'X-RAY DIFFRACTION' ? 6.821  32.768 5170 ? r_long_range_B_other         ? ? 
'X-RAY DIFFRACTION' ? ?      ?      ?    ? r_rigid_bond_restr           ? ? 
'X-RAY DIFFRACTION' ? ?      ?      ?    ? r_sphericity_free            ? ? 
'X-RAY DIFFRACTION' ? ?      ?      ?    ? r_sphericity_bonded          ? ? 
# 
_refine_ls_shell.pdbx_refine_id                   'X-RAY DIFFRACTION' 
_refine_ls_shell.d_res_high                       2.701 
_refine_ls_shell.d_res_low                        2.771 
_refine_ls_shell.number_reflns_all                ? 
_refine_ls_shell.number_reflns_obs                ? 
_refine_ls_shell.number_reflns_R_free             22 
_refine_ls_shell.number_reflns_R_work             286 
_refine_ls_shell.percent_reflns_obs               100.00 
_refine_ls_shell.percent_reflns_R_free            ? 
_refine_ls_shell.R_factor_all                     ? 
_refine_ls_shell.R_factor_obs                     ? 
_refine_ls_shell.R_factor_R_free                  0.323 
_refine_ls_shell.R_factor_R_free_error            ? 
_refine_ls_shell.R_factor_R_work                  0.309 
_refine_ls_shell.redundancy_reflns_all            ? 
_refine_ls_shell.redundancy_reflns_obs            ? 
_refine_ls_shell.wR_factor_all                    ? 
_refine_ls_shell.wR_factor_obs                    ? 
_refine_ls_shell.wR_factor_R_free                 ? 
_refine_ls_shell.wR_factor_R_work                 ? 
_refine_ls_shell.pdbx_R_complete                  ? 
_refine_ls_shell.pdbx_total_number_of_bins_used   20 
_refine_ls_shell.pdbx_phase_error                 ? 
_refine_ls_shell.pdbx_fsc_work                    ? 
_refine_ls_shell.pdbx_fsc_free                    ? 
# 
_struct.entry_id                     6R0L 
_struct.title                        'Histone fold domain of OsGhd8/NF-YC7 in I2' 
_struct.pdbx_model_details           ? 
_struct.pdbx_formula_weight          ? 
_struct.pdbx_formula_weight_method   ? 
_struct.pdbx_model_type_details      ? 
_struct.pdbx_CASP_flag               N 
# 
_struct_keywords.entry_id        6R0L 
_struct_keywords.text            'NF-Y, Transcription factor, rice, TRANSCRIPTION' 
_struct_keywords.pdbx_keywords   TRANSCRIPTION 
# 
loop_
_struct_asym.id 
_struct_asym.pdbx_blank_PDB_chainid_flag 
_struct_asym.pdbx_modified 
_struct_asym.entity_id 
_struct_asym.details 
A N N 1 ? 
B N N 2 ? 
C N N 3 ? 
D N N 3 ? 
E N N 4 ? 
F N N 4 ? 
# 
loop_
_struct_ref.id 
_struct_ref.db_name 
_struct_ref.db_code 
_struct_ref.pdbx_db_accession 
_struct_ref.pdbx_db_isoform 
_struct_ref.entity_id 
_struct_ref.pdbx_seq_one_letter_code 
_struct_ref.pdbx_align_begin 
1 UNP HD5_ORYSJ    Q0J7P4 ? 1 
;DRFLPIANVSRIMKRSLPANAKISKESKETVQECVSEFISFVTGEASDKCQREKRKTINGDDLLWAMTTLGFEAYVGPLK
SYLNRYRE
;
60 
2 UNP Q0J0W2_ORYSJ Q0J0W2 ? 2 PLARIKKIMKADEDVRMIAAEAPVVFARACEMFILELTHRGWAHAEENKRRTLQKSDIAAAIARTEVFDFLVDIVPR               54 
# 
loop_
_struct_ref_seq.align_id 
_struct_ref_seq.ref_id 
_struct_ref_seq.pdbx_PDB_id_code 
_struct_ref_seq.pdbx_strand_id 
_struct_ref_seq.seq_align_beg 
_struct_ref_seq.pdbx_seq_align_beg_ins_code 
_struct_ref_seq.seq_align_end 
_struct_ref_seq.pdbx_seq_align_end_ins_code 
_struct_ref_seq.pdbx_db_accession 
_struct_ref_seq.db_align_beg 
_struct_ref_seq.pdbx_db_align_beg_ins_code 
_struct_ref_seq.db_align_end 
_struct_ref_seq.pdbx_db_align_end_ins_code 
_struct_ref_seq.pdbx_auth_seq_align_beg 
_struct_ref_seq.pdbx_auth_seq_align_end 
1 1 6R0L A 1 ? 88 ? Q0J7P4 60 ? 147 ? 60 147 
2 2 6R0L B 1 ? 77 ? Q0J0W2 54 ? 130 ? 54 130 
# 
_pdbx_struct_assembly.id                   1 
_pdbx_struct_assembly.details              author_and_software_defined_assembly 
_pdbx_struct_assembly.method_details       PISA 
_pdbx_struct_assembly.oligomeric_details   dimeric 
_pdbx_struct_assembly.oligomeric_count     2 
# 
loop_
_pdbx_struct_assembly_prop.biol_id 
_pdbx_struct_assembly_prop.type 
_pdbx_struct_assembly_prop.value 
_pdbx_struct_assembly_prop.details 
1 'ABSA (A^2)' 5020 ? 
1 MORE         -51  ? 
1 'SSA (A^2)'  8900 ? 
# 
_pdbx_struct_assembly_gen.assembly_id       1 
_pdbx_struct_assembly_gen.oper_expression   1 
_pdbx_struct_assembly_gen.asym_id_list      A,B,C,D,E,F 
# 
_pdbx_struct_oper_list.id                   1 
_pdbx_struct_oper_list.type                 'identity operation' 
_pdbx_struct_oper_list.name                 1_555 
_pdbx_struct_oper_list.symmetry_operation   x,y,z 
_pdbx_struct_oper_list.matrix[1][1]         1.0000000000 
_pdbx_struct_oper_list.matrix[1][2]         0.0000000000 
_pdbx_struct_oper_list.matrix[1][3]         0.0000000000 
_pdbx_struct_oper_list.vector[1]            0.0000000000 
_pdbx_struct_oper_list.matrix[2][1]         0.0000000000 
_pdbx_struct_oper_list.matrix[2][2]         1.0000000000 
_pdbx_struct_oper_list.matrix[2][3]         0.0000000000 
_pdbx_struct_oper_list.vector[2]            0.0000000000 
_pdbx_struct_oper_list.matrix[3][1]         0.0000000000 
_pdbx_struct_oper_list.matrix[3][2]         0.0000000000 
_pdbx_struct_oper_list.matrix[3][3]         1.0000000000 
_pdbx_struct_oper_list.vector[3]            0.0000000000 
# 
loop_
_struct_conf.conf_type_id 
_struct_conf.id 
_struct_conf.pdbx_PDB_helix_id 
_struct_conf.beg_label_comp_id 
_struct_conf.beg_label_asym_id 
_struct_conf.beg_label_seq_id 
_struct_conf.pdbx_beg_PDB_ins_code 
_struct_conf.end_label_comp_id 
_struct_conf.end_label_asym_id 
_struct_conf.end_label_seq_id 
_struct_conf.pdbx_end_PDB_ins_code 
_struct_conf.beg_auth_comp_id 
_struct_conf.beg_auth_asym_id 
_struct_conf.beg_auth_seq_id 
_struct_conf.end_auth_comp_id 
_struct_conf.end_auth_asym_id 
_struct_conf.end_auth_seq_id 
_struct_conf.pdbx_PDB_helix_class 
_struct_conf.details 
_struct_conf.pdbx_PDB_helix_length 
HELX_P HELX_P1 AA1 ALA A 7  ? LEU A 17 ? ALA A 66  LEU A 76  1 ? 11 
HELX_P HELX_P2 AA2 SER A 24 ? GLU A 53 ? SER A 83  GLU A 112 1 ? 30 
HELX_P HELX_P3 AA3 ASN A 59 ? GLY A 71 ? ASN A 118 GLY A 130 1 ? 13 
HELX_P HELX_P4 AA4 PHE A 72 ? GLU A 88 ? PHE A 131 GLU A 147 1 ? 17 
HELX_P HELX_P5 AA5 LEU B 2  ? ASP B 12 ? LEU B 55  ASP B 65  1 ? 11 
HELX_P HELX_P6 AA6 ALA B 20 ? ASN B 48 ? ALA B 73  ASN B 101 1 ? 29 
HELX_P HELX_P7 AA7 GLN B 54 ? THR B 65 ? GLN B 107 THR B 118 1 ? 12 
HELX_P HELX_P8 AA8 GLU B 66 ? VAL B 72 ? GLU B 119 VAL B 125 5 ? 7  
# 
_struct_conf_type.id          HELX_P 
_struct_conf_type.criteria    ? 
_struct_conf_type.reference   ? 
# 
loop_
_struct_sheet.id 
_struct_sheet.type 
_struct_sheet.number_strands 
_struct_sheet.details 
AA1 ? 2 ? 
AA2 ? 2 ? 
# 
loop_
_struct_sheet_order.sheet_id 
_struct_sheet_order.range_id_1 
_struct_sheet_order.range_id_2 
_struct_sheet_order.offset 
_struct_sheet_order.sense 
AA1 1 2 ? parallel 
AA2 1 2 ? parallel 
# 
loop_
_struct_sheet_range.sheet_id 
_struct_sheet_range.id 
_struct_sheet_range.beg_label_comp_id 
_struct_sheet_range.beg_label_asym_id 
_struct_sheet_range.beg_label_seq_id 
_struct_sheet_range.pdbx_beg_PDB_ins_code 
_struct_sheet_range.end_label_comp_id 
_struct_sheet_range.end_label_asym_id 
_struct_sheet_range.end_label_seq_id 
_struct_sheet_range.pdbx_end_PDB_ins_code 
_struct_sheet_range.beg_auth_comp_id 
_struct_sheet_range.beg_auth_asym_id 
_struct_sheet_range.beg_auth_seq_id 
_struct_sheet_range.end_auth_comp_id 
_struct_sheet_range.end_auth_asym_id 
_struct_sheet_range.end_auth_seq_id 
AA1 1 LYS A 22 ? ILE A 23 ? LYS A 81  ILE A 82  
AA1 2 THR B 52 ? LEU B 53 ? THR B 105 LEU B 106 
AA2 1 THR A 57 ? ILE A 58 ? THR A 116 ILE A 117 
AA2 2 MET B 17 ? ILE B 18 ? MET B 70  ILE B 71  
# 
loop_
_pdbx_struct_sheet_hbond.sheet_id 
_pdbx_struct_sheet_hbond.range_id_1 
_pdbx_struct_sheet_hbond.range_id_2 
_pdbx_struct_sheet_hbond.range_1_label_atom_id 
_pdbx_struct_sheet_hbond.range_1_label_comp_id 
_pdbx_struct_sheet_hbond.range_1_label_asym_id 
_pdbx_struct_sheet_hbond.range_1_label_seq_id 
_pdbx_struct_sheet_hbond.range_1_PDB_ins_code 
_pdbx_struct_sheet_hbond.range_1_auth_atom_id 
_pdbx_struct_sheet_hbond.range_1_auth_comp_id 
_pdbx_struct_sheet_hbond.range_1_auth_asym_id 
_pdbx_struct_sheet_hbond.range_1_auth_seq_id 
_pdbx_struct_sheet_hbond.range_2_label_atom_id 
_pdbx_struct_sheet_hbond.range_2_label_comp_id 
_pdbx_struct_sheet_hbond.range_2_label_asym_id 
_pdbx_struct_sheet_hbond.range_2_label_seq_id 
_pdbx_struct_sheet_hbond.range_2_PDB_ins_code 
_pdbx_struct_sheet_hbond.range_2_auth_atom_id 
_pdbx_struct_sheet_hbond.range_2_auth_comp_id 
_pdbx_struct_sheet_hbond.range_2_auth_asym_id 
_pdbx_struct_sheet_hbond.range_2_auth_seq_id 
AA1 1 2 N LYS A 22 ? N LYS A 81  O LEU B 53 ? O LEU B 106 
AA2 1 2 N ILE A 58 ? N ILE A 117 O MET B 17 ? O MET B 70  
# 
loop_
_struct_site.id 
_struct_site.pdbx_evidence_code 
_struct_site.pdbx_auth_asym_id 
_struct_site.pdbx_auth_comp_id 
_struct_site.pdbx_auth_seq_id 
_struct_site.pdbx_auth_ins_code 
_struct_site.pdbx_num_residues 
_struct_site.details 
AC1 Software A GOL 201 ? 2 'binding site for residue GOL A 201' 
AC2 Software A GOL 202 ? 1 'binding site for residue GOL A 202' 
# 
loop_
_struct_site_gen.id 
_struct_site_gen.site_id 
_struct_site_gen.pdbx_num_res 
_struct_site_gen.label_comp_id 
_struct_site_gen.label_asym_id 
_struct_site_gen.label_seq_id 
_struct_site_gen.pdbx_auth_ins_code 
_struct_site_gen.auth_comp_id 
_struct_site_gen.auth_asym_id 
_struct_site_gen.auth_seq_id 
_struct_site_gen.label_atom_id 
_struct_site_gen.label_alt_id 
_struct_site_gen.symmetry 
_struct_site_gen.details 
1 AC1 2 GLN A 51 ? GLN A 110 . ? 1_565 ? 
2 AC1 2 LYS A 54 ? LYS A 113 . ? 1_565 ? 
3 AC2 1 TYR A 86 ? TYR A 145 . ? 1_555 ? 
# 
loop_
_pdbx_validate_close_contact.id 
_pdbx_validate_close_contact.PDB_model_num 
_pdbx_validate_close_contact.auth_atom_id_1 
_pdbx_validate_close_contact.auth_asym_id_1 
_pdbx_validate_close_contact.auth_comp_id_1 
_pdbx_validate_close_contact.auth_seq_id_1 
_pdbx_validate_close_contact.PDB_ins_code_1 
_pdbx_validate_close_contact.label_alt_id_1 
_pdbx_validate_close_contact.auth_atom_id_2 
_pdbx_validate_close_contact.auth_asym_id_2 
_pdbx_validate_close_contact.auth_comp_id_2 
_pdbx_validate_close_contact.auth_seq_id_2 
_pdbx_validate_close_contact.PDB_ins_code_2 
_pdbx_validate_close_contact.label_alt_id_2 
_pdbx_validate_close_contact.dist 
1 1 OG A SER 99 ? ? O A HOH 301 ? ? 2.10 
2 1 O  A LEU 76 ? ? O A HOH 302 ? ? 2.15 
# 
loop_
_pdbx_validate_torsion.id 
_pdbx_validate_torsion.PDB_model_num 
_pdbx_validate_torsion.auth_comp_id 
_pdbx_validate_torsion.auth_asym_id 
_pdbx_validate_torsion.auth_seq_id 
_pdbx_validate_torsion.PDB_ins_code 
_pdbx_validate_torsion.label_alt_id 
_pdbx_validate_torsion.phi 
_pdbx_validate_torsion.psi 
1 1 PHE A 131 ? ? -104.58 67.17   
2 1 ARG B 69  ? ? 56.36   -114.83 
3 1 PRO B 129 ? ? -68.78  60.66   
# 
_pdbx_entry_details.entry_id                 6R0L 
_pdbx_entry_details.has_ligand_of_interest   Y 
_pdbx_entry_details.compound_details         ? 
_pdbx_entry_details.source_details           ? 
_pdbx_entry_details.nonpolymer_details       ? 
_pdbx_entry_details.sequence_details         ? 
# 
loop_
_pdbx_distant_solvent_atoms.id 
_pdbx_distant_solvent_atoms.PDB_model_num 
_pdbx_distant_solvent_atoms.auth_atom_id 
_pdbx_distant_solvent_atoms.label_alt_id 
_pdbx_distant_solvent_atoms.auth_asym_id 
_pdbx_distant_solvent_atoms.auth_comp_id 
_pdbx_distant_solvent_atoms.auth_seq_id 
_pdbx_distant_solvent_atoms.PDB_ins_code 
_pdbx_distant_solvent_atoms.neighbor_macromolecule_distance 
_pdbx_distant_solvent_atoms.neighbor_ligand_distance 
1 1 O ? A HOH 323 ? 6.11 . 
2 1 O ? B HOH 218 ? 8.39 . 
# 
loop_
_chem_comp_atom.comp_id 
_chem_comp_atom.atom_id 
_chem_comp_atom.type_symbol 
_chem_comp_atom.pdbx_aromatic_flag 
_chem_comp_atom.pdbx_stereo_config 
_chem_comp_atom.pdbx_ordinal 
ALA N    N N N 1   
ALA CA   C N S 2   
ALA C    C N N 3   
ALA O    O N N 4   
ALA CB   C N N 5   
ALA OXT  O N N 6   
ALA H    H N N 7   
ALA H2   H N N 8   
ALA HA   H N N 9   
ALA HB1  H N N 10  
ALA HB2  H N N 11  
ALA HB3  H N N 12  
ALA HXT  H N N 13  
ARG N    N N N 14  
ARG CA   C N S 15  
ARG C    C N N 16  
ARG O    O N N 17  
ARG CB   C N N 18  
ARG CG   C N N 19  
ARG CD   C N N 20  
ARG NE   N N N 21  
ARG CZ   C N N 22  
ARG NH1  N N N 23  
ARG NH2  N N N 24  
ARG OXT  O N N 25  
ARG H    H N N 26  
ARG H2   H N N 27  
ARG HA   H N N 28  
ARG HB2  H N N 29  
ARG HB3  H N N 30  
ARG HG2  H N N 31  
ARG HG3  H N N 32  
ARG HD2  H N N 33  
ARG HD3  H N N 34  
ARG HE   H N N 35  
ARG HH11 H N N 36  
ARG HH12 H N N 37  
ARG HH21 H N N 38  
ARG HH22 H N N 39  
ARG HXT  H N N 40  
ASN N    N N N 41  
ASN CA   C N S 42  
ASN C    C N N 43  
ASN O    O N N 44  
ASN CB   C N N 45  
ASN CG   C N N 46  
ASN OD1  O N N 47  
ASN ND2  N N N 48  
ASN OXT  O N N 49  
ASN H    H N N 50  
ASN H2   H N N 51  
ASN HA   H N N 52  
ASN HB2  H N N 53  
ASN HB3  H N N 54  
ASN HD21 H N N 55  
ASN HD22 H N N 56  
ASN HXT  H N N 57  
ASP N    N N N 58  
ASP CA   C N S 59  
ASP C    C N N 60  
ASP O    O N N 61  
ASP CB   C N N 62  
ASP CG   C N N 63  
ASP OD1  O N N 64  
ASP OD2  O N N 65  
ASP OXT  O N N 66  
ASP H    H N N 67  
ASP H2   H N N 68  
ASP HA   H N N 69  
ASP HB2  H N N 70  
ASP HB3  H N N 71  
ASP HD2  H N N 72  
ASP HXT  H N N 73  
CYS N    N N N 74  
CYS CA   C N R 75  
CYS C    C N N 76  
CYS O    O N N 77  
CYS CB   C N N 78  
CYS SG   S N N 79  
CYS OXT  O N N 80  
CYS H    H N N 81  
CYS H2   H N N 82  
CYS HA   H N N 83  
CYS HB2  H N N 84  
CYS HB3  H N N 85  
CYS HG   H N N 86  
CYS HXT  H N N 87  
GLN N    N N N 88  
GLN CA   C N S 89  
GLN C    C N N 90  
GLN O    O N N 91  
GLN CB   C N N 92  
GLN CG   C N N 93  
GLN CD   C N N 94  
GLN OE1  O N N 95  
GLN NE2  N N N 96  
GLN OXT  O N N 97  
GLN H    H N N 98  
GLN H2   H N N 99  
GLN HA   H N N 100 
GLN HB2  H N N 101 
GLN HB3  H N N 102 
GLN HG2  H N N 103 
GLN HG3  H N N 104 
GLN HE21 H N N 105 
GLN HE22 H N N 106 
GLN HXT  H N N 107 
GLU N    N N N 108 
GLU CA   C N S 109 
GLU C    C N N 110 
GLU O    O N N 111 
GLU CB   C N N 112 
GLU CG   C N N 113 
GLU CD   C N N 114 
GLU OE1  O N N 115 
GLU OE2  O N N 116 
GLU OXT  O N N 117 
GLU H    H N N 118 
GLU H2   H N N 119 
GLU HA   H N N 120 
GLU HB2  H N N 121 
GLU HB3  H N N 122 
GLU HG2  H N N 123 
GLU HG3  H N N 124 
GLU HE2  H N N 125 
GLU HXT  H N N 126 
GLY N    N N N 127 
GLY CA   C N N 128 
GLY C    C N N 129 
GLY O    O N N 130 
GLY OXT  O N N 131 
GLY H    H N N 132 
GLY H2   H N N 133 
GLY HA2  H N N 134 
GLY HA3  H N N 135 
GLY HXT  H N N 136 
GOL C1   C N N 137 
GOL O1   O N N 138 
GOL C2   C N N 139 
GOL O2   O N N 140 
GOL C3   C N N 141 
GOL O3   O N N 142 
GOL H11  H N N 143 
GOL H12  H N N 144 
GOL HO1  H N N 145 
GOL H2   H N N 146 
GOL HO2  H N N 147 
GOL H31  H N N 148 
GOL H32  H N N 149 
GOL HO3  H N N 150 
HIS N    N N N 151 
HIS CA   C N S 152 
HIS C    C N N 153 
HIS O    O N N 154 
HIS CB   C N N 155 
HIS CG   C Y N 156 
HIS ND1  N Y N 157 
HIS CD2  C Y N 158 
HIS CE1  C Y N 159 
HIS NE2  N Y N 160 
HIS OXT  O N N 161 
HIS H    H N N 162 
HIS H2   H N N 163 
HIS HA   H N N 164 
HIS HB2  H N N 165 
HIS HB3  H N N 166 
HIS HD1  H N N 167 
HIS HD2  H N N 168 
HIS HE1  H N N 169 
HIS HE2  H N N 170 
HIS HXT  H N N 171 
HOH O    O N N 172 
HOH H1   H N N 173 
HOH H2   H N N 174 
ILE N    N N N 175 
ILE CA   C N S 176 
ILE C    C N N 177 
ILE O    O N N 178 
ILE CB   C N S 179 
ILE CG1  C N N 180 
ILE CG2  C N N 181 
ILE CD1  C N N 182 
ILE OXT  O N N 183 
ILE H    H N N 184 
ILE H2   H N N 185 
ILE HA   H N N 186 
ILE HB   H N N 187 
ILE HG12 H N N 188 
ILE HG13 H N N 189 
ILE HG21 H N N 190 
ILE HG22 H N N 191 
ILE HG23 H N N 192 
ILE HD11 H N N 193 
ILE HD12 H N N 194 
ILE HD13 H N N 195 
ILE HXT  H N N 196 
LEU N    N N N 197 
LEU CA   C N S 198 
LEU C    C N N 199 
LEU O    O N N 200 
LEU CB   C N N 201 
LEU CG   C N N 202 
LEU CD1  C N N 203 
LEU CD2  C N N 204 
LEU OXT  O N N 205 
LEU H    H N N 206 
LEU H2   H N N 207 
LEU HA   H N N 208 
LEU HB2  H N N 209 
LEU HB3  H N N 210 
LEU HG   H N N 211 
LEU HD11 H N N 212 
LEU HD12 H N N 213 
LEU HD13 H N N 214 
LEU HD21 H N N 215 
LEU HD22 H N N 216 
LEU HD23 H N N 217 
LEU HXT  H N N 218 
LYS N    N N N 219 
LYS CA   C N S 220 
LYS C    C N N 221 
LYS O    O N N 222 
LYS CB   C N N 223 
LYS CG   C N N 224 
LYS CD   C N N 225 
LYS CE   C N N 226 
LYS NZ   N N N 227 
LYS OXT  O N N 228 
LYS H    H N N 229 
LYS H2   H N N 230 
LYS HA   H N N 231 
LYS HB2  H N N 232 
LYS HB3  H N N 233 
LYS HG2  H N N 234 
LYS HG3  H N N 235 
LYS HD2  H N N 236 
LYS HD3  H N N 237 
LYS HE2  H N N 238 
LYS HE3  H N N 239 
LYS HZ1  H N N 240 
LYS HZ2  H N N 241 
LYS HZ3  H N N 242 
LYS HXT  H N N 243 
MET N    N N N 244 
MET CA   C N S 245 
MET C    C N N 246 
MET O    O N N 247 
MET CB   C N N 248 
MET CG   C N N 249 
MET SD   S N N 250 
MET CE   C N N 251 
MET OXT  O N N 252 
MET H    H N N 253 
MET H2   H N N 254 
MET HA   H N N 255 
MET HB2  H N N 256 
MET HB3  H N N 257 
MET HG2  H N N 258 
MET HG3  H N N 259 
MET HE1  H N N 260 
MET HE2  H N N 261 
MET HE3  H N N 262 
MET HXT  H N N 263 
PHE N    N N N 264 
PHE CA   C N S 265 
PHE C    C N N 266 
PHE O    O N N 267 
PHE CB   C N N 268 
PHE CG   C Y N 269 
PHE CD1  C Y N 270 
PHE CD2  C Y N 271 
PHE CE1  C Y N 272 
PHE CE2  C Y N 273 
PHE CZ   C Y N 274 
PHE OXT  O N N 275 
PHE H    H N N 276 
PHE H2   H N N 277 
PHE HA   H N N 278 
PHE HB2  H N N 279 
PHE HB3  H N N 280 
PHE HD1  H N N 281 
PHE HD2  H N N 282 
PHE HE1  H N N 283 
PHE HE2  H N N 284 
PHE HZ   H N N 285 
PHE HXT  H N N 286 
PRO N    N N N 287 
PRO CA   C N S 288 
PRO C    C N N 289 
PRO O    O N N 290 
PRO CB   C N N 291 
PRO CG   C N N 292 
PRO CD   C N N 293 
PRO OXT  O N N 294 
PRO H    H N N 295 
PRO HA   H N N 296 
PRO HB2  H N N 297 
PRO HB3  H N N 298 
PRO HG2  H N N 299 
PRO HG3  H N N 300 
PRO HD2  H N N 301 
PRO HD3  H N N 302 
PRO HXT  H N N 303 
SER N    N N N 304 
SER CA   C N S 305 
SER C    C N N 306 
SER O    O N N 307 
SER CB   C N N 308 
SER OG   O N N 309 
SER OXT  O N N 310 
SER H    H N N 311 
SER H2   H N N 312 
SER HA   H N N 313 
SER HB2  H N N 314 
SER HB3  H N N 315 
SER HG   H N N 316 
SER HXT  H N N 317 
THR N    N N N 318 
THR CA   C N S 319 
THR C    C N N 320 
THR O    O N N 321 
THR CB   C N R 322 
THR OG1  O N N 323 
THR CG2  C N N 324 
THR OXT  O N N 325 
THR H    H N N 326 
THR H2   H N N 327 
THR HA   H N N 328 
THR HB   H N N 329 
THR HG1  H N N 330 
THR HG21 H N N 331 
THR HG22 H N N 332 
THR HG23 H N N 333 
THR HXT  H N N 334 
TRP N    N N N 335 
TRP CA   C N S 336 
TRP C    C N N 337 
TRP O    O N N 338 
TRP CB   C N N 339 
TRP CG   C Y N 340 
TRP CD1  C Y N 341 
TRP CD2  C Y N 342 
TRP NE1  N Y N 343 
TRP CE2  C Y N 344 
TRP CE3  C Y N 345 
TRP CZ2  C Y N 346 
TRP CZ3  C Y N 347 
TRP CH2  C Y N 348 
TRP OXT  O N N 349 
TRP H    H N N 350 
TRP H2   H N N 351 
TRP HA   H N N 352 
TRP HB2  H N N 353 
TRP HB3  H N N 354 
TRP HD1  H N N 355 
TRP HE1  H N N 356 
TRP HE3  H N N 357 
TRP HZ2  H N N 358 
TRP HZ3  H N N 359 
TRP HH2  H N N 360 
TRP HXT  H N N 361 
TYR N    N N N 362 
TYR CA   C N S 363 
TYR C    C N N 364 
TYR O    O N N 365 
TYR CB   C N N 366 
TYR CG   C Y N 367 
TYR CD1  C Y N 368 
TYR CD2  C Y N 369 
TYR CE1  C Y N 370 
TYR CE2  C Y N 371 
TYR CZ   C Y N 372 
TYR OH   O N N 373 
TYR OXT  O N N 374 
TYR H    H N N 375 
TYR H2   H N N 376 
TYR HA   H N N 377 
TYR HB2  H N N 378 
TYR HB3  H N N 379 
TYR HD1  H N N 380 
TYR HD2  H N N 381 
TYR HE1  H N N 382 
TYR HE2  H N N 383 
TYR HH   H N N 384 
TYR HXT  H N N 385 
VAL N    N N N 386 
VAL CA   C N S 387 
VAL C    C N N 388 
VAL O    O N N 389 
VAL CB   C N N 390 
VAL CG1  C N N 391 
VAL CG2  C N N 392 
VAL OXT  O N N 393 
VAL H    H N N 394 
VAL H2   H N N 395 
VAL HA   H N N 396 
VAL HB   H N N 397 
VAL HG11 H N N 398 
VAL HG12 H N N 399 
VAL HG13 H N N 400 
VAL HG21 H N N 401 
VAL HG22 H N N 402 
VAL HG23 H N N 403 
VAL HXT  H N N 404 
# 
loop_
_chem_comp_bond.comp_id 
_chem_comp_bond.atom_id_1 
_chem_comp_bond.atom_id_2 
_chem_comp_bond.value_order 
_chem_comp_bond.pdbx_aromatic_flag 
_chem_comp_bond.pdbx_stereo_config 
_chem_comp_bond.pdbx_ordinal 
ALA N   CA   sing N N 1   
ALA N   H    sing N N 2   
ALA N   H2   sing N N 3   
ALA CA  C    sing N N 4   
ALA CA  CB   sing N N 5   
ALA CA  HA   sing N N 6   
ALA C   O    doub N N 7   
ALA C   OXT  sing N N 8   
ALA CB  HB1  sing N N 9   
ALA CB  HB2  sing N N 10  
ALA CB  HB3  sing N N 11  
ALA OXT HXT  sing N N 12  
ARG N   CA   sing N N 13  
ARG N   H    sing N N 14  
ARG N   H2   sing N N 15  
ARG CA  C    sing N N 16  
ARG CA  CB   sing N N 17  
ARG CA  HA   sing N N 18  
ARG C   O    doub N N 19  
ARG C   OXT  sing N N 20  
ARG CB  CG   sing N N 21  
ARG CB  HB2  sing N N 22  
ARG CB  HB3  sing N N 23  
ARG CG  CD   sing N N 24  
ARG CG  HG2  sing N N 25  
ARG CG  HG3  sing N N 26  
ARG CD  NE   sing N N 27  
ARG CD  HD2  sing N N 28  
ARG CD  HD3  sing N N 29  
ARG NE  CZ   sing N N 30  
ARG NE  HE   sing N N 31  
ARG CZ  NH1  sing N N 32  
ARG CZ  NH2  doub N N 33  
ARG NH1 HH11 sing N N 34  
ARG NH1 HH12 sing N N 35  
ARG NH2 HH21 sing N N 36  
ARG NH2 HH22 sing N N 37  
ARG OXT HXT  sing N N 38  
ASN N   CA   sing N N 39  
ASN N   H    sing N N 40  
ASN N   H2   sing N N 41  
ASN CA  C    sing N N 42  
ASN CA  CB   sing N N 43  
ASN CA  HA   sing N N 44  
ASN C   O    doub N N 45  
ASN C   OXT  sing N N 46  
ASN CB  CG   sing N N 47  
ASN CB  HB2  sing N N 48  
ASN CB  HB3  sing N N 49  
ASN CG  OD1  doub N N 50  
ASN CG  ND2  sing N N 51  
ASN ND2 HD21 sing N N 52  
ASN ND2 HD22 sing N N 53  
ASN OXT HXT  sing N N 54  
ASP N   CA   sing N N 55  
ASP N   H    sing N N 56  
ASP N   H2   sing N N 57  
ASP CA  C    sing N N 58  
ASP CA  CB   sing N N 59  
ASP CA  HA   sing N N 60  
ASP C   O    doub N N 61  
ASP C   OXT  sing N N 62  
ASP CB  CG   sing N N 63  
ASP CB  HB2  sing N N 64  
ASP CB  HB3  sing N N 65  
ASP CG  OD1  doub N N 66  
ASP CG  OD2  sing N N 67  
ASP OD2 HD2  sing N N 68  
ASP OXT HXT  sing N N 69  
CYS N   CA   sing N N 70  
CYS N   H    sing N N 71  
CYS N   H2   sing N N 72  
CYS CA  C    sing N N 73  
CYS CA  CB   sing N N 74  
CYS CA  HA   sing N N 75  
CYS C   O    doub N N 76  
CYS C   OXT  sing N N 77  
CYS CB  SG   sing N N 78  
CYS CB  HB2  sing N N 79  
CYS CB  HB3  sing N N 80  
CYS SG  HG   sing N N 81  
CYS OXT HXT  sing N N 82  
GLN N   CA   sing N N 83  
GLN N   H    sing N N 84  
GLN N   H2   sing N N 85  
GLN CA  C    sing N N 86  
GLN CA  CB   sing N N 87  
GLN CA  HA   sing N N 88  
GLN C   O    doub N N 89  
GLN C   OXT  sing N N 90  
GLN CB  CG   sing N N 91  
GLN CB  HB2  sing N N 92  
GLN CB  HB3  sing N N 93  
GLN CG  CD   sing N N 94  
GLN CG  HG2  sing N N 95  
GLN CG  HG3  sing N N 96  
GLN CD  OE1  doub N N 97  
GLN CD  NE2  sing N N 98  
GLN NE2 HE21 sing N N 99  
GLN NE2 HE22 sing N N 100 
GLN OXT HXT  sing N N 101 
GLU N   CA   sing N N 102 
GLU N   H    sing N N 103 
GLU N   H2   sing N N 104 
GLU CA  C    sing N N 105 
GLU CA  CB   sing N N 106 
GLU CA  HA   sing N N 107 
GLU C   O    doub N N 108 
GLU C   OXT  sing N N 109 
GLU CB  CG   sing N N 110 
GLU CB  HB2  sing N N 111 
GLU CB  HB3  sing N N 112 
GLU CG  CD   sing N N 113 
GLU CG  HG2  sing N N 114 
GLU CG  HG3  sing N N 115 
GLU CD  OE1  doub N N 116 
GLU CD  OE2  sing N N 117 
GLU OE2 HE2  sing N N 118 
GLU OXT HXT  sing N N 119 
GLY N   CA   sing N N 120 
GLY N   H    sing N N 121 
GLY N   H2   sing N N 122 
GLY CA  C    sing N N 123 
GLY CA  HA2  sing N N 124 
GLY CA  HA3  sing N N 125 
GLY C   O    doub N N 126 
GLY C   OXT  sing N N 127 
GLY OXT HXT  sing N N 128 
GOL C1  O1   sing N N 129 
GOL C1  C2   sing N N 130 
GOL C1  H11  sing N N 131 
GOL C1  H12  sing N N 132 
GOL O1  HO1  sing N N 133 
GOL C2  O2   sing N N 134 
GOL C2  C3   sing N N 135 
GOL C2  H2   sing N N 136 
GOL O2  HO2  sing N N 137 
GOL C3  O3   sing N N 138 
GOL C3  H31  sing N N 139 
GOL C3  H32  sing N N 140 
GOL O3  HO3  sing N N 141 
HIS N   CA   sing N N 142 
HIS N   H    sing N N 143 
HIS N   H2   sing N N 144 
HIS CA  C    sing N N 145 
HIS CA  CB   sing N N 146 
HIS CA  HA   sing N N 147 
HIS C   O    doub N N 148 
HIS C   OXT  sing N N 149 
HIS CB  CG   sing N N 150 
HIS CB  HB2  sing N N 151 
HIS CB  HB3  sing N N 152 
HIS CG  ND1  sing Y N 153 
HIS CG  CD2  doub Y N 154 
HIS ND1 CE1  doub Y N 155 
HIS ND1 HD1  sing N N 156 
HIS CD2 NE2  sing Y N 157 
HIS CD2 HD2  sing N N 158 
HIS CE1 NE2  sing Y N 159 
HIS CE1 HE1  sing N N 160 
HIS NE2 HE2  sing N N 161 
HIS OXT HXT  sing N N 162 
HOH O   H1   sing N N 163 
HOH O   H2   sing N N 164 
ILE N   CA   sing N N 165 
ILE N   H    sing N N 166 
ILE N   H2   sing N N 167 
ILE CA  C    sing N N 168 
ILE CA  CB   sing N N 169 
ILE CA  HA   sing N N 170 
ILE C   O    doub N N 171 
ILE C   OXT  sing N N 172 
ILE CB  CG1  sing N N 173 
ILE CB  CG2  sing N N 174 
ILE CB  HB   sing N N 175 
ILE CG1 CD1  sing N N 176 
ILE CG1 HG12 sing N N 177 
ILE CG1 HG13 sing N N 178 
ILE CG2 HG21 sing N N 179 
ILE CG2 HG22 sing N N 180 
ILE CG2 HG23 sing N N 181 
ILE CD1 HD11 sing N N 182 
ILE CD1 HD12 sing N N 183 
ILE CD1 HD13 sing N N 184 
ILE OXT HXT  sing N N 185 
LEU N   CA   sing N N 186 
LEU N   H    sing N N 187 
LEU N   H2   sing N N 188 
LEU CA  C    sing N N 189 
LEU CA  CB   sing N N 190 
LEU CA  HA   sing N N 191 
LEU C   O    doub N N 192 
LEU C   OXT  sing N N 193 
LEU CB  CG   sing N N 194 
LEU CB  HB2  sing N N 195 
LEU CB  HB3  sing N N 196 
LEU CG  CD1  sing N N 197 
LEU CG  CD2  sing N N 198 
LEU CG  HG   sing N N 199 
LEU CD1 HD11 sing N N 200 
LEU CD1 HD12 sing N N 201 
LEU CD1 HD13 sing N N 202 
LEU CD2 HD21 sing N N 203 
LEU CD2 HD22 sing N N 204 
LEU CD2 HD23 sing N N 205 
LEU OXT HXT  sing N N 206 
LYS N   CA   sing N N 207 
LYS N   H    sing N N 208 
LYS N   H2   sing N N 209 
LYS CA  C    sing N N 210 
LYS CA  CB   sing N N 211 
LYS CA  HA   sing N N 212 
LYS C   O    doub N N 213 
LYS C   OXT  sing N N 214 
LYS CB  CG   sing N N 215 
LYS CB  HB2  sing N N 216 
LYS CB  HB3  sing N N 217 
LYS CG  CD   sing N N 218 
LYS CG  HG2  sing N N 219 
LYS CG  HG3  sing N N 220 
LYS CD  CE   sing N N 221 
LYS CD  HD2  sing N N 222 
LYS CD  HD3  sing N N 223 
LYS CE  NZ   sing N N 224 
LYS CE  HE2  sing N N 225 
LYS CE  HE3  sing N N 226 
LYS NZ  HZ1  sing N N 227 
LYS NZ  HZ2  sing N N 228 
LYS NZ  HZ3  sing N N 229 
LYS OXT HXT  sing N N 230 
MET N   CA   sing N N 231 
MET N   H    sing N N 232 
MET N   H2   sing N N 233 
MET CA  C    sing N N 234 
MET CA  CB   sing N N 235 
MET CA  HA   sing N N 236 
MET C   O    doub N N 237 
MET C   OXT  sing N N 238 
MET CB  CG   sing N N 239 
MET CB  HB2  sing N N 240 
MET CB  HB3  sing N N 241 
MET CG  SD   sing N N 242 
MET CG  HG2  sing N N 243 
MET CG  HG3  sing N N 244 
MET SD  CE   sing N N 245 
MET CE  HE1  sing N N 246 
MET CE  HE2  sing N N 247 
MET CE  HE3  sing N N 248 
MET OXT HXT  sing N N 249 
PHE N   CA   sing N N 250 
PHE N   H    sing N N 251 
PHE N   H2   sing N N 252 
PHE CA  C    sing N N 253 
PHE CA  CB   sing N N 254 
PHE CA  HA   sing N N 255 
PHE C   O    doub N N 256 
PHE C   OXT  sing N N 257 
PHE CB  CG   sing N N 258 
PHE CB  HB2  sing N N 259 
PHE CB  HB3  sing N N 260 
PHE CG  CD1  doub Y N 261 
PHE CG  CD2  sing Y N 262 
PHE CD1 CE1  sing Y N 263 
PHE CD1 HD1  sing N N 264 
PHE CD2 CE2  doub Y N 265 
PHE CD2 HD2  sing N N 266 
PHE CE1 CZ   doub Y N 267 
PHE CE1 HE1  sing N N 268 
PHE CE2 CZ   sing Y N 269 
PHE CE2 HE2  sing N N 270 
PHE CZ  HZ   sing N N 271 
PHE OXT HXT  sing N N 272 
PRO N   CA   sing N N 273 
PRO N   CD   sing N N 274 
PRO N   H    sing N N 275 
PRO CA  C    sing N N 276 
PRO CA  CB   sing N N 277 
PRO CA  HA   sing N N 278 
PRO C   O    doub N N 279 
PRO C   OXT  sing N N 280 
PRO CB  CG   sing N N 281 
PRO CB  HB2  sing N N 282 
PRO CB  HB3  sing N N 283 
PRO CG  CD   sing N N 284 
PRO CG  HG2  sing N N 285 
PRO CG  HG3  sing N N 286 
PRO CD  HD2  sing N N 287 
PRO CD  HD3  sing N N 288 
PRO OXT HXT  sing N N 289 
SER N   CA   sing N N 290 
SER N   H    sing N N 291 
SER N   H2   sing N N 292 
SER CA  C    sing N N 293 
SER CA  CB   sing N N 294 
SER CA  HA   sing N N 295 
SER C   O    doub N N 296 
SER C   OXT  sing N N 297 
SER CB  OG   sing N N 298 
SER CB  HB2  sing N N 299 
SER CB  HB3  sing N N 300 
SER OG  HG   sing N N 301 
SER OXT HXT  sing N N 302 
THR N   CA   sing N N 303 
THR N   H    sing N N 304 
THR N   H2   sing N N 305 
THR CA  C    sing N N 306 
THR CA  CB   sing N N 307 
THR CA  HA   sing N N 308 
THR C   O    doub N N 309 
THR C   OXT  sing N N 310 
THR CB  OG1  sing N N 311 
THR CB  CG2  sing N N 312 
THR CB  HB   sing N N 313 
THR OG1 HG1  sing N N 314 
THR CG2 HG21 sing N N 315 
THR CG2 HG22 sing N N 316 
THR CG2 HG23 sing N N 317 
THR OXT HXT  sing N N 318 
TRP N   CA   sing N N 319 
TRP N   H    sing N N 320 
TRP N   H2   sing N N 321 
TRP CA  C    sing N N 322 
TRP CA  CB   sing N N 323 
TRP CA  HA   sing N N 324 
TRP C   O    doub N N 325 
TRP C   OXT  sing N N 326 
TRP CB  CG   sing N N 327 
TRP CB  HB2  sing N N 328 
TRP CB  HB3  sing N N 329 
TRP CG  CD1  doub Y N 330 
TRP CG  CD2  sing Y N 331 
TRP CD1 NE1  sing Y N 332 
TRP CD1 HD1  sing N N 333 
TRP CD2 CE2  doub Y N 334 
TRP CD2 CE3  sing Y N 335 
TRP NE1 CE2  sing Y N 336 
TRP NE1 HE1  sing N N 337 
TRP CE2 CZ2  sing Y N 338 
TRP CE3 CZ3  doub Y N 339 
TRP CE3 HE3  sing N N 340 
TRP CZ2 CH2  doub Y N 341 
TRP CZ2 HZ2  sing N N 342 
TRP CZ3 CH2  sing Y N 343 
TRP CZ3 HZ3  sing N N 344 
TRP CH2 HH2  sing N N 345 
TRP OXT HXT  sing N N 346 
TYR N   CA   sing N N 347 
TYR N   H    sing N N 348 
TYR N   H2   sing N N 349 
TYR CA  C    sing N N 350 
TYR CA  CB   sing N N 351 
TYR CA  HA   sing N N 352 
TYR C   O    doub N N 353 
TYR C   OXT  sing N N 354 
TYR CB  CG   sing N N 355 
TYR CB  HB2  sing N N 356 
TYR CB  HB3  sing N N 357 
TYR CG  CD1  doub Y N 358 
TYR CG  CD2  sing Y N 359 
TYR CD1 CE1  sing Y N 360 
TYR CD1 HD1  sing N N 361 
TYR CD2 CE2  doub Y N 362 
TYR CD2 HD2  sing N N 363 
TYR CE1 CZ   doub Y N 364 
TYR CE1 HE1  sing N N 365 
TYR CE2 CZ   sing Y N 366 
TYR CE2 HE2  sing N N 367 
TYR CZ  OH   sing N N 368 
TYR OH  HH   sing N N 369 
TYR OXT HXT  sing N N 370 
VAL N   CA   sing N N 371 
VAL N   H    sing N N 372 
VAL N   H2   sing N N 373 
VAL CA  C    sing N N 374 
VAL CA  CB   sing N N 375 
VAL CA  HA   sing N N 376 
VAL C   O    doub N N 377 
VAL C   OXT  sing N N 378 
VAL CB  CG1  sing N N 379 
VAL CB  CG2  sing N N 380 
VAL CB  HB   sing N N 381 
VAL CG1 HG11 sing N N 382 
VAL CG1 HG12 sing N N 383 
VAL CG1 HG13 sing N N 384 
VAL CG2 HG21 sing N N 385 
VAL CG2 HG22 sing N N 386 
VAL CG2 HG23 sing N N 387 
VAL OXT HXT  sing N N 388 
# 
_pdbx_entity_instance_feature.ordinal        1 
_pdbx_entity_instance_feature.comp_id        GOL 
_pdbx_entity_instance_feature.asym_id        ? 
_pdbx_entity_instance_feature.seq_num        ? 
_pdbx_entity_instance_feature.auth_comp_id   GOL 
_pdbx_entity_instance_feature.auth_asym_id   ? 
_pdbx_entity_instance_feature.auth_seq_num   ? 
_pdbx_entity_instance_feature.feature_type   'SUBJECT OF INVESTIGATION' 
_pdbx_entity_instance_feature.details        ? 
# 
_pdbx_initial_refinement_model.id               1 
_pdbx_initial_refinement_model.entity_id_list   ? 
_pdbx_initial_refinement_model.type             'experimental model' 
_pdbx_initial_refinement_model.source_name      PDB 
_pdbx_initial_refinement_model.accession_code   5G49 
_pdbx_initial_refinement_model.details          ? 
# 
_atom_sites.entry_id                    6R0L 
_atom_sites.Cartn_transf_matrix[1][1]   ? 
_atom_sites.Cartn_transf_matrix[1][2]   ? 
_atom_sites.Cartn_transf_matrix[1][3]   ? 
_atom_sites.Cartn_transf_matrix[2][1]   ? 
_atom_sites.Cartn_transf_matrix[2][2]   ? 
_atom_sites.Cartn_transf_matrix[2][3]   ? 
_atom_sites.Cartn_transf_matrix[3][1]   ? 
_atom_sites.Cartn_transf_matrix[3][2]   ? 
_atom_sites.Cartn_transf_matrix[3][3]   ? 
_atom_sites.Cartn_transf_vector[1]      ? 
_atom_sites.Cartn_transf_vector[2]      ? 
_atom_sites.Cartn_transf_vector[3]      ? 
_atom_sites.fract_transf_matrix[1][1]   -0.01401516 
_atom_sites.fract_transf_matrix[1][2]   0.00447504 
_atom_sites.fract_transf_matrix[1][3]   0.00403874 
_atom_sites.fract_transf_matrix[2][1]   -0.00638495 
_atom_sites.fract_transf_matrix[2][2]   -0.02741478 
_atom_sites.fract_transf_matrix[2][3]   0.00821943 
_atom_sites.fract_transf_matrix[3][1]   0.00362219 
_atom_sites.fract_transf_matrix[3][2]   0.00339214 
_atom_sites.fract_transf_matrix[3][3]   0.01412777 
_atom_sites.fract_transf_vector[1]      0.321815 
_atom_sites.fract_transf_vector[2]      0.346068 
_atom_sites.fract_transf_vector[3]      0.107149 
_atom_sites.solution_primary            ? 
_atom_sites.solution_secondary          ? 
_atom_sites.solution_hydrogens          ? 
_atom_sites.special_details             ? 
# 
loop_
_atom_type.symbol 
C 
N 
O 
S 
# 
loop_
_atom_site.group_PDB 
_atom_site.id 
_atom_site.type_symbol 
_atom_site.label_atom_id 
_atom_site.label_alt_id 
_atom_site.label_comp_id 
_atom_site.label_asym_id 
_atom_site.label_entity_id 
_atom_site.label_seq_id 
_atom_site.pdbx_PDB_ins_code 
_atom_site.Cartn_x 
_atom_site.Cartn_y 
_atom_site.Cartn_z 
_atom_site.occupancy 
_atom_site.B_iso_or_equiv 
_atom_site.pdbx_formal_charge 
_atom_site.auth_seq_id 
_atom_site.auth_comp_id 
_atom_site.auth_asym_id 
_atom_site.auth_atom_id 
_atom_site.pdbx_PDB_model_num 
ATOM   1    N N   . ASP A 1 1  ? -9.361  10.308  -11.701 1.00 67.08  ? 60  ASP A N   1 
ATOM   2    C CA  . ASP A 1 1  ? -8.929  8.954   -12.166 1.00 65.94  ? 60  ASP A CA  1 
ATOM   3    C C   . ASP A 1 1  ? -8.219  8.206   -11.020 1.00 67.87  ? 60  ASP A C   1 
ATOM   4    O O   . ASP A 1 1  ? -7.525  7.214   -11.306 1.00 70.74  ? 60  ASP A O   1 
ATOM   5    C CB  . ASP A 1 1  ? -8.062  9.077   -13.425 1.00 64.26  ? 60  ASP A CB  1 
ATOM   6    C CG  . ASP A 1 1  ? -8.291  7.984   -14.456 1.00 61.62  ? 60  ASP A CG  1 
ATOM   7    O OD1 . ASP A 1 1  ? -8.362  8.325   -15.651 1.00 58.46  ? 60  ASP A OD1 1 
ATOM   8    O OD2 . ASP A 1 1  ? -8.381  6.802   -14.060 1.00 59.29  ? 60  ASP A OD2 1 
ATOM   9    N N   . ARG A 1 2  ? -8.403  8.626   -9.763  1.00 68.25  ? 61  ARG A N   1 
ATOM   10   C CA  . ARG A 1 2  ? -7.903  7.893   -8.571  1.00 65.17  ? 61  ARG A CA  1 
ATOM   11   C C   . ARG A 1 2  ? -8.786  6.662   -8.360  1.00 66.50  ? 61  ARG A C   1 
ATOM   12   O O   . ARG A 1 2  ? -9.600  6.681   -7.421  1.00 69.55  ? 61  ARG A O   1 
ATOM   13   C CB  . ARG A 1 2  ? -7.953  8.784   -7.329  1.00 64.36  ? 61  ARG A CB  1 
ATOM   14   C CG  . ARG A 1 2  ? -7.278  8.186   -6.100  1.00 66.68  ? 61  ARG A CG  1 
ATOM   15   C CD  . ARG A 1 2  ? -6.079  8.999   -5.652  1.00 69.04  ? 61  ARG A CD  1 
ATOM   16   N NE  . ARG A 1 2  ? -6.474  10.247  -5.009  1.00 70.63  ? 61  ARG A NE  1 
ATOM   17   C CZ  . ARG A 1 2  ? -5.640  11.220  -4.646  1.00 69.29  ? 61  ARG A CZ  1 
ATOM   18   N NH1 . ARG A 1 2  ? -6.117  12.310  -4.067  1.00 68.99  ? 61  ARG A NH1 1 
ATOM   19   N NH2 . ARG A 1 2  ? -4.337  11.101  -4.855  1.00 67.43  ? 61  ARG A NH2 1 
ATOM   20   N N   . PHE A 1 3  ? -8.662  5.639   -9.205  1.00 65.47  ? 62  PHE A N   1 
ATOM   21   C CA  . PHE A 1 3  ? -9.529  4.431   -9.132  1.00 62.57  ? 62  PHE A CA  1 
ATOM   22   C C   . PHE A 1 3  ? -9.216  3.675   -7.842  1.00 60.86  ? 62  PHE A C   1 
ATOM   23   O O   . PHE A 1 3  ? -8.112  3.844   -7.276  1.00 55.09  ? 62  PHE A O   1 
ATOM   24   C CB  . PHE A 1 3  ? -9.353  3.490   -10.325 1.00 62.33  ? 62  PHE A CB  1 
ATOM   25   C CG  . PHE A 1 3  ? -10.203 3.800   -11.531 1.00 63.49  ? 62  PHE A CG  1 
ATOM   26   C CD1 . PHE A 1 3  ? -11.401 4.496   -11.425 1.00 62.93  ? 62  PHE A CD1 1 
ATOM   27   C CD2 . PHE A 1 3  ? -9.807  3.369   -12.787 1.00 65.43  ? 62  PHE A CD2 1 
ATOM   28   C CE1 . PHE A 1 3  ? -12.159 4.780   -12.548 1.00 64.34  ? 62  PHE A CE1 1 
ATOM   29   C CE2 . PHE A 1 3  ? -10.586 3.626   -13.907 1.00 67.47  ? 62  PHE A CE2 1 
ATOM   30   C CZ  . PHE A 1 3  ? -11.756 4.339   -13.788 1.00 66.55  ? 62  PHE A CZ  1 
ATOM   31   N N   . LEU A 1 4  ? -10.157 2.864   -7.376  1.00 64.12  ? 63  LEU A N   1 
ATOM   32   C CA  . LEU A 1 4  ? -9.949  2.062   -6.148  1.00 69.01  ? 63  LEU A CA  1 
ATOM   33   C C   . LEU A 1 4  ? -9.463  0.669   -6.530  1.00 64.83  ? 63  LEU A C   1 
ATOM   34   O O   . LEU A 1 4  ? -9.802  0.166   -7.603  1.00 60.13  ? 63  LEU A O   1 
ATOM   35   C CB  . LEU A 1 4  ? -11.259 1.984   -5.367  1.00 73.03  ? 63  LEU A CB  1 
ATOM   36   C CG  . LEU A 1 4  ? -11.700 3.266   -4.654  1.00 79.09  ? 63  LEU A CG  1 
ATOM   37   C CD1 . LEU A 1 4  ? -12.875 2.960   -3.742  1.00 170.12 ? 63  LEU A CD1 1 
ATOM   38   C CD2 . LEU A 1 4  ? -10.631 3.883   -3.785  1.00 78.44  ? 63  LEU A CD2 1 
ATOM   39   N N   . PRO A 1 5  ? -8.698  -0.002  -5.638  1.00 59.95  ? 64  PRO A N   1 
ATOM   40   C CA  . PRO A 1 5  ? -8.320  -1.394  -5.845  1.00 57.56  ? 64  PRO A CA  1 
ATOM   41   C C   . PRO A 1 5  ? -9.538  -2.284  -5.581  1.00 55.29  ? 64  PRO A C   1 
ATOM   42   O O   . PRO A 1 5  ? -10.563 -1.795  -5.176  1.00 54.46  ? 64  PRO A O   1 
ATOM   43   C CB  . PRO A 1 5  ? -7.245  -1.611  -4.777  1.00 56.46  ? 64  PRO A CB  1 
ATOM   44   C CG  . PRO A 1 5  ? -7.725  -0.742  -3.639  1.00 57.20  ? 64  PRO A CG  1 
ATOM   45   C CD  . PRO A 1 5  ? -8.252  0.497   -4.323  1.00 58.26  ? 64  PRO A CD  1 
ATOM   46   N N   . ILE A 1 6  ? -9.377  -3.584  -5.763  1.00 52.66  ? 65  ILE A N   1 
ATOM   47   C CA  . ILE A 1 6  ? -10.511 -4.550  -5.731  1.00 51.54  ? 65  ILE A CA  1 
ATOM   48   C C   . ILE A 1 6  ? -10.940 -4.819  -4.276  1.00 52.13  ? 65  ILE A C   1 
ATOM   49   O O   . ILE A 1 6  ? -10.248 -4.363  -3.332  1.00 50.99  ? 65  ILE A O   1 
ATOM   50   C CB  . ILE A 1 6  ? -10.100 -5.807  -6.518  1.00 51.55  ? 65  ILE A CB  1 
ATOM   51   C CG1 . ILE A 1 6  ? -11.260 -6.787  -6.726  1.00 52.55  ? 65  ILE A CG1 1 
ATOM   52   C CG2 . ILE A 1 6  ? -8.882  -6.458  -5.882  1.00 52.03  ? 65  ILE A CG2 1 
ATOM   53   C CD1 . ILE A 1 6  ? -11.089 -7.699  -7.925  1.00 51.20  ? 65  ILE A CD1 1 
ATOM   54   N N   . ALA A 1 7  ? -12.088 -5.489  -4.114  1.00 49.35  ? 66  ALA A N   1 
ATOM   55   C CA  . ALA A 1 7  ? -12.643 -5.977  -2.829  1.00 44.72  ? 66  ALA A CA  1 
ATOM   56   C C   . ALA A 1 7  ? -11.727 -7.056  -2.257  1.00 40.08  ? 66  ALA A C   1 
ATOM   57   O O   . ALA A 1 7  ? -11.984 -7.513  -1.135  1.00 38.96  ? 66  ALA A O   1 
ATOM   58   C CB  . ALA A 1 7  ? -14.033 -6.518  -3.048  1.00 45.91  ? 66  ALA A CB  1 
ATOM   59   N N   . ASN A 1 8  ? -10.705 -7.445  -3.018  1.00 35.50  ? 67  ASN A N   1 
ATOM   60   C CA  . ASN A 1 8  ? -9.705  -8.441  -2.571  1.00 33.41  ? 67  ASN A CA  1 
ATOM   61   C C   . ASN A 1 8  ? -8.939  -7.876  -1.370  1.00 30.31  ? 67  ASN A C   1 
ATOM   62   O O   . ASN A 1 8  ? -8.226  -8.639  -0.721  1.00 30.41  ? 67  ASN A O   1 
ATOM   63   C CB  . ASN A 1 8  ? -8.795  -8.885  -3.718  1.00 34.31  ? 67  ASN A CB  1 
ATOM   64   C CG  . ASN A 1 8  ? -9.574  -9.403  -4.911  1.00 33.98  ? 67  ASN A CG  1 
ATOM   65   O OD1 . ASN A 1 8  ? -9.013  -9.579  -5.989  1.00 32.70  ? 67  ASN A OD1 1 
ATOM   66   N ND2 . ASN A 1 8  ? -10.862 -9.655  -4.727  1.00 34.64  ? 67  ASN A ND2 1 
ATOM   67   N N   . VAL A 1 9  ? -9.117  -6.597  -1.051  1.00 28.50  ? 68  VAL A N   1 
ATOM   68   C CA  . VAL A 1 9  ? -8.542  -5.994  0.187   1.00 28.14  ? 68  VAL A CA  1 
ATOM   69   C C   . VAL A 1 9  ? -9.229  -6.618  1.409   1.00 26.35  ? 68  VAL A C   1 
ATOM   70   O O   . VAL A 1 9  ? -8.513  -6.908  2.388   1.00 27.18  ? 68  VAL A O   1 
ATOM   71   C CB  . VAL A 1 9  ? -8.642  -4.457  0.172   1.00 28.33  ? 68  VAL A CB  1 
ATOM   72   C CG1 . VAL A 1 9  ? -8.209  -3.838  1.491   1.00 27.87  ? 68  VAL A CG1 1 
ATOM   73   C CG2 . VAL A 1 9  ? -7.824  -3.876  -0.972  1.00 28.26  ? 68  VAL A CG2 1 
ATOM   74   N N   . SER A 1 10 ? -10.549 -6.821  1.360   1.00 24.09  ? 69  SER A N   1 
ATOM   75   C CA  . SER A 1 10 ? -11.318 -7.460  2.462   1.00 22.71  ? 69  SER A CA  1 
ATOM   76   C C   . SER A 1 10 ? -10.568 -8.708  2.937   1.00 21.65  ? 69  SER A C   1 
ATOM   77   O O   . SER A 1 10 ? -10.355 -8.854  4.155   1.00 20.83  ? 69  SER A O   1 
ATOM   78   C CB  . SER A 1 10 ? -12.732 -7.804  2.042   1.00 22.28  ? 69  SER A CB  1 
ATOM   79   O OG  . SER A 1 10 ? -12.745 -8.848  1.078   1.00 21.60  ? 69  SER A OG  1 
ATOM   80   N N   . ARG A 1 11 ? -10.190 -9.560  1.987   1.00 21.18  ? 70  ARG A N   1 
ATOM   81   C CA  . ARG A 1 11 ? -9.715  -10.938 2.247   1.00 20.77  ? 70  ARG A CA  1 
ATOM   82   C C   . ARG A 1 11 ? -8.275  -10.859 2.730   1.00 19.20  ? 70  ARG A C   1 
ATOM   83   O O   . ARG A 1 11 ? -7.869  -11.713 3.531   1.00 18.90  ? 70  ARG A O   1 
ATOM   84   C CB  . ARG A 1 11 ? -9.834  -11.786 0.983   1.00 21.82  ? 70  ARG A CB  1 
ATOM   85   C CG  . ARG A 1 11 ? -11.259 -11.909 0.461   1.00 23.40  ? 70  ARG A CG  1 
ATOM   86   C CD  . ARG A 1 11 ? -11.851 -13.297 0.671   1.00 24.10  ? 70  ARG A CD  1 
ATOM   87   N NE  . ARG A 1 11 ? -13.201 -13.385 0.123   1.00 24.86  ? 70  ARG A NE  1 
ATOM   88   C CZ  . ARG A 1 11 ? -13.945 -14.489 0.061   1.00 24.92  ? 70  ARG A CZ  1 
ATOM   89   N NH1 . ARG A 1 11 ? -13.483 -15.644 0.515   1.00 24.94  ? 70  ARG A NH1 1 
ATOM   90   N NH2 . ARG A 1 11 ? -15.158 -14.432 -0.464  1.00 24.88  ? 70  ARG A NH2 1 
ATOM   91   N N   . ILE A 1 12 ? -7.535  -9.868  2.262   1.00 17.59  ? 71  ILE A N   1 
ATOM   92   C CA  . ILE A 1 12 ? -6.136  -9.705  2.731   1.00 16.25  ? 71  ILE A CA  1 
ATOM   93   C C   . ILE A 1 12 ? -6.192  -9.293  4.201   1.00 15.58  ? 71  ILE A C   1 
ATOM   94   O O   . ILE A 1 12 ? -5.354  -9.765  4.982   1.00 15.34  ? 71  ILE A O   1 
ATOM   95   C CB  . ILE A 1 12 ? -5.359  -8.717  1.848   1.00 16.11  ? 71  ILE A CB  1 
ATOM   96   C CG1 . ILE A 1 12 ? -5.412  -9.151  0.376   1.00 15.93  ? 71  ILE A CG1 1 
ATOM   97   C CG2 . ILE A 1 12 ? -3.927  -8.569  2.351   1.00 15.82  ? 71  ILE A CG2 1 
ATOM   98   C CD1 . ILE A 1 12 ? -4.776  -8.182  -0.602  1.00 15.35  ? 71  ILE A CD1 1 
ATOM   99   N N   . MET A 1 13 ? -7.155  -8.460  4.572   1.00 15.08  ? 72  MET A N   1 
ATOM   100  C CA  . MET A 1 13 ? -7.280  -8.013  5.977   1.00 15.26  ? 72  MET A CA  1 
ATOM   101  C C   . MET A 1 13 ? -7.687  -9.197  6.851   1.00 15.36  ? 72  MET A C   1 
ATOM   102  O O   . MET A 1 13 ? -7.162  -9.305  7.970   1.00 14.69  ? 72  MET A O   1 
ATOM   103  C CB  . MET A 1 13 ? -8.302  -6.881  6.108   1.00 15.86  ? 72  MET A CB  1 
ATOM   104  C CG  . MET A 1 13 ? -7.699  -5.525  5.837   1.00 16.15  ? 72  MET A CG  1 
ATOM   105  S SD  . MET A 1 13 ? -8.874  -4.173  5.914   1.00 16.61  ? 72  MET A SD  1 
ATOM   106  C CE  . MET A 1 13 ? -9.812  -4.485  4.426   1.00 16.80  ? 72  MET A CE  1 
ATOM   107  N N   . LYS A 1 14 ? -8.579  -10.057 6.362   1.00 15.70  ? 73  LYS A N   1 
ATOM   108  C CA  . LYS A 1 14 ? -9.099  -11.194 7.168   1.00 15.77  ? 73  LYS A CA  1 
ATOM   109  C C   . LYS A 1 14 ? -7.958  -12.161 7.493   1.00 15.96  ? 73  LYS A C   1 
ATOM   110  O O   . LYS A 1 14 ? -7.882  -12.631 8.632   1.00 15.12  ? 73  LYS A O   1 
ATOM   111  C CB  . LYS A 1 14 ? -10.235 -11.896 6.429   1.00 15.83  ? 73  LYS A CB  1 
ATOM   112  C CG  . LYS A 1 14 ? -11.491 -11.055 6.283   1.00 16.17  ? 73  LYS A CG  1 
ATOM   113  C CD  . LYS A 1 14 ? -12.550 -11.673 5.406   1.00 16.20  ? 73  LYS A CD  1 
ATOM   114  C CE  . LYS A 1 14 ? -13.855 -10.907 5.461   1.00 16.28  ? 73  LYS A CE  1 
ATOM   115  N NZ  . LYS A 1 14 ? -14.953 -11.647 4.793   1.00 16.32  ? 73  LYS A NZ  1 
ATOM   116  N N   . ARG A 1 15 ? -7.091  -12.443 6.525   1.00 17.04  ? 74  ARG A N   1 
ATOM   117  C CA  . ARG A 1 15 ? -5.951  -13.364 6.742   1.00 18.14  ? 74  ARG A CA  1 
ATOM   118  C C   . ARG A 1 15 ? -4.909  -12.704 7.648   1.00 17.70  ? 74  ARG A C   1 
ATOM   119  O O   . ARG A 1 15 ? -4.133  -13.454 8.249   1.00 17.79  ? 74  ARG A O   1 
ATOM   120  C CB  . ARG A 1 15 ? -5.341  -13.791 5.410   1.00 19.32  ? 74  ARG A CB  1 
ATOM   121  C CG  . ARG A 1 15 ? -6.214  -14.775 4.645   1.00 20.67  ? 74  ARG A CG  1 
ATOM   122  C CD  . ARG A 1 15 ? -6.372  -14.398 3.183   1.00 22.01  ? 74  ARG A CD  1 
ATOM   123  N NE  . ARG A 1 15 ? -5.082  -14.251 2.512   1.00 23.00  ? 74  ARG A NE  1 
ATOM   124  C CZ  . ARG A 1 15 ? -4.908  -13.788 1.277   1.00 23.70  ? 74  ARG A CZ  1 
ATOM   125  N NH1 . ARG A 1 15 ? -5.948  -13.426 0.540   1.00 23.73  ? 74  ARG A NH1 1 
ATOM   126  N NH2 . ARG A 1 15 ? -3.683  -13.679 0.788   1.00 24.23  ? 74  ARG A NH2 1 
ATOM   127  N N   . SER A 1 16 ? -4.883  -11.374 7.735   1.00 17.32  ? 75  SER A N   1 
ATOM   128  C CA  . SER A 1 16 ? -3.893  -10.624 8.553   1.00 17.34  ? 75  SER A CA  1 
ATOM   129  C C   . SER A 1 16 ? -4.237  -10.737 10.041  1.00 16.83  ? 75  SER A C   1 
ATOM   130  O O   . SER A 1 16 ? -3.310  -10.675 10.876  1.00 15.71  ? 75  SER A O   1 
ATOM   131  C CB  . SER A 1 16 ? -3.809  -9.182  8.139   1.00 17.29  ? 75  SER A CB  1 
ATOM   132  O OG  . SER A 1 16 ? -3.827  -9.068  6.730   1.00 17.60  ? 75  SER A OG  1 
ATOM   133  N N   . LEU A 1 17 ? -5.519  -10.905 10.358  1.00 16.36  ? 76  LEU A N   1 
ATOM   134  C CA  . LEU A 1 17 ? -6.014  -10.854 11.751  1.00 16.58  ? 76  LEU A CA  1 
ATOM   135  C C   . LEU A 1 17 ? -6.237  -12.265 12.271  1.00 17.71  ? 76  LEU A C   1 
ATOM   136  O O   . LEU A 1 17 ? -6.455  -13.206 11.505  1.00 16.88  ? 76  LEU A O   1 
ATOM   137  C CB  . LEU A 1 17 ? -7.310  -10.043 11.787  1.00 15.82  ? 76  LEU A CB  1 
ATOM   138  C CG  . LEU A 1 17 ? -7.201  -8.669  11.129  1.00 15.33  ? 76  LEU A CG  1 
ATOM   139  C CD1 . LEU A 1 17 ? -8.571  -8.034  10.928  1.00 15.20  ? 76  LEU A CD1 1 
ATOM   140  C CD2 . LEU A 1 17 ? -6.290  -7.769  11.934  1.00 14.42  ? 76  LEU A CD2 1 
ATOM   141  N N   . PRO A 1 18 ? -6.185  -12.440 13.606  1.00 19.12  ? 77  PRO A N   1 
ATOM   142  C CA  . PRO A 1 18 ? -6.562  -13.708 14.218  1.00 20.26  ? 77  PRO A CA  1 
ATOM   143  C C   . PRO A 1 18 ? -8.001  -14.130 13.888  1.00 21.29  ? 77  PRO A C   1 
ATOM   144  O O   . PRO A 1 18 ? -8.784  -13.353 13.341  1.00 22.10  ? 77  PRO A O   1 
ATOM   145  C CB  . PRO A 1 18 ? -6.398  -13.441 15.720  1.00 20.19  ? 77  PRO A CB  1 
ATOM   146  C CG  . PRO A 1 18 ? -5.409  -12.301 15.798  1.00 19.69  ? 77  PRO A CG  1 
ATOM   147  C CD  . PRO A 1 18 ? -5.711  -11.453 14.584  1.00 19.24  ? 77  PRO A CD  1 
ATOM   148  N N   . ALA A 1 19 ? -8.326  -15.373 14.227  1.00 21.70  ? 78  ALA A N   1 
ATOM   149  C CA  . ALA A 1 19 ? -9.630  -15.994 13.907  1.00 21.91  ? 78  ALA A CA  1 
ATOM   150  C C   . ALA A 1 19 ? -10.734 -15.349 14.747  1.00 21.66  ? 78  ALA A C   1 
ATOM   151  O O   . ALA A 1 19 ? -11.845 -15.176 14.215  1.00 21.95  ? 78  ALA A O   1 
ATOM   152  C CB  . ALA A 1 19 ? -9.553  -17.484 14.128  1.00 22.51  ? 78  ALA A CB  1 
ATOM   153  N N   . ASN A 1 20 ? -10.427 -14.979 15.996  1.00 21.49  ? 79  ASN A N   1 
ATOM   154  C CA  . ASN A 1 20 ? -11.406 -14.383 16.943  1.00 21.31  ? 79  ASN A CA  1 
ATOM   155  C C   . ASN A 1 20 ? -11.630 -12.900 16.628  1.00 21.66  ? 79  ASN A C   1 
ATOM   156  O O   . ASN A 1 20 ? -12.257 -12.232 17.459  1.00 21.22  ? 79  ASN A O   1 
ATOM   157  C CB  . ASN A 1 20 ? -10.952 -14.538 18.397  1.00 21.13  ? 79  ASN A CB  1 
ATOM   158  C CG  . ASN A 1 20 ? -9.675  -13.780 18.696  1.00 21.45  ? 79  ASN A CG  1 
ATOM   159  O OD1 . ASN A 1 20 ? -8.611  -14.156 18.214  1.00 21.08  ? 79  ASN A OD1 1 
ATOM   160  N ND2 . ASN A 1 20 ? -9.769  -12.709 19.472  1.00 21.34  ? 79  ASN A ND2 1 
ATOM   161  N N   . ALA A 1 21 ? -11.112 -12.392 15.506  1.00 22.91  ? 80  ALA A N   1 
ATOM   162  C CA  . ALA A 1 21 ? -11.146 -10.954 15.165  1.00 25.19  ? 80  ALA A CA  1 
ATOM   163  C C   . ALA A 1 21 ? -11.962 -10.764 13.891  1.00 27.63  ? 80  ALA A C   1 
ATOM   164  O O   . ALA A 1 21 ? -11.707 -11.480 12.900  1.00 28.40  ? 80  ALA A O   1 
ATOM   165  C CB  . ALA A 1 21 ? -9.747  -10.419 15.013  1.00 24.93  ? 80  ALA A CB  1 
ATOM   166  N N   . LYS A 1 22 ? -12.922 -9.844  13.931  1.00 30.95  ? 81  LYS A N   1 
ATOM   167  C CA  . LYS A 1 22 ? -13.766 -9.525  12.759  1.00 34.12  ? 81  LYS A CA  1 
ATOM   168  C C   . LYS A 1 22 ? -13.736 -8.025  12.481  1.00 33.82  ? 81  LYS A C   1 
ATOM   169  O O   . LYS A 1 22 ? -13.343 -7.238  13.351  1.00 33.43  ? 81  LYS A O   1 
ATOM   170  C CB  . LYS A 1 22 ? -15.183 -10.068 12.930  1.00 36.68  ? 81  LYS A CB  1 
ATOM   171  C CG  . LYS A 1 22 ? -15.534 -11.148 11.917  1.00 40.14  ? 81  LYS A CG  1 
ATOM   172  C CD  . LYS A 1 22 ? -14.937 -12.507 12.243  1.00 43.13  ? 81  LYS A CD  1 
ATOM   173  C CE  . LYS A 1 22 ? -14.715 -13.379 11.022  1.00 44.38  ? 81  LYS A CE  1 
ATOM   174  N NZ  . LYS A 1 22 ? -14.231 -14.729 11.399  1.00 45.13  ? 81  LYS A NZ  1 
ATOM   175  N N   . ILE A 1 23 ? -14.148 -7.664  11.276  1.00 33.80  ? 82  ILE A N   1 
ATOM   176  C CA  . ILE A 1 23 ? -13.802 -6.364  10.647  1.00 34.72  ? 82  ILE A CA  1 
ATOM   177  C C   . ILE A 1 23 ? -15.092 -5.636  10.275  1.00 33.76  ? 82  ILE A C   1 
ATOM   178  O O   . ILE A 1 23 ? -16.098 -6.298  9.941   1.00 34.24  ? 82  ILE A O   1 
ATOM   179  C CB  . ILE A 1 23 ? -12.881 -6.583  9.430   1.00 35.98  ? 82  ILE A CB  1 
ATOM   180  C CG1 . ILE A 1 23 ? -12.437 -5.248  8.829   1.00 36.81  ? 82  ILE A CG1 1 
ATOM   181  C CG2 . ILE A 1 23 ? -13.550 -7.478  8.392   1.00 36.43  ? 82  ILE A CG2 1 
ATOM   182  C CD1 . ILE A 1 23 ? -11.730 -5.366  7.506   1.00 38.44  ? 82  ILE A CD1 1 
ATOM   183  N N   . SER A 1 24 ? -15.034 -4.309  10.278  1.00 32.96  ? 83  SER A N   1 
ATOM   184  C CA  . SER A 1 24 ? -16.201 -3.426  10.055  1.00 31.85  ? 83  SER A CA  1 
ATOM   185  C C   . SER A 1 24 ? -16.409 -3.149  8.563   1.00 32.49  ? 83  SER A C   1 
ATOM   186  O O   . SER A 1 24 ? -15.520 -3.417  7.741   1.00 31.08  ? 83  SER A O   1 
ATOM   187  C CB  . SER A 1 24 ? -16.076 -2.156  10.838  1.00 30.89  ? 83  SER A CB  1 
ATOM   188  O OG  . SER A 1 24 ? -16.837 -1.124  10.236  1.00 30.41  ? 83  SER A OG  1 
ATOM   189  N N   . LYS A 1 25 ? -17.589 -2.637  8.246   1.00 34.93  ? 84  LYS A N   1 
ATOM   190  C CA  . LYS A 1 25 ? -18.015 -2.234  6.882   1.00 34.95  ? 84  LYS A CA  1 
ATOM   191  C C   . LYS A 1 25 ? -17.059 -1.181  6.301   1.00 34.15  ? 84  LYS A C   1 
ATOM   192  O O   . LYS A 1 25 ? -16.566 -1.391  5.190   1.00 34.00  ? 84  LYS A O   1 
ATOM   193  C CB  . LYS A 1 25 ? -19.466 -1.737  6.914   1.00 36.24  ? 84  LYS A CB  1 
ATOM   194  C CG  . LYS A 1 25 ? -19.780 -0.591  7.879   1.00 36.26  ? 84  LYS A CG  1 
ATOM   195  C CD  . LYS A 1 25 ? -19.918 -0.995  9.337   1.00 36.00  ? 84  LYS A CD  1 
ATOM   196  C CE  . LYS A 1 25 ? -20.060 0.196   10.259  1.00 36.71  ? 84  LYS A CE  1 
ATOM   197  N NZ  . LYS A 1 25 ? -20.194 -0.214  11.682  1.00 37.45  ? 84  LYS A NZ  1 
ATOM   198  N N   . GLU A 1 26 ? -16.804 -0.092  7.024   1.00 32.64  ? 85  GLU A N   1 
ATOM   199  C CA  . GLU A 1 26 ? -16.090 1.093   6.488   1.00 30.54  ? 85  GLU A CA  1 
ATOM   200  C C   . GLU A 1 26 ? -14.597 1.036   6.819   1.00 27.51  ? 85  GLU A C   1 
ATOM   201  O O   . GLU A 1 26 ? -13.824 1.773   6.176   1.00 27.02  ? 85  GLU A O   1 
ATOM   202  C CB  . GLU A 1 26 ? -16.709 2.374   7.037   1.00 31.18  ? 85  GLU A CB  1 
ATOM   203  C CG  . GLU A 1 26 ? -17.727 3.028   6.120   1.00 29.98  ? 85  GLU A CG  1 
ATOM   204  C CD  . GLU A 1 26 ? -18.055 4.456   6.532   1.00 29.03  ? 85  GLU A CD  1 
ATOM   205  O OE1 . GLU A 1 26 ? -18.094 4.724   7.760   1.00 28.20  ? 85  GLU A OE1 1 
ATOM   206  O OE2 . GLU A 1 26 ? -18.231 5.306   5.633   1.00 26.47  ? 85  GLU A OE2 1 
ATOM   207  N N   . SER A 1 27 ? -14.186 0.222   7.785   1.00 25.49  ? 86  SER A N   1 
ATOM   208  C CA  . SER A 1 27 ? -12.743 -0.049  8.013   1.00 25.06  ? 86  SER A CA  1 
ATOM   209  C C   . SER A 1 27 ? -12.194 -0.823  6.809   1.00 24.92  ? 86  SER A C   1 
ATOM   210  O O   . SER A 1 27 ? -11.003 -0.671  6.492   1.00 24.65  ? 86  SER A O   1 
ATOM   211  C CB  . SER A 1 27 ? -12.494 -0.773  9.300   1.00 23.59  ? 86  SER A CB  1 
ATOM   212  O OG  . SER A 1 27 ? -12.774 -2.153  9.159   1.00 22.91  ? 86  SER A OG  1 
ATOM   213  N N   . LYS A 1 28 ? -13.032 -1.629  6.163   1.00 25.01  ? 87  LYS A N   1 
ATOM   214  C CA  . LYS A 1 28 ? -12.693 -2.244  4.856   1.00 25.92  ? 87  LYS A CA  1 
ATOM   215  C C   . LYS A 1 28 ? -12.359 -1.131  3.863   1.00 25.22  ? 87  LYS A C   1 
ATOM   216  O O   . LYS A 1 28 ? -11.340 -1.232  3.153   1.00 26.38  ? 87  LYS A O   1 
ATOM   217  C CB  . LYS A 1 28 ? -13.849 -3.079  4.314   1.00 28.06  ? 87  LYS A CB  1 
ATOM   218  C CG  . LYS A 1 28 ? -13.709 -4.580  4.505   1.00 29.34  ? 87  LYS A CG  1 
ATOM   219  C CD  . LYS A 1 28 ? -14.877 -5.358  3.941   1.00 29.88  ? 87  LYS A CD  1 
ATOM   220  C CE  . LYS A 1 28 ? -15.835 -5.856  5.002   1.00 31.53  ? 87  LYS A CE  1 
ATOM   221  N NZ  . LYS A 1 28 ? -16.507 -7.105  4.581   1.00 33.24  ? 87  LYS A NZ  1 
ATOM   222  N N   . GLU A 1 29 ? -13.172 -0.088  3.840   1.00 23.68  ? 88  GLU A N   1 
ATOM   223  C CA  . GLU A 1 29 ? -13.084 0.954   2.793   1.00 22.93  ? 88  GLU A CA  1 
ATOM   224  C C   . GLU A 1 29 ? -11.947 1.913   3.117   1.00 20.86  ? 88  GLU A C   1 
ATOM   225  O O   . GLU A 1 29 ? -11.263 2.364   2.180   1.00 21.88  ? 88  GLU A O   1 
ATOM   226  C CB  . GLU A 1 29 ? -14.402 1.702   2.707   1.00 24.57  ? 88  GLU A CB  1 
ATOM   227  C CG  . GLU A 1 29 ? -15.576 0.764   2.786   1.00 26.46  ? 88  GLU A CG  1 
ATOM   228  C CD  . GLU A 1 29 ? -16.839 1.366   2.216   1.00 27.63  ? 88  GLU A CD  1 
ATOM   229  O OE1 . GLU A 1 29 ? -17.342 2.346   2.800   1.00 28.53  ? 88  GLU A OE1 1 
ATOM   230  O OE2 . GLU A 1 29 ? -17.292 0.866   1.185   1.00 29.78  ? 88  GLU A OE2 1 
ATOM   231  N N   . THR A 1 30 ? -11.764 2.247   4.388   1.00 18.62  ? 89  THR A N   1 
ATOM   232  C CA  . THR A 1 30 ? -10.685 3.179   4.797   1.00 17.34  ? 89  THR A CA  1 
ATOM   233  C C   . THR A 1 30 ? -9.353  2.622   4.285   1.00 16.29  ? 89  THR A C   1 
ATOM   234  O O   . THR A 1 30 ? -8.516  3.411   3.809   1.00 16.08  ? 89  THR A O   1 
ATOM   235  C CB  . THR A 1 30 ? -10.658 3.375   6.314   1.00 16.62  ? 89  THR A CB  1 
ATOM   236  O OG1 . THR A 1 30 ? -11.990 3.673   6.727   1.00 16.51  ? 89  THR A OG1 1 
ATOM   237  C CG2 . THR A 1 30 ? -9.699  4.466   6.723   1.00 16.46  ? 89  THR A CG2 1 
ATOM   238  N N   . VAL A 1 31 ? -9.158  1.313   4.385   1.00 15.13  ? 90  VAL A N   1 
ATOM   239  C CA  . VAL A 1 31 ? -7.916  0.675   3.876   1.00 14.23  ? 90  VAL A CA  1 
ATOM   240  C C   . VAL A 1 31 ? -7.932  0.728   2.346   1.00 13.28  ? 90  VAL A C   1 
ATOM   241  O O   . VAL A 1 31 ? -6.864  0.968   1.760   1.00 13.29  ? 90  VAL A O   1 
ATOM   242  C CB  . VAL A 1 31 ? -7.774  -0.753  4.427   1.00 13.88  ? 90  VAL A CB  1 
ATOM   243  C CG1 . VAL A 1 31 ? -6.680  -1.519  3.715   1.00 13.83  ? 90  VAL A CG1 1 
ATOM   244  C CG2 . VAL A 1 31 ? -7.536  -0.721  5.925   1.00 13.49  ? 90  VAL A CG2 1 
ATOM   245  N N   . GLN A 1 32 ? -9.090  0.507   1.722   1.00 12.87  ? 91  GLN A N   1 
ATOM   246  C CA  . GLN A 1 32 ? -9.197  0.484   0.238   1.00 13.14  ? 91  GLN A CA  1 
ATOM   247  C C   . GLN A 1 32 ? -8.661  1.797   -0.342  1.00 12.51  ? 91  GLN A C   1 
ATOM   248  O O   . GLN A 1 32 ? -7.994  1.770   -1.387  1.00 12.30  ? 91  GLN A O   1 
ATOM   249  C CB  . GLN A 1 32 ? -10.640 0.247   -0.211  1.00 13.69  ? 91  GLN A CB  1 
ATOM   250  C CG  . GLN A 1 32 ? -11.083 -1.205  -0.108  1.00 14.41  ? 91  GLN A CG  1 
ATOM   251  C CD  . GLN A 1 32 ? -12.050 -1.595  -1.204  1.00 15.30  ? 91  GLN A CD  1 
ATOM   252  O OE1 . GLN A 1 32 ? -12.056 -1.012  -2.293  1.00 15.91  ? 91  GLN A OE1 1 
ATOM   253  N NE2 . GLN A 1 32 ? -12.878 -2.591  -0.920  1.00 15.40  ? 91  GLN A NE2 1 
ATOM   254  N N   . GLU A 1 33 ? -8.921  2.916   0.317   1.00 12.17  ? 92  GLU A N   1 
ATOM   255  C CA  . GLU A 1 33 ? -8.459  4.232   -0.188  1.00 12.32  ? 92  GLU A CA  1 
ATOM   256  C C   . GLU A 1 33 ? -7.064  4.565   0.356   1.00 11.25  ? 92  GLU A C   1 
ATOM   257  O O   . GLU A 1 33 ? -6.332  5.303   -0.320  1.00 10.48  ? 92  GLU A O   1 
ATOM   258  C CB  . GLU A 1 33 ? -9.461  5.325   0.165   1.00 13.16  ? 92  GLU A CB  1 
ATOM   259  C CG  . GLU A 1 33 ? -10.047 5.209   1.560   1.00 13.82  ? 92  GLU A CG  1 
ATOM   260  C CD  . GLU A 1 33 ? -10.886 6.419   1.938   1.00 14.51  ? 92  GLU A CD  1 
ATOM   261  O OE1 . GLU A 1 33 ? -11.932 6.238   2.609   1.00 14.15  ? 92  GLU A OE1 1 
ATOM   262  O OE2 . GLU A 1 33 ? -10.481 7.552   1.554   1.00 15.56  ? 92  GLU A OE2 1 
ATOM   263  N N   . CYS A 1 34 ? -6.709  4.060   1.535   1.00 10.44  ? 93  CYS A N   1 
ATOM   264  C CA  . CYS A 1 34 ? -5.346  4.238   2.096   1.00 9.72   ? 93  CYS A CA  1 
ATOM   265  C C   . CYS A 1 34 ? -4.343  3.477   1.226   1.00 9.35   ? 93  CYS A C   1 
ATOM   266  O O   . CYS A 1 34 ? -3.176  3.908   1.131   1.00 9.33   ? 93  CYS A O   1 
ATOM   267  C CB  . CYS A 1 34 ? -5.259  3.761   3.536   1.00 9.53   ? 93  CYS A CB  1 
ATOM   268  S SG  . CYS A 1 34 ? -6.052  4.895   4.696   1.00 8.88   ? 93  CYS A SG  1 
ATOM   269  N N   . VAL A 1 35 ? -4.767  2.378   0.617   1.00 8.65   ? 94  VAL A N   1 
ATOM   270  C CA  . VAL A 1 35 ? -3.881  1.624   -0.307  1.00 8.95   ? 94  VAL A CA  1 
ATOM   271  C C   . VAL A 1 35 ? -3.972  2.236   -1.712  1.00 8.98   ? 94  VAL A C   1 
ATOM   272  O O   . VAL A 1 35 ? -3.022  2.088   -2.497  1.00 9.10   ? 94  VAL A O   1 
ATOM   273  C CB  . VAL A 1 35 ? -4.210  0.128   -0.295  1.00 8.55   ? 94  VAL A CB  1 
ATOM   274  C CG1 . VAL A 1 35 ? -5.546  -0.171  -0.949  1.00 8.94   ? 94  VAL A CG1 1 
ATOM   275  C CG2 . VAL A 1 35 ? -3.096  -0.662  -0.951  1.00 8.89   ? 94  VAL A CG2 1 
ATOM   276  N N   . SER A 1 36 ? -5.073  2.901   -2.044  1.00 8.86   ? 95  SER A N   1 
ATOM   277  C CA  . SER A 1 36 ? -5.162  3.678   -3.309  1.00 8.50   ? 95  SER A CA  1 
ATOM   278  C C   . SER A 1 36 ? -4.217  4.884   -3.225  1.00 7.89   ? 95  SER A C   1 
ATOM   279  O O   . SER A 1 36 ? -3.550  5.199   -4.215  1.00 7.76   ? 95  SER A O   1 
ATOM   280  C CB  . SER A 1 36 ? -6.563  4.099   -3.596  1.00 8.69   ? 95  SER A CB  1 
ATOM   281  O OG  . SER A 1 36 ? -6.632  4.709   -4.875  1.00 9.00   ? 95  SER A OG  1 
ATOM   282  N N   . GLU A 1 37 ? -4.159  5.536   -2.072  1.00 7.42   ? 96  GLU A N   1 
ATOM   283  C CA  . GLU A 1 37 ? -3.199  6.642   -1.819  1.00 6.95   ? 96  GLU A CA  1 
ATOM   284  C C   . GLU A 1 37 ? -1.775  6.078   -1.811  1.00 6.69   ? 96  GLU A C   1 
ATOM   285  O O   . GLU A 1 37 ? -0.864  6.797   -2.247  1.00 6.44   ? 96  GLU A O   1 
ATOM   286  C CB  . GLU A 1 37 ? -3.487  7.336   -0.486  1.00 7.07   ? 96  GLU A CB  1 
ATOM   287  C CG  . GLU A 1 37 ? -2.822  8.694   -0.356  1.00 7.43   ? 96  GLU A CG  1 
ATOM   288  C CD  . GLU A 1 37 ? -3.606  9.850   -0.971  1.00 7.69   ? 96  GLU A CD  1 
ATOM   289  O OE1 . GLU A 1 37 ? -2.997  10.892  -1.323  1.00 7.60   ? 96  GLU A OE1 1 
ATOM   290  O OE2 . GLU A 1 37 ? -4.840  9.702   -1.092  1.00 8.30   ? 96  GLU A OE2 1 
ATOM   291  N N   . PHE A 1 38 ? -1.597  4.844   -1.331  1.00 6.25   ? 97  PHE A N   1 
ATOM   292  C CA  . PHE A 1 38 ? -0.260  4.217   -1.238  1.00 5.95   ? 97  PHE A CA  1 
ATOM   293  C C   . PHE A 1 38 ? 0.343   4.015   -2.632  1.00 5.67   ? 97  PHE A C   1 
ATOM   294  O O   . PHE A 1 38 ? 1.561   4.156   -2.761  1.00 5.59   ? 97  PHE A O   1 
ATOM   295  C CB  . PHE A 1 38 ? -0.338  2.891   -0.493  1.00 5.82   ? 97  PHE A CB  1 
ATOM   296  C CG  . PHE A 1 38 ? 0.974   2.151   -0.408  1.00 5.89   ? 97  PHE A CG  1 
ATOM   297  C CD1 . PHE A 1 38 ? 1.957   2.565   0.477   1.00 5.78   ? 97  PHE A CD1 1 
ATOM   298  C CD2 . PHE A 1 38 ? 1.218   1.046   -1.206  1.00 5.76   ? 97  PHE A CD2 1 
ATOM   299  C CE1 . PHE A 1 38 ? 3.158   1.880   0.578   1.00 5.88   ? 97  PHE A CE1 1 
ATOM   300  C CE2 . PHE A 1 38 ? 2.413   0.354   -1.106  1.00 5.74   ? 97  PHE A CE2 1 
ATOM   301  C CZ  . PHE A 1 38 ? 3.376   0.769   -0.209  1.00 5.91   ? 97  PHE A CZ  1 
ATOM   302  N N   . ILE A 1 39 ? -0.467  3.689   -3.634  1.00 5.41   ? 98  ILE A N   1 
ATOM   303  C CA  . ILE A 1 39 ? 0.046   3.417   -5.006  1.00 5.23   ? 98  ILE A CA  1 
ATOM   304  C C   . ILE A 1 39 ? 0.507   4.739   -5.614  1.00 5.13   ? 98  ILE A C   1 
ATOM   305  O O   . ILE A 1 39 ? 1.574   4.758   -6.241  1.00 5.01   ? 98  ILE A O   1 
ATOM   306  C CB  . ILE A 1 39 ? -1.013  2.719   -5.878  1.00 5.18   ? 98  ILE A CB  1 
ATOM   307  C CG1 . ILE A 1 39 ? -1.393  1.352   -5.305  1.00 5.08   ? 98  ILE A CG1 1 
ATOM   308  C CG2 . ILE A 1 39 ? -0.532  2.609   -7.319  1.00 5.07   ? 98  ILE A CG2 1 
ATOM   309  C CD1 . ILE A 1 39 ? -2.383  0.577   -6.128  1.00 5.07   ? 98  ILE A CD1 1 
ATOM   310  N N   . SER A 1 40 ? -0.265  5.807   -5.431  1.00 5.05   ? 99  SER A N   1 
ATOM   311  C CA  . SER A 1 40 ? 0.041   7.131   -6.031  1.00 4.94   ? 99  SER A CA  1 
ATOM   312  C C   . SER A 1 40 ? 1.244   7.760   -5.323  1.00 4.83   ? 99  SER A C   1 
ATOM   313  O O   . SER A 1 40 ? 2.069   8.381   -5.980  1.00 4.85   ? 99  SER A O   1 
ATOM   314  C CB  . SER A 1 40 ? -1.159  8.039   -6.028  1.00 4.93   ? 99  SER A CB  1 
ATOM   315  O OG  . SER A 1 40 ? -2.288  7.374   -6.568  1.00 5.02   ? 99  SER A OG  1 
ATOM   316  N N   . PHE A 1 41 ? 1.351   7.603   -4.020  1.00 4.89   ? 100 PHE A N   1 
ATOM   317  C CA  . PHE A 1 41 ? 2.452   8.214   -3.232  1.00 4.92   ? 100 PHE A CA  1 
ATOM   318  C C   . PHE A 1 41 ? 3.781   7.547   -3.588  1.00 4.89   ? 100 PHE A C   1 
ATOM   319  O O   . PHE A 1 41 ? 4.812   8.186   -3.488  1.00 4.79   ? 100 PHE A O   1 
ATOM   320  C CB  . PHE A 1 41 ? 2.158   8.141   -1.734  1.00 4.83   ? 100 PHE A CB  1 
ATOM   321  C CG  . PHE A 1 41 ? 3.191   8.839   -0.892  1.00 4.83   ? 100 PHE A CG  1 
ATOM   322  C CD1 . PHE A 1 41 ? 3.564   10.144  -1.166  1.00 4.76   ? 100 PHE A CD1 1 
ATOM   323  C CD2 . PHE A 1 41 ? 3.811   8.184   0.159   1.00 4.80   ? 100 PHE A CD2 1 
ATOM   324  C CE1 . PHE A 1 41 ? 4.530   10.778  -0.403  1.00 4.80   ? 100 PHE A CE1 1 
ATOM   325  C CE2 . PHE A 1 41 ? 4.759   8.829   0.935   1.00 4.74   ? 100 PHE A CE2 1 
ATOM   326  C CZ  . PHE A 1 41 ? 5.114   10.125  0.657   1.00 4.75   ? 100 PHE A CZ  1 
ATOM   327  N N   . VAL A 1 42 ? 3.746   6.290   -4.005  1.00 5.22   ? 101 VAL A N   1 
ATOM   328  C CA  . VAL A 1 42 ? 4.972   5.537   -4.396  1.00 5.37   ? 101 VAL A CA  1 
ATOM   329  C C   . VAL A 1 42 ? 5.296   5.795   -5.871  1.00 5.57   ? 101 VAL A C   1 
ATOM   330  O O   . VAL A 1 42 ? 6.473   5.985   -6.190  1.00 5.55   ? 101 VAL A O   1 
ATOM   331  C CB  . VAL A 1 42 ? 4.808   4.041   -4.092  1.00 5.25   ? 101 VAL A CB  1 
ATOM   332  C CG1 . VAL A 1 42 ? 5.890   3.211   -4.748  1.00 5.38   ? 101 VAL A CG1 1 
ATOM   333  C CG2 . VAL A 1 42 ? 4.779   3.782   -2.598  1.00 5.42   ? 101 VAL A CG2 1 
ATOM   334  N N   . THR A 1 43 ? 4.294   5.794   -6.745  1.00 5.83   ? 102 THR A N   1 
ATOM   335  C CA  . THR A 1 43 ? 4.495   6.021   -8.193  1.00 5.85   ? 102 THR A CA  1 
ATOM   336  C C   . THR A 1 43 ? 5.105   7.408   -8.411  1.00 6.16   ? 102 THR A C   1 
ATOM   337  O O   . THR A 1 43 ? 5.980   7.538   -9.265  1.00 6.29   ? 102 THR A O   1 
ATOM   338  C CB  . THR A 1 43 ? 3.174   5.881   -8.952  1.00 6.06   ? 102 THR A CB  1 
ATOM   339  O OG1 . THR A 1 43 ? 2.670   4.561   -8.727  1.00 5.99   ? 102 THR A OG1 1 
ATOM   340  C CG2 . THR A 1 43 ? 3.329   6.176   -10.428 1.00 6.09   ? 102 THR A CG2 1 
ATOM   341  N N   . GLY A 1 44 ? 4.641   8.417   -7.682  1.00 6.50   ? 103 GLY A N   1 
ATOM   342  C CA  . GLY A 1 44 ? 5.141   9.796   -7.829  1.00 6.88   ? 103 GLY A CA  1 
ATOM   343  C C   . GLY A 1 44 ? 6.601   9.915   -7.420  1.00 7.29   ? 103 GLY A C   1 
ATOM   344  O O   . GLY A 1 44 ? 7.363   10.598  -8.118  1.00 7.56   ? 103 GLY A O   1 
ATOM   345  N N   . GLU A 1 45 ? 6.999   9.277   -6.328  1.00 7.58   ? 104 GLU A N   1 
ATOM   346  C CA  . GLU A 1 45 ? 8.392   9.365   -5.838  1.00 7.89   ? 104 GLU A CA  1 
ATOM   347  C C   . GLU A 1 45 ? 9.306   8.669   -6.848  1.00 8.56   ? 104 GLU A C   1 
ATOM   348  O O   . GLU A 1 45 ? 10.383  9.208   -7.146  1.00 8.74   ? 104 GLU A O   1 
ATOM   349  C CB  . GLU A 1 45 ? 8.495   8.740   -4.455  1.00 7.92   ? 104 GLU A CB  1 
ATOM   350  C CG  . GLU A 1 45 ? 9.910   8.408   -4.037  1.00 8.18   ? 104 GLU A CG  1 
ATOM   351  C CD  . GLU A 1 45 ? 10.667  9.575   -3.437  1.00 8.26   ? 104 GLU A CD  1 
ATOM   352  O OE1 . GLU A 1 45 ? 10.221  10.707  -3.640  1.00 8.91   ? 104 GLU A OE1 1 
ATOM   353  O OE2 . GLU A 1 45 ? 11.684  9.350   -2.756  1.00 8.23   ? 104 GLU A OE2 1 
ATOM   354  N N   . ALA A 1 46 ? 8.892   7.532   -7.402  1.00 9.08   ? 105 ALA A N   1 
ATOM   355  C CA  . ALA A 1 46 ? 9.746   6.744   -8.320  1.00 9.57   ? 105 ALA A CA  1 
ATOM   356  C C   . ALA A 1 46 ? 9.773   7.412   -9.696  1.00 10.49  ? 105 ALA A C   1 
ATOM   357  O O   . ALA A 1 46 ? 10.788  7.243   -10.414 1.00 10.49  ? 105 ALA A O   1 
ATOM   358  C CB  . ALA A 1 46 ? 9.260   5.324   -8.409  1.00 9.34   ? 105 ALA A CB  1 
ATOM   359  N N   . SER A 1 47 ? 8.695   8.107   -10.069 1.00 11.55  ? 106 SER A N   1 
ATOM   360  C CA  . SER A 1 47 ? 8.593   8.824   -11.368 1.00 12.71  ? 106 SER A CA  1 
ATOM   361  C C   . SER A 1 47 ? 9.678   9.903   -11.420 1.00 13.55  ? 106 SER A C   1 
ATOM   362  O O   . SER A 1 47 ? 10.323  10.066  -12.450 1.00 13.38  ? 106 SER A O   1 
ATOM   363  C CB  . SER A 1 47 ? 7.215   9.398   -11.580 1.00 12.69  ? 106 SER A CB  1 
ATOM   364  O OG  . SER A 1 47 ? 6.276   8.362   -11.814 1.00 12.65  ? 106 SER A OG  1 
ATOM   365  N N   . ASP A 1 48 ? 9.890   10.591  -10.310 1.00 15.46  ? 107 ASP A N   1 
ATOM   366  C CA  . ASP A 1 48 ? 10.928  11.644  -10.200 1.00 17.26  ? 107 ASP A CA  1 
ATOM   367  C C   . ASP A 1 48 ? 12.302  11.018  -10.432 1.00 17.40  ? 107 ASP A C   1 
ATOM   368  O O   . ASP A 1 48 ? 13.098  11.621  -11.186 1.00 19.28  ? 107 ASP A O   1 
ATOM   369  C CB  . ASP A 1 48 ? 10.853  12.351  -8.847  1.00 19.05  ? 107 ASP A CB  1 
ATOM   370  C CG  . ASP A 1 48 ? 9.622   13.225  -8.683  1.00 20.29  ? 107 ASP A CG  1 
ATOM   371  O OD1 . ASP A 1 48 ? 9.271   13.510  -7.512  1.00 21.52  ? 107 ASP A OD1 1 
ATOM   372  O OD2 . ASP A 1 48 ? 9.028   13.620  -9.728  1.00 21.82  ? 107 ASP A OD2 1 
ATOM   373  N N   . LYS A 1 49 ? 12.579  9.859   -9.835  1.00 16.34  ? 108 LYS A N   1 
ATOM   374  C CA  . LYS A 1 49 ? 13.874  9.172   -10.067 1.00 16.05  ? 108 LYS A CA  1 
ATOM   375  C C   . LYS A 1 49 ? 13.993  8.797   -11.548 1.00 15.79  ? 108 LYS A C   1 
ATOM   376  O O   . LYS A 1 49 ? 15.084  8.978   -12.109 1.00 15.94  ? 108 LYS A O   1 
ATOM   377  C CB  . LYS A 1 49 ? 14.027  7.947   -9.166  1.00 16.12  ? 108 LYS A CB  1 
ATOM   378  C CG  . LYS A 1 49 ? 15.299  7.140   -9.383  1.00 16.08  ? 108 LYS A CG  1 
ATOM   379  C CD  . LYS A 1 49 ? 15.083  5.657   -9.197  1.00 16.14  ? 108 LYS A CD  1 
ATOM   380  C CE  . LYS A 1 49 ? 16.361  4.856   -9.300  1.00 16.33  ? 108 LYS A CE  1 
ATOM   381  N NZ  . LYS A 1 49 ? 16.076  3.404   -9.325  1.00 16.16  ? 108 LYS A NZ  1 
ATOM   382  N N   . CYS A 1 50 ? 12.925  8.289   -12.158 1.00 15.36  ? 109 CYS A N   1 
ATOM   383  C CA  . CYS A 1 50 ? 12.933  7.897   -13.589 1.00 15.42  ? 109 CYS A CA  1 
ATOM   384  C C   . CYS A 1 50 ? 13.302  9.117   -14.433 1.00 15.92  ? 109 CYS A C   1 
ATOM   385  O O   . CYS A 1 50 ? 14.099  8.970   -15.364 1.00 15.93  ? 109 CYS A O   1 
ATOM   386  C CB  . CYS A 1 50 ? 11.592  7.346   -14.049 1.00 14.53  ? 109 CYS A CB  1 
ATOM   387  S SG  . CYS A 1 50 ? 11.228  5.723   -13.357 1.00 14.24  ? 109 CYS A SG  1 
ATOM   388  N N   . GLN A 1 51 ? 12.745  10.280  -14.099 1.00 17.01  ? 110 GLN A N   1 
ATOM   389  C CA  . GLN A 1 51 ? 12.981  11.534  -14.864 1.00 18.63  ? 110 GLN A CA  1 
ATOM   390  C C   . GLN A 1 51 ? 14.414  12.020  -14.661 1.00 19.88  ? 110 GLN A C   1 
ATOM   391  O O   . GLN A 1 51 ? 14.955  12.615  -15.605 1.00 19.10  ? 110 GLN A O   1 
ATOM   392  C CB  . GLN A 1 51 ? 11.954  12.598  -14.478 1.00 18.86  ? 110 GLN A CB  1 
ATOM   393  C CG  . GLN A 1 51 ? 10.545  12.283  -14.973 1.00 18.34  ? 110 GLN A CG  1 
ATOM   394  C CD  . GLN A 1 51 ? 10.543  11.778  -16.395 1.00 18.81  ? 110 GLN A CD  1 
ATOM   395  O OE1 . GLN A 1 51 ? 11.193  10.787  -16.726 1.00 18.96  ? 110 GLN A OE1 1 
ATOM   396  N NE2 . GLN A 1 51 ? 9.803   12.461  -17.253 1.00 19.38  ? 110 GLN A NE2 1 
ATOM   397  N N   . ARG A 1 52 ? 15.000  11.781  -13.486 1.00 22.58  ? 111 ARG A N   1 
ATOM   398  C CA  . ARG A 1 52 ? 16.421  12.119  -13.223 1.00 25.21  ? 111 ARG A CA  1 
ATOM   399  C C   . ARG A 1 52 ? 17.295  11.490  -14.310 1.00 26.86  ? 111 ARG A C   1 
ATOM   400  O O   . ARG A 1 52 ? 18.408  11.993  -14.520 1.00 27.95  ? 111 ARG A O   1 
ATOM   401  C CB  . ARG A 1 52 ? 16.871  11.623  -11.846 1.00 27.07  ? 111 ARG A CB  1 
ATOM   402  C CG  . ARG A 1 52 ? 18.304  11.979  -11.482 1.00 28.65  ? 111 ARG A CG  1 
ATOM   403  C CD  . ARG A 1 52 ? 18.681  11.380  -10.144 1.00 30.91  ? 111 ARG A CD  1 
ATOM   404  N NE  . ARG A 1 52 ? 18.787  9.927   -10.225 1.00 32.88  ? 111 ARG A NE  1 
ATOM   405  C CZ  . ARG A 1 52 ? 18.749  9.091   -9.190  1.00 34.25  ? 111 ARG A CZ  1 
ATOM   406  N NH1 . ARG A 1 52 ? 18.852  7.788   -9.392  1.00 35.47  ? 111 ARG A NH1 1 
ATOM   407  N NH2 . ARG A 1 52 ? 18.603  9.542   -7.954  1.00 34.88  ? 111 ARG A NH2 1 
ATOM   408  N N   . GLU A 1 53 ? 16.850  10.393  -14.930 1.00 28.27  ? 112 GLU A N   1 
ATOM   409  C CA  . GLU A 1 53 ? 17.640  9.683   -15.968 1.00 28.94  ? 112 GLU A CA  1 
ATOM   410  C C   . GLU A 1 53 ? 16.943  9.740   -17.323 1.00 26.54  ? 112 GLU A C   1 
ATOM   411  O O   . GLU A 1 53 ? 17.350  8.983   -18.218 1.00 25.30  ? 112 GLU A O   1 
ATOM   412  C CB  . GLU A 1 53 ? 17.869  8.243   -15.536 1.00 33.22  ? 112 GLU A CB  1 
ATOM   413  C CG  . GLU A 1 53 ? 18.641  8.139   -14.238 1.00 37.84  ? 112 GLU A CG  1 
ATOM   414  C CD  . GLU A 1 53 ? 18.980  6.706   -13.857 1.00 41.07  ? 112 GLU A CD  1 
ATOM   415  O OE1 . GLU A 1 53 ? 18.352  5.783   -14.422 1.00 43.50  ? 112 GLU A OE1 1 
ATOM   416  O OE2 . GLU A 1 53 ? 19.894  6.512   -13.025 1.00 45.53  ? 112 GLU A OE2 1 
ATOM   417  N N   . LYS A 1 54 ? 15.955  10.625  -17.472 1.00 25.11  ? 113 LYS A N   1 
ATOM   418  C CA  . LYS A 1 54 ? 15.156  10.753  -18.714 1.00 24.12  ? 113 LYS A CA  1 
ATOM   419  C C   . LYS A 1 54 ? 14.748  9.346   -19.164 1.00 22.85  ? 113 LYS A C   1 
ATOM   420  O O   . LYS A 1 54 ? 14.860  9.043   -20.375 1.00 22.92  ? 113 LYS A O   1 
ATOM   421  C CB  . LYS A 1 54 ? 15.959  11.520  -19.770 1.00 24.67  ? 113 LYS A CB  1 
ATOM   422  C CG  . LYS A 1 54 ? 15.649  13.011  -19.855 1.00 25.45  ? 113 LYS A CG  1 
ATOM   423  C CD  . LYS A 1 54 ? 14.313  13.336  -20.509 1.00 26.02  ? 113 LYS A CD  1 
ATOM   424  C CE  . LYS A 1 54 ? 14.245  12.995  -21.986 1.00 25.97  ? 113 LYS A CE  1 
ATOM   425  N NZ  . LYS A 1 54 ? 13.132  13.715  -22.650 1.00 25.83  ? 113 LYS A NZ  1 
ATOM   426  N N   . ARG A 1 55 ? 14.299  8.518   -18.217 1.00 20.83  ? 114 ARG A N   1 
ATOM   427  C CA  . ARG A 1 55 ? 13.830  7.135   -18.503 1.00 19.55  ? 114 ARG A CA  1 
ATOM   428  C C   . ARG A 1 55 ? 12.305  7.171   -18.645 1.00 19.02  ? 114 ARG A C   1 
ATOM   429  O O   . ARG A 1 55 ? 11.654  7.729   -17.755 1.00 20.45  ? 114 ARG A O   1 
ATOM   430  C CB  . ARG A 1 55 ? 14.317  6.180   -17.414 1.00 18.39  ? 114 ARG A CB  1 
ATOM   431  C CG  . ARG A 1 55 ? 15.814  5.915   -17.468 1.00 17.96  ? 114 ARG A CG  1 
ATOM   432  C CD  . ARG A 1 55 ? 16.299  5.049   -16.329 1.00 17.44  ? 114 ARG A CD  1 
ATOM   433  N NE  . ARG A 1 55 ? 15.345  3.998   -16.022 1.00 17.41  ? 114 ARG A NE  1 
ATOM   434  C CZ  . ARG A 1 55 ? 14.579  3.947   -14.935 1.00 16.88  ? 114 ARG A CZ  1 
ATOM   435  N NH1 . ARG A 1 55 ? 13.721  2.947   -14.789 1.00 15.96  ? 114 ARG A NH1 1 
ATOM   436  N NH2 . ARG A 1 55 ? 14.651  4.904   -14.020 1.00 17.03  ? 114 ARG A NH2 1 
ATOM   437  N N   . LYS A 1 56 ? 11.758  6.629   -19.728 1.00 17.62  ? 115 LYS A N   1 
ATOM   438  C CA  . LYS A 1 56 ? 10.302  6.737   -20.012 1.00 17.64  ? 115 LYS A CA  1 
ATOM   439  C C   . LYS A 1 56 ? 9.557   5.510   -19.460 1.00 17.10  ? 115 LYS A C   1 
ATOM   440  O O   . LYS A 1 56 ? 8.360   5.360   -19.767 1.00 15.75  ? 115 LYS A O   1 
ATOM   441  C CB  . LYS A 1 56 ? 10.074  6.949   -21.512 1.00 17.64  ? 115 LYS A CB  1 
ATOM   442  C CG  . LYS A 1 56 ? 10.519  8.310   -22.030 1.00 17.84  ? 115 LYS A CG  1 
ATOM   443  C CD  . LYS A 1 56 ? 10.284  8.507   -23.514 1.00 17.76  ? 115 LYS A CD  1 
ATOM   444  C CE  . LYS A 1 56 ? 10.592  9.918   -23.989 1.00 18.13  ? 115 LYS A CE  1 
ATOM   445  N NZ  . LYS A 1 56 ? 12.041  10.240  -23.925 1.00 17.87  ? 115 LYS A NZ  1 
ATOM   446  N N   . THR A 1 57 ? 10.214  4.663   -18.663 1.00 16.72  ? 116 THR A N   1 
ATOM   447  C CA  . THR A 1 57 ? 9.560   3.457   -18.087 1.00 16.03  ? 116 THR A CA  1 
ATOM   448  C C   . THR A 1 57 ? 9.882   3.354   -16.595 1.00 14.88  ? 116 THR A C   1 
ATOM   449  O O   . THR A 1 57 ? 10.973  3.790   -16.182 1.00 14.24  ? 116 THR A O   1 
ATOM   450  C CB  . THR A 1 57 ? 9.911   2.185   -18.865 1.00 16.24  ? 116 THR A CB  1 
ATOM   451  O OG1 . THR A 1 57 ? 9.182   1.104   -18.282 1.00 16.35  ? 116 THR A OG1 1 
ATOM   452  C CG2 . THR A 1 57 ? 11.387  1.870   -18.862 1.00 16.45  ? 116 THR A CG2 1 
ATOM   453  N N   . ILE A 1 58 ? 8.922   2.849   -15.818 1.00 13.90  ? 117 ILE A N   1 
ATOM   454  C CA  . ILE A 1 58 ? 9.076   2.637   -14.350 1.00 13.29  ? 117 ILE A CA  1 
ATOM   455  C C   . ILE A 1 58 ? 9.114   1.128   -14.107 1.00 12.27  ? 117 ILE A C   1 
ATOM   456  O O   . ILE A 1 58 ? 8.203   0.416   -14.600 1.00 11.73  ? 117 ILE A O   1 
ATOM   457  C CB  . ILE A 1 58 ? 7.971   3.343   -13.539 1.00 13.69  ? 117 ILE A CB  1 
ATOM   458  C CG1 . ILE A 1 58 ? 7.852   4.821   -13.914 1.00 14.29  ? 117 ILE A CG1 1 
ATOM   459  C CG2 . ILE A 1 58 ? 8.195   3.159   -12.047 1.00 13.62  ? 117 ILE A CG2 1 
ATOM   460  C CD1 . ILE A 1 58 ? 6.727   5.542   -13.208 1.00 14.79  ? 117 ILE A CD1 1 
ATOM   461  N N   . ASN A 1 59 ? 10.146  0.671   -13.399 1.00 11.21  ? 118 ASN A N   1 
ATOM   462  C CA  . ASN A 1 59 ? 10.392  -0.769  -13.148 1.00 10.76  ? 118 ASN A CA  1 
ATOM   463  C C   . ASN A 1 59 ? 10.210  -1.049  -11.656 1.00 10.33  ? 118 ASN A C   1 
ATOM   464  O O   . ASN A 1 59 ? 9.811   -0.141  -10.903 1.00 9.86   ? 118 ASN A O   1 
ATOM   465  C CB  . ASN A 1 59 ? 11.764  -1.180  -13.681 1.00 10.70  ? 118 ASN A CB  1 
ATOM   466  C CG  . ASN A 1 59 ? 12.921  -0.462  -13.016 1.00 11.04  ? 118 ASN A CG  1 
ATOM   467  O OD1 . ASN A 1 59 ? 12.918  -0.218  -11.809 1.00 11.13  ? 118 ASN A OD1 1 
ATOM   468  N ND2 . ASN A 1 59 ? 13.925  -0.119  -13.806 1.00 11.13  ? 118 ASN A ND2 1 
ATOM   469  N N   . GLY A 1 60 ? 10.504  -2.276  -11.248 1.00 10.19  ? 119 GLY A N   1 
ATOM   470  C CA  . GLY A 1 60 ? 10.461  -2.708  -9.843  1.00 10.28  ? 119 GLY A CA  1 
ATOM   471  C C   . GLY A 1 60 ? 11.649  -2.201  -9.050  1.00 10.09  ? 119 GLY A C   1 
ATOM   472  O O   . GLY A 1 60 ? 11.531  -2.109  -7.821  1.00 9.85   ? 119 GLY A O   1 
ATOM   473  N N   . ASP A 1 61 ? 12.762  -1.899  -9.714  1.00 9.88   ? 120 ASP A N   1 
ATOM   474  C CA  . ASP A 1 61 ? 13.954  -1.344  -9.026  1.00 10.16  ? 120 ASP A CA  1 
ATOM   475  C C   . ASP A 1 61 ? 13.677  0.100   -8.595  1.00 9.45   ? 120 ASP A C   1 
ATOM   476  O O   . ASP A 1 61 ? 14.310  0.555   -7.622  1.00 8.77   ? 120 ASP A O   1 
ATOM   477  C CB  . ASP A 1 61 ? 15.187  -1.450  -9.914  1.00 10.96  ? 120 ASP A CB  1 
ATOM   478  C CG  . ASP A 1 61 ? 15.953  -2.737  -9.682  1.00 11.94  ? 120 ASP A CG  1 
ATOM   479  O OD1 . ASP A 1 61 ? 16.584  -2.848  -8.605  1.00 12.83  ? 120 ASP A OD1 1 
ATOM   480  O OD2 . ASP A 1 61 ? 15.926  -3.618  -10.575 1.00 12.62  ? 120 ASP A OD2 1 
ATOM   481  N N   . ASP A 1 62 ? 12.786  0.802   -9.301  1.00 8.74   ? 121 ASP A N   1 
ATOM   482  C CA  . ASP A 1 62 ? 12.461  2.214   -8.979  1.00 8.39   ? 121 ASP A CA  1 
ATOM   483  C C   . ASP A 1 62 ? 11.436  2.270   -7.843  1.00 7.95   ? 121 ASP A C   1 
ATOM   484  O O   . ASP A 1 62 ? 11.607  3.097   -6.928  1.00 7.59   ? 121 ASP A O   1 
ATOM   485  C CB  . ASP A 1 62 ? 11.954  2.935   -10.214 1.00 8.65   ? 121 ASP A CB  1 
ATOM   486  C CG  . ASP A 1 62 ? 12.922  2.847   -11.374 1.00 8.82   ? 121 ASP A CG  1 
ATOM   487  O OD1 . ASP A 1 62 ? 14.137  2.960   -11.125 1.00 8.79   ? 121 ASP A OD1 1 
ATOM   488  O OD2 . ASP A 1 62 ? 12.451  2.660   -12.511 1.00 8.82   ? 121 ASP A OD2 1 
ATOM   489  N N   . LEU A 1 63 ? 10.405  1.421   -7.900  1.00 7.42   ? 122 LEU A N   1 
ATOM   490  C CA  . LEU A 1 63 ? 9.378   1.360   -6.833  1.00 6.74   ? 122 LEU A CA  1 
ATOM   491  C C   . LEU A 1 63 ? 10.070  0.994   -5.528  1.00 6.62   ? 122 LEU A C   1 
ATOM   492  O O   . LEU A 1 63 ? 9.660   1.472   -4.469  1.00 6.72   ? 122 LEU A O   1 
ATOM   493  C CB  . LEU A 1 63 ? 8.302   0.329   -7.170  1.00 6.55   ? 122 LEU A CB  1 
ATOM   494  C CG  . LEU A 1 63 ? 7.485   0.618   -8.421  1.00 6.57   ? 122 LEU A CG  1 
ATOM   495  C CD1 . LEU A 1 63 ? 6.430   -0.454  -8.646  1.00 6.46   ? 122 LEU A CD1 1 
ATOM   496  C CD2 . LEU A 1 63 ? 6.844   1.990   -8.369  1.00 6.55   ? 122 LEU A CD2 1 
ATOM   497  N N   . LEU A 1 64 ? 11.089  0.160   -5.592  1.00 6.60   ? 123 LEU A N   1 
ATOM   498  C CA  . LEU A 1 64 ? 11.768  -0.269  -4.355  1.00 6.78   ? 123 LEU A CA  1 
ATOM   499  C C   . LEU A 1 64 ? 12.772  0.783   -3.912  1.00 6.58   ? 123 LEU A C   1 
ATOM   500  O O   . LEU A 1 64 ? 13.045  0.848   -2.715  1.00 6.57   ? 123 LEU A O   1 
ATOM   501  C CB  . LEU A 1 64 ? 12.454  -1.599  -4.601  1.00 7.00   ? 123 LEU A CB  1 
ATOM   502  C CG  . LEU A 1 64 ? 12.550  -2.439  -3.346  1.00 7.20   ? 123 LEU A CG  1 
ATOM   503  C CD1 . LEU A 1 64 ? 11.220  -3.110  -3.061  1.00 7.28   ? 123 LEU A CD1 1 
ATOM   504  C CD2 . LEU A 1 64 ? 13.628  -3.461  -3.532  1.00 7.31   ? 123 LEU A CD2 1 
ATOM   505  N N   . TRP A 1 65 ? 13.304  1.568   -4.838  1.00 6.23   ? 124 TRP A N   1 
ATOM   506  C CA  . TRP A 1 65 ? 14.053  2.784   -4.445  1.00 6.27   ? 124 TRP A CA  1 
ATOM   507  C C   . TRP A 1 65 ? 13.089  3.773   -3.776  1.00 5.90   ? 124 TRP A C   1 
ATOM   508  O O   . TRP A 1 65 ? 13.482  4.440   -2.815  1.00 5.72   ? 124 TRP A O   1 
ATOM   509  C CB  . TRP A 1 65 ? 14.756  3.403   -5.657  1.00 6.35   ? 124 TRP A CB  1 
ATOM   510  C CG  . TRP A 1 65 ? 15.312  4.756   -5.361  1.00 6.41   ? 124 TRP A CG  1 
ATOM   511  C CD1 . TRP A 1 65 ? 16.556  5.062   -4.885  1.00 6.46   ? 124 TRP A CD1 1 
ATOM   512  C CD2 . TRP A 1 65 ? 14.609  6.003   -5.494  1.00 6.48   ? 124 TRP A CD2 1 
ATOM   513  N NE1 . TRP A 1 65 ? 16.674  6.416   -4.718  1.00 6.48   ? 124 TRP A NE1 1 
ATOM   514  C CE2 . TRP A 1 65 ? 15.500  7.017   -5.088  1.00 6.43   ? 124 TRP A CE2 1 
ATOM   515  C CE3 . TRP A 1 65 ? 13.318  6.351   -5.911  1.00 6.41   ? 124 TRP A CE3 1 
ATOM   516  C CZ2 . TRP A 1 65 ? 15.139  8.359   -5.106  1.00 6.45   ? 124 TRP A CZ2 1 
ATOM   517  C CZ3 . TRP A 1 65 ? 12.965  7.679   -5.931  1.00 6.39   ? 124 TRP A CZ3 1 
ATOM   518  C CH2 . TRP A 1 65 ? 13.869  8.667   -5.544  1.00 6.50   ? 124 TRP A CH2 1 
ATOM   519  N N   . ALA A 1 66 ? 11.870  3.874   -4.295  1.00 5.65   ? 125 ALA A N   1 
ATOM   520  C CA  . ALA A 1 66 ? 10.875  4.847   -3.814  1.00 5.58   ? 125 ALA A CA  1 
ATOM   521  C C   . ALA A 1 66 ? 10.506  4.499   -2.372  1.00 5.56   ? 125 ALA A C   1 
ATOM   522  O O   . ALA A 1 66 ? 10.507  5.391   -1.509  1.00 5.53   ? 125 ALA A O   1 
ATOM   523  C CB  . ALA A 1 66 ? 9.667   4.857   -4.716  1.00 5.60   ? 125 ALA A CB  1 
ATOM   524  N N   . MET A 1 67 ? 10.194  3.235   -2.109  1.00 5.54   ? 126 MET A N   1 
ATOM   525  C CA  . MET A 1 67 ? 9.753   2.798   -0.765  1.00 5.41   ? 126 MET A CA  1 
ATOM   526  C C   . MET A 1 67 ? 10.926  2.826   0.211   1.00 5.20   ? 126 MET A C   1 
ATOM   527  O O   . MET A 1 67 ? 10.684  3.011   1.399   1.00 5.26   ? 126 MET A O   1 
ATOM   528  C CB  . MET A 1 67 ? 9.143   1.399   -0.824  1.00 5.45   ? 126 MET A CB  1 
ATOM   529  C CG  . MET A 1 67 ? 7.816   1.408   -1.553  1.00 5.40   ? 126 MET A CG  1 
ATOM   530  S SD  . MET A 1 67 ? 7.108   -0.235  -1.704  1.00 5.58   ? 126 MET A SD  1 
ATOM   531  C CE  . MET A 1 67 ? 8.168   -0.997  -2.927  1.00 5.63   ? 126 MET A CE  1 
ATOM   532  N N   . THR A 1 68 ? 12.151  2.695   -0.270  1.00 5.25   ? 127 THR A N   1 
ATOM   533  C CA  . THR A 1 68 ? 13.337  2.833   0.601   1.00 5.27   ? 127 THR A CA  1 
ATOM   534  C C   . THR A 1 68 ? 13.491  4.293   1.019   1.00 5.25   ? 127 THR A C   1 
ATOM   535  O O   . THR A 1 68 ? 13.776  4.542   2.200   1.00 5.32   ? 127 THR A O   1 
ATOM   536  C CB  . THR A 1 68 ? 14.608  2.317   -0.068  1.00 5.24   ? 127 THR A CB  1 
ATOM   537  O OG1 . THR A 1 68 ? 14.329  1.052   -0.667  1.00 5.23   ? 127 THR A OG1 1 
ATOM   538  C CG2 . THR A 1 68 ? 15.738  2.179   0.928   1.00 5.21   ? 127 THR A CG2 1 
ATOM   539  N N   . THR A 1 69 ? 13.333  5.226   0.090   1.00 5.32   ? 128 THR A N   1 
ATOM   540  C CA  . THR A 1 69 ? 13.472  6.671   0.400   1.00 5.37   ? 128 THR A CA  1 
ATOM   541  C C   . THR A 1 69 ? 12.289  7.142   1.244   1.00 5.33   ? 128 THR A C   1 
ATOM   542  O O   . THR A 1 69 ? 12.515  7.969   2.161   1.00 5.42   ? 128 THR A O   1 
ATOM   543  C CB  . THR A 1 69 ? 13.636  7.503   -0.867  1.00 5.42   ? 128 THR A CB  1 
ATOM   544  O OG1 . THR A 1 69 ? 12.828  6.941   -1.898  1.00 5.36   ? 128 THR A OG1 1 
ATOM   545  C CG2 . THR A 1 69 ? 15.082  7.533   -1.302  1.00 5.50   ? 128 THR A CG2 1 
ATOM   546  N N   . LEU A 1 70 ? 11.093  6.626   0.975   1.00 5.13   ? 129 LEU A N   1 
ATOM   547  C CA  . LEU A 1 70 ? 9.864   7.092   1.668   1.00 5.08   ? 129 LEU A CA  1 
ATOM   548  C C   . LEU A 1 70 ? 9.742   6.496   3.077   1.00 5.16   ? 129 LEU A C   1 
ATOM   549  O O   . LEU A 1 70 ? 9.019   7.072   3.896   1.00 4.99   ? 129 LEU A O   1 
ATOM   550  C CB  . LEU A 1 70 ? 8.642   6.769   0.809   1.00 5.02   ? 129 LEU A CB  1 
ATOM   551  C CG  . LEU A 1 70 ? 8.488   7.671   -0.412  1.00 4.87   ? 129 LEU A CG  1 
ATOM   552  C CD1 . LEU A 1 70 ? 7.212   7.353   -1.186  1.00 4.85   ? 129 LEU A CD1 1 
ATOM   553  C CD2 . LEU A 1 70 ? 8.514   9.133   -0.005  1.00 4.90   ? 129 LEU A CD2 1 
ATOM   554  N N   . GLY A 1 71 ? 10.416  5.388   3.371   1.00 5.49   ? 130 GLY A N   1 
ATOM   555  C CA  . GLY A 1 71 ? 10.595  4.938   4.768   1.00 5.71   ? 130 GLY A CA  1 
ATOM   556  C C   . GLY A 1 71 ? 9.948   3.596   5.052   1.00 5.93   ? 130 GLY A C   1 
ATOM   557  O O   . GLY A 1 71 ? 9.600   3.352   6.218   1.00 5.95   ? 130 GLY A O   1 
ATOM   558  N N   . PHE A 1 72 ? 9.807   2.733   4.046   1.00 6.09   ? 131 PHE A N   1 
ATOM   559  C CA  . PHE A 1 72 ? 9.237   1.381   4.237   1.00 6.34   ? 131 PHE A CA  1 
ATOM   560  C C   . PHE A 1 72 ? 10.377  0.373   4.197   1.00 6.68   ? 131 PHE A C   1 
ATOM   561  O O   . PHE A 1 72 ? 10.458  -0.451  3.272   1.00 6.73   ? 131 PHE A O   1 
ATOM   562  C CB  . PHE A 1 72 ? 8.163   1.109   3.192   1.00 6.66   ? 131 PHE A CB  1 
ATOM   563  C CG  . PHE A 1 72 ? 7.189   2.237   2.999   1.00 6.82   ? 131 PHE A CG  1 
ATOM   564  C CD1 . PHE A 1 72 ? 6.271   2.572   3.983   1.00 6.92   ? 131 PHE A CD1 1 
ATOM   565  C CD2 . PHE A 1 72 ? 7.185   2.958   1.818   1.00 6.99   ? 131 PHE A CD2 1 
ATOM   566  C CE1 . PHE A 1 72 ? 5.372   3.611   3.785   1.00 7.03   ? 131 PHE A CE1 1 
ATOM   567  C CE2 . PHE A 1 72 ? 6.293   4.006   1.625   1.00 7.08   ? 131 PHE A CE2 1 
ATOM   568  C CZ  . PHE A 1 72 ? 5.379   4.319   2.607   1.00 7.07   ? 131 PHE A CZ  1 
ATOM   569  N N   . GLU A 1 73 ? 11.241  0.432   5.201   1.00 6.97   ? 132 GLU A N   1 
ATOM   570  C CA  . GLU A 1 73 ? 12.427  -0.452  5.307   1.00 7.21   ? 132 GLU A CA  1 
ATOM   571  C C   . GLU A 1 73 ? 11.996  -1.881  5.610   1.00 7.02   ? 132 GLU A C   1 
ATOM   572  O O   . GLU A 1 73 ? 12.696  -2.799  5.174   1.00 7.34   ? 132 GLU A O   1 
ATOM   573  C CB  . GLU A 1 73 ? 13.392  0.058   6.371   1.00 7.43   ? 132 GLU A CB  1 
ATOM   574  C CG  . GLU A 1 73 ? 14.294  1.145   5.841   1.00 7.71   ? 132 GLU A CG  1 
ATOM   575  C CD  . GLU A 1 73 ? 13.521  2.221   5.102   1.00 8.01   ? 132 GLU A CD  1 
ATOM   576  O OE1 . GLU A 1 73 ? 13.753  2.429   3.859   1.00 8.03   ? 132 GLU A OE1 1 
ATOM   577  O OE2 . GLU A 1 73 ? 12.673  2.849   5.773   1.00 8.36   ? 132 GLU A OE2 1 
ATOM   578  N N   . ALA A 1 74 ? 10.889  -2.061  6.324   1.00 7.19   ? 133 ALA A N   1 
ATOM   579  C CA  . ALA A 1 74 ? 10.347  -3.405  6.617   1.00 7.31   ? 133 ALA A CA  1 
ATOM   580  C C   . ALA A 1 74 ? 9.895   -4.088  5.315   1.00 7.22   ? 133 ALA A C   1 
ATOM   581  O O   . ALA A 1 74 ? 9.736   -5.302  5.326   1.00 7.38   ? 133 ALA A O   1 
ATOM   582  C CB  . ALA A 1 74 ? 9.238   -3.309  7.633   1.00 7.21   ? 133 ALA A CB  1 
ATOM   583  N N   . TYR A 1 75 ? 9.696   -3.350  4.236   1.00 7.18   ? 134 TYR A N   1 
ATOM   584  C CA  . TYR A 1 75 ? 9.067   -3.888  3.001   1.00 7.75   ? 134 TYR A CA  1 
ATOM   585  C C   . TYR A 1 75 ? 10.153  -4.299  2.002   1.00 7.80   ? 134 TYR A C   1 
ATOM   586  O O   . TYR A 1 75 ? 10.016  -5.331  1.329   1.00 7.29   ? 134 TYR A O   1 
ATOM   587  C CB  . TYR A 1 75 ? 8.139   -2.854  2.351   1.00 7.53   ? 134 TYR A CB  1 
ATOM   588  C CG  . TYR A 1 75 ? 6.887   -2.505  3.116   1.00 7.97   ? 134 TYR A CG  1 
ATOM   589  C CD1 . TYR A 1 75 ? 6.794   -2.680  4.489   1.00 8.21   ? 134 TYR A CD1 1 
ATOM   590  C CD2 . TYR A 1 75 ? 5.805   -1.937  2.461   1.00 8.13   ? 134 TYR A CD2 1 
ATOM   591  C CE1 . TYR A 1 75 ? 5.639   -2.334  5.177   1.00 8.36   ? 134 TYR A CE1 1 
ATOM   592  C CE2 . TYR A 1 75 ? 4.648   -1.584  3.134   1.00 8.18   ? 134 TYR A CE2 1 
ATOM   593  C CZ  . TYR A 1 75 ? 4.560   -1.792  4.496   1.00 8.26   ? 134 TYR A CZ  1 
ATOM   594  O OH  . TYR A 1 75 ? 3.414   -1.459  5.161   1.00 8.25   ? 134 TYR A OH  1 
ATOM   595  N N   . VAL A 1 76 ? 11.210  -3.501  1.895   1.00 8.00   ? 135 VAL A N   1 
ATOM   596  C CA  . VAL A 1 76 ? 12.217  -3.657  0.809   1.00 8.07   ? 135 VAL A CA  1 
ATOM   597  C C   . VAL A 1 76 ? 12.985  -4.969  0.987   1.00 7.97   ? 135 VAL A C   1 
ATOM   598  O O   . VAL A 1 76 ? 13.497  -5.475  -0.008  1.00 7.97   ? 135 VAL A O   1 
ATOM   599  C CB  . VAL A 1 76 ? 13.158  -2.448  0.787   1.00 8.18   ? 135 VAL A CB  1 
ATOM   600  C CG1 . VAL A 1 76 ? 12.372  -1.193  0.485   1.00 8.20   ? 135 VAL A CG1 1 
ATOM   601  C CG2 . VAL A 1 76 ? 13.928  -2.304  2.095   1.00 8.32   ? 135 VAL A CG2 1 
ATOM   602  N N   . GLY A 1 77 ? 13.083  -5.494  2.205   1.00 7.63   ? 136 GLY A N   1 
ATOM   603  C CA  . GLY A 1 77 ? 13.769  -6.776  2.420   1.00 7.97   ? 136 GLY A CA  1 
ATOM   604  C C   . GLY A 1 77 ? 13.094  -7.902  1.642   1.00 7.96   ? 136 GLY A C   1 
ATOM   605  O O   . GLY A 1 77 ? 13.625  -8.409  0.660   1.00 7.96   ? 136 GLY A O   1 
ATOM   606  N N   . PRO A 1 78 ? 11.914  -8.356  2.103   1.00 8.11   ? 137 PRO A N   1 
ATOM   607  C CA  . PRO A 1 78 ? 11.147  -9.386  1.404   1.00 8.18   ? 137 PRO A CA  1 
ATOM   608  C C   . PRO A 1 78 ? 10.811  -9.080  -0.061  1.00 8.53   ? 137 PRO A C   1 
ATOM   609  O O   . PRO A 1 78 ? 10.675  -9.994  -0.849  1.00 9.04   ? 137 PRO A O   1 
ATOM   610  C CB  . PRO A 1 78 ? 9.853   -9.450  2.237   1.00 8.47   ? 137 PRO A CB  1 
ATOM   611  C CG  . PRO A 1 78 ? 10.313  -9.070  3.624   1.00 8.42   ? 137 PRO A CG  1 
ATOM   612  C CD  . PRO A 1 78 ? 11.283  -7.944  3.365   1.00 7.94   ? 137 PRO A CD  1 
ATOM   613  N N   . LEU A 1 79 ? 10.670  -7.808  -0.416  1.00 9.24   ? 138 LEU A N   1 
ATOM   614  C CA  . LEU A 1 79 ? 10.228  -7.441  -1.785  1.00 9.68   ? 138 LEU A CA  1 
ATOM   615  C C   . LEU A 1 79 ? 11.356  -7.686  -2.792  1.00 10.08  ? 138 LEU A C   1 
ATOM   616  O O   . LEU A 1 79 ? 11.029  -7.972  -3.960  1.00 9.76   ? 138 LEU A O   1 
ATOM   617  C CB  . LEU A 1 79 ? 9.766   -5.984  -1.808  1.00 9.51   ? 138 LEU A CB  1 
ATOM   618  C CG  . LEU A 1 79 ? 8.331   -5.736  -1.354  1.00 9.36   ? 138 LEU A CG  1 
ATOM   619  C CD1 . LEU A 1 79 ? 8.096   -4.255  -1.125  1.00 8.92   ? 138 LEU A CD1 1 
ATOM   620  C CD2 . LEU A 1 79 ? 7.333   -6.289  -2.357  1.00 9.44   ? 138 LEU A CD2 1 
ATOM   621  N N   . LYS A 1 80 ? 12.615  -7.575  -2.366  1.00 10.40  ? 139 LYS A N   1 
ATOM   622  C CA  . LYS A 1 80 ? 13.776  -7.821  -3.251  1.00 10.93  ? 139 LYS A CA  1 
ATOM   623  C C   . LYS A 1 80 ? 13.798  -9.290  -3.666  1.00 10.75  ? 139 LYS A C   1 
ATOM   624  O O   . LYS A 1 80 ? 13.944  -9.566  -4.869  1.00 10.34  ? 139 LYS A O   1 
ATOM   625  C CB  . LYS A 1 80 ? 15.081  -7.457  -2.544  1.00 11.94  ? 139 LYS A CB  1 
ATOM   626  C CG  . LYS A 1 80 ? 15.553  -6.041  -2.810  1.00 12.60  ? 139 LYS A CG  1 
ATOM   627  C CD  . LYS A 1 80 ? 16.520  -5.514  -1.789  1.00 13.37  ? 139 LYS A CD  1 
ATOM   628  C CE  . LYS A 1 80 ? 16.325  -4.035  -1.541  1.00 14.12  ? 139 LYS A CE  1 
ATOM   629  N NZ  . LYS A 1 80 ? 16.803  -3.646  -0.191  1.00 14.77  ? 139 LYS A NZ  1 
ATOM   630  N N   . SER A 1 81 ? 13.671  -10.195 -2.695  1.00 10.53  ? 140 SER A N   1 
ATOM   631  C CA  . SER A 1 81 ? 13.645  -11.657 -2.945  1.00 10.13  ? 140 SER A CA  1 
ATOM   632  C C   . SER A 1 81 ? 12.416  -11.995 -3.787  1.00 9.73   ? 140 SER A C   1 
ATOM   633  O O   . SER A 1 81 ? 12.463  -13.009 -4.526  1.00 9.99   ? 140 SER A O   1 
ATOM   634  C CB  . SER A 1 81 ? 13.673  -12.444 -1.674  1.00 10.26  ? 140 SER A CB  1 
ATOM   635  O OG  . SER A 1 81 ? 14.950  -12.364 -1.062  1.00 10.44  ? 140 SER A OG  1 
ATOM   636  N N   . TYR A 1 82 ? 11.352  -11.197 -3.694  1.00 9.02   ? 141 TYR A N   1 
ATOM   637  C CA  . TYR A 1 82 ? 10.126  -11.470 -4.474  1.00 8.35   ? 141 TYR A CA  1 
ATOM   638  C C   . TYR A 1 82 ? 10.327  -11.029 -5.921  1.00 8.20   ? 141 TYR A C   1 
ATOM   639  O O   . TYR A 1 82 ? 9.841   -11.724 -6.828  1.00 8.13   ? 141 TYR A O   1 
ATOM   640  C CB  . TYR A 1 82 ? 8.914   -10.788 -3.864  1.00 8.21   ? 141 TYR A CB  1 
ATOM   641  C CG  . TYR A 1 82 ? 7.640   -11.067 -4.612  1.00 8.18   ? 141 TYR A CG  1 
ATOM   642  C CD1 . TYR A 1 82 ? 6.968   -12.264 -4.453  1.00 8.32   ? 141 TYR A CD1 1 
ATOM   643  C CD2 . TYR A 1 82 ? 7.099   -10.135 -5.475  1.00 8.22   ? 141 TYR A CD2 1 
ATOM   644  C CE1 . TYR A 1 82 ? 5.792   -12.530 -5.130  1.00 8.35   ? 141 TYR A CE1 1 
ATOM   645  C CE2 . TYR A 1 82 ? 5.924   -10.385 -6.162  1.00 8.29   ? 141 TYR A CE2 1 
ATOM   646  C CZ  . TYR A 1 82 ? 5.262   -11.583 -5.985  1.00 8.30   ? 141 TYR A CZ  1 
ATOM   647  O OH  . TYR A 1 82 ? 4.092   -11.827 -6.645  1.00 8.40   ? 141 TYR A OH  1 
ATOM   648  N N   . LEU A 1 83 ? 11.001  -9.901  -6.135  1.00 7.79   ? 142 LEU A N   1 
ATOM   649  C CA  . LEU A 1 83 ? 11.177  -9.343  -7.499  1.00 7.39   ? 142 LEU A CA  1 
ATOM   650  C C   . LEU A 1 83 ? 12.217  -10.165 -8.265  1.00 7.44   ? 142 LEU A C   1 
ATOM   651  O O   . LEU A 1 83 ? 11.977  -10.433 -9.452  1.00 7.03   ? 142 LEU A O   1 
ATOM   652  C CB  . LEU A 1 83 ? 11.596  -7.878  -7.378  1.00 7.35   ? 142 LEU A CB  1 
ATOM   653  C CG  . LEU A 1 83 ? 11.870  -7.152  -8.689  1.00 7.18   ? 142 LEU A CG  1 
ATOM   654  C CD1 . LEU A 1 83 ? 10.621  -7.081  -9.555  1.00 7.17   ? 142 LEU A CD1 1 
ATOM   655  C CD2 . LEU A 1 83 ? 12.419  -5.774  -8.404  1.00 7.13   ? 142 LEU A CD2 1 
ATOM   656  N N   . ASN A 1 84 ? 13.325  -10.536 -7.615  1.00 7.66   ? 143 ASN A N   1 
ATOM   657  C CA  . ASN A 1 84 ? 14.385  -11.351 -8.254  1.00 8.03   ? 143 ASN A CA  1 
ATOM   658  C C   . ASN A 1 84 ? 13.847  -12.743 -8.609  1.00 8.54   ? 143 ASN A C   1 
ATOM   659  O O   . ASN A 1 84 ? 14.251  -13.277 -9.662  1.00 8.47   ? 143 ASN A O   1 
ATOM   660  C CB  . ASN A 1 84 ? 15.620  -11.463 -7.369  1.00 8.06   ? 143 ASN A CB  1 
ATOM   661  C CG  . ASN A 1 84 ? 16.383  -10.163 -7.246  1.00 7.96   ? 143 ASN A CG  1 
ATOM   662  O OD1 . ASN A 1 84 ? 16.678  -9.502  -8.239  1.00 7.95   ? 143 ASN A OD1 1 
ATOM   663  N ND2 . ASN A 1 84 ? 16.692  -9.791  -6.018  1.00 7.95   ? 143 ASN A ND2 1 
ATOM   664  N N   . ARG A 1 85 ? 12.980  -13.317 -7.776  1.00 9.14   ? 144 ARG A N   1 
ATOM   665  C CA  . ARG A 1 85 ? 12.319  -14.610 -8.102  1.00 9.71   ? 144 ARG A CA  1 
ATOM   666  C C   . ARG A 1 85 ? 11.414  -14.450 -9.326  1.00 10.03  ? 144 ARG A C   1 
ATOM   667  O O   . ARG A 1 85 ? 11.332  -15.390 -10.122 1.00 10.25  ? 144 ARG A O   1 
ATOM   668  C CB  . ARG A 1 85 ? 11.475  -15.120 -6.933  1.00 9.84   ? 144 ARG A CB  1 
ATOM   669  C CG  . ARG A 1 85 ? 12.271  -15.827 -5.850  1.00 9.89   ? 144 ARG A CG  1 
ATOM   670  C CD  . ARG A 1 85 ? 11.363  -16.737 -5.056  1.00 10.08  ? 144 ARG A CD  1 
ATOM   671  N NE  . ARG A 1 85 ? 10.183  -16.035 -4.569  1.00 10.19  ? 144 ARG A NE  1 
ATOM   672  C CZ  . ARG A 1 85 ? 10.157  -15.265 -3.488  1.00 10.39  ? 144 ARG A CZ  1 
ATOM   673  N NH1 . ARG A 1 85 ? 9.032   -14.678 -3.126  1.00 10.41  ? 144 ARG A NH1 1 
ATOM   674  N NH2 . ARG A 1 85 ? 11.254  -15.074 -2.774  1.00 10.69  ? 144 ARG A NH2 1 
ATOM   675  N N   . TYR A 1 86 ? 10.735  -13.315 -9.459  1.00 10.50  ? 145 TYR A N   1 
ATOM   676  C CA  . TYR A 1 86 ? 9.809   -13.074 -10.590 1.00 11.09  ? 145 TYR A CA  1 
ATOM   677  C C   . TYR A 1 86 ? 10.601  -13.121 -11.899 1.00 12.09  ? 145 TYR A C   1 
ATOM   678  O O   . TYR A 1 86 ? 10.014  -13.431 -12.946 1.00 12.09  ? 145 TYR A O   1 
ATOM   679  C CB  . TYR A 1 86 ? 9.085   -11.740 -10.411 1.00 10.72  ? 145 TYR A CB  1 
ATOM   680  C CG  . TYR A 1 86 ? 8.202   -11.347 -11.562 1.00 10.34  ? 145 TYR A CG  1 
ATOM   681  C CD1 . TYR A 1 86 ? 7.004   -12.006 -11.777 1.00 10.18  ? 145 TYR A CD1 1 
ATOM   682  C CD2 . TYR A 1 86 ? 8.547   -10.324 -12.426 1.00 9.89   ? 145 TYR A CD2 1 
ATOM   683  C CE1 . TYR A 1 86 ? 6.154   -11.646 -12.809 1.00 9.97   ? 145 TYR A CE1 1 
ATOM   684  C CE2 . TYR A 1 86 ? 7.714   -9.961  -13.472 1.00 9.85   ? 145 TYR A CE2 1 
ATOM   685  C CZ  . TYR A 1 86 ? 6.509   -10.619 -13.662 1.00 9.96   ? 145 TYR A CZ  1 
ATOM   686  O OH  . TYR A 1 86 ? 5.660   -10.287 -14.677 1.00 9.87   ? 145 TYR A OH  1 
ATOM   687  N N   . ARG A 1 87 ? 11.898  -12.821 -11.837 1.00 13.55  ? 146 ARG A N   1 
ATOM   688  C CA  . ARG A 1 87 ? 12.778  -12.864 -13.031 1.00 14.88  ? 146 ARG A CA  1 
ATOM   689  C C   . ARG A 1 87 ? 13.579  -14.167 -13.057 1.00 16.52  ? 146 ARG A C   1 
ATOM   690  O O   . ARG A 1 87 ? 14.073  -14.524 -14.138 1.00 17.67  ? 146 ARG A O   1 
ATOM   691  C CB  . ARG A 1 87 ? 13.732  -11.671 -13.050 1.00 14.54  ? 146 ARG A CB  1 
ATOM   692  C CG  . ARG A 1 87 ? 13.086  -10.335 -12.716 1.00 13.97  ? 146 ARG A CG  1 
ATOM   693  C CD  . ARG A 1 87 ? 14.154  -9.431  -12.135 1.00 13.67  ? 146 ARG A CD  1 
ATOM   694  N NE  . ARG A 1 87 ? 13.751  -8.033  -12.048 1.00 13.40  ? 146 ARG A NE  1 
ATOM   695  C CZ  . ARG A 1 87 ? 14.431  -7.100  -11.397 1.00 12.71  ? 146 ARG A CZ  1 
ATOM   696  N NH1 . ARG A 1 87 ? 15.524  -7.432  -10.734 1.00 12.81  ? 146 ARG A NH1 1 
ATOM   697  N NH2 . ARG A 1 87 ? 14.002  -5.849  -11.384 1.00 12.36  ? 146 ARG A NH2 1 
ATOM   698  N N   . GLU A 1 88 ? 13.677  -14.862 -11.927 1.00 18.19  ? 147 GLU A N   1 
ATOM   699  C CA  . GLU A 1 88 ? 14.553  -16.051 -11.766 1.00 19.48  ? 147 GLU A CA  1 
ATOM   700  C C   . GLU A 1 88 ? 14.309  -17.032 -12.914 1.00 19.44  ? 147 GLU A C   1 
ATOM   701  O O   . GLU A 1 88 ? 15.209  -17.796 -13.253 1.00 20.20  ? 147 GLU A O   1 
ATOM   702  C CB  . GLU A 1 88 ? 14.284  -16.736 -10.427 1.00 21.07  ? 147 GLU A CB  1 
ATOM   703  C CG  . GLU A 1 88 ? 15.438  -17.588 -9.961  1.00 22.23  ? 147 GLU A CG  1 
ATOM   704  C CD  . GLU A 1 88 ? 15.016  -18.860 -9.250  1.00 23.67  ? 147 GLU A CD  1 
ATOM   705  O OE1 . GLU A 1 88 ? 15.310  -19.956 -9.786  1.00 23.20  ? 147 GLU A OE1 1 
ATOM   706  O OE2 . GLU A 1 88 ? 14.414  -18.747 -8.150  1.00 25.69  ? 147 GLU A OE2 1 
ATOM   707  N N   . PRO B 2 1  ? -4.849  -8.164  -8.980  1.00 29.34  ? 54  PRO B N   1 
ATOM   708  C CA  . PRO B 2 1  ? -5.579  -7.154  -9.792  1.00 29.05  ? 54  PRO B CA  1 
ATOM   709  C C   . PRO B 2 1  ? -4.610  -6.238  -10.560 1.00 29.26  ? 54  PRO B C   1 
ATOM   710  O O   . PRO B 2 1  ? -4.523  -5.049  -10.267 1.00 29.11  ? 54  PRO B O   1 
ATOM   711  C CB  . PRO B 2 1  ? -6.401  -6.367  -8.758  1.00 28.89  ? 54  PRO B CB  1 
ATOM   712  C CG  . PRO B 2 1  ? -5.548  -6.443  -7.505  1.00 28.99  ? 54  PRO B CG  1 
ATOM   713  C CD  . PRO B 2 1  ? -4.901  -7.814  -7.552  1.00 28.42  ? 54  PRO B CD  1 
ATOM   714  N N   . LEU B 2 2  ? -3.873  -6.821  -11.504 1.00 28.21  ? 55  LEU B N   1 
ATOM   715  C CA  . LEU B 2 2  ? -2.719  -6.163  -12.165 1.00 26.72  ? 55  LEU B CA  1 
ATOM   716  C C   . LEU B 2 2  ? -3.206  -4.929  -12.930 1.00 24.58  ? 55  LEU B C   1 
ATOM   717  O O   . LEU B 2 2  ? -2.542  -3.894  -12.863 1.00 22.62  ? 55  LEU B O   1 
ATOM   718  C CB  . LEU B 2 2  ? -2.038  -7.157  -13.113 1.00 28.01  ? 55  LEU B CB  1 
ATOM   719  C CG  . LEU B 2 2  ? -1.323  -8.354  -12.474 1.00 28.55  ? 55  LEU B CG  1 
ATOM   720  C CD1 . LEU B 2 2  ? -0.643  -7.966  -11.169 1.00 28.74  ? 55  LEU B CD1 1 
ATOM   721  C CD2 . LEU B 2 2  ? -2.272  -9.532  -12.261 1.00 29.33  ? 55  LEU B CD2 1 
ATOM   722  N N   . ALA B 2 3  ? -4.328  -5.036  -13.636 1.00 24.20  ? 56  ALA B N   1 
ATOM   723  C CA  . ALA B 2 3  ? -4.781  -3.995  -14.590 1.00 24.49  ? 56  ALA B CA  1 
ATOM   724  C C   . ALA B 2 3  ? -5.007  -2.669  -13.850 1.00 23.71  ? 56  ALA B C   1 
ATOM   725  O O   . ALA B 2 3  ? -4.541  -1.621  -14.335 1.00 22.46  ? 56  ALA B O   1 
ATOM   726  C CB  . ALA B 2 3  ? -6.021  -4.453  -15.316 1.00 24.78  ? 56  ALA B CB  1 
ATOM   727  N N   . ARG B 2 4  ? -5.690  -2.705  -12.709 1.00 24.11  ? 57  ARG B N   1 
ATOM   728  C CA  . ARG B 2 4  ? -6.000  -1.469  -11.952 1.00 25.19  ? 57  ARG B CA  1 
ATOM   729  C C   . ARG B 2 4  ? -4.723  -0.865  -11.379 1.00 24.72  ? 57  ARG B C   1 
ATOM   730  O O   . ARG B 2 4  ? -4.589  0.375   -11.436 1.00 24.80  ? 57  ARG B O   1 
ATOM   731  C CB  . ARG B 2 4  ? -7.003  -1.730  -10.830 1.00 26.37  ? 57  ARG B CB  1 
ATOM   732  C CG  . ARG B 2 4  ? -8.447  -1.612  -11.279 1.00 27.53  ? 57  ARG B CG  1 
ATOM   733  C CD  . ARG B 2 4  ? -8.759  -0.283  -11.944 1.00 28.38  ? 57  ARG B CD  1 
ATOM   734  N NE  . ARG B 2 4  ? -9.738  -0.433  -13.014 1.00 29.35  ? 57  ARG B NE  1 
ATOM   735  C CZ  . ARG B 2 4  ? -11.049 -0.223  -12.898 1.00 29.60  ? 57  ARG B CZ  1 
ATOM   736  N NH1 . ARG B 2 4  ? -11.574 0.153   -11.742 1.00 30.06  ? 57  ARG B NH1 1 
ATOM   737  N NH2 . ARG B 2 4  ? -11.839 -0.386  -13.949 1.00 29.18  ? 57  ARG B NH2 1 
ATOM   738  N N   . ILE B 2 5  ? -3.828  -1.690  -10.849 1.00 23.46  ? 58  ILE B N   1 
ATOM   739  C CA  . ILE B 2 5  ? -2.559  -1.173  -10.271 1.00 23.88  ? 58  ILE B CA  1 
ATOM   740  C C   . ILE B 2 5  ? -1.807  -0.442  -11.386 1.00 24.96  ? 58  ILE B C   1 
ATOM   741  O O   . ILE B 2 5  ? -1.139  0.554   -11.080 1.00 25.12  ? 58  ILE B O   1 
ATOM   742  C CB  . ILE B 2 5  ? -1.745  -2.304  -9.634  1.00 23.22  ? 58  ILE B CB  1 
ATOM   743  C CG1 . ILE B 2 5  ? -2.604  -3.119  -8.668  1.00 23.00  ? 58  ILE B CG1 1 
ATOM   744  C CG2 . ILE B 2 5  ? -0.504  -1.759  -8.952  1.00 22.91  ? 58  ILE B CG2 1 
ATOM   745  C CD1 . ILE B 2 5  ? -1.985  -4.427  -8.285  1.00 22.95  ? 58  ILE B CD1 1 
ATOM   746  N N   . LYS B 2 6  ? -1.950  -0.879  -12.633 1.00 26.19  ? 59  LYS B N   1 
ATOM   747  C CA  . LYS B 2 6  ? -1.403  -0.110  -13.781 1.00 28.74  ? 59  LYS B CA  1 
ATOM   748  C C   . LYS B 2 6  ? -2.293  1.114   -14.023 1.00 29.15  ? 59  LYS B C   1 
ATOM   749  O O   . LYS B 2 6  ? -1.749  2.214   -14.236 1.00 29.63  ? 59  LYS B O   1 
ATOM   750  C CB  . LYS B 2 6  ? -1.312  -0.955  -15.055 1.00 30.04  ? 59  LYS B CB  1 
ATOM   751  C CG  . LYS B 2 6  ? -0.735  -2.350  -14.884 1.00 31.35  ? 59  LYS B CG  1 
ATOM   752  C CD  . LYS B 2 6  ? -1.080  -3.254  -16.048 1.00 32.88  ? 59  LYS B CD  1 
ATOM   753  C CE  . LYS B 2 6  ? -0.811  -4.721  -15.779 1.00 34.07  ? 59  LYS B CE  1 
ATOM   754  N NZ  . LYS B 2 6  ? -1.368  -5.592  -16.845 1.00 34.05  ? 59  LYS B NZ  1 
ATOM   755  N N   . LYS B 2 7  ? -3.611  0.929   -14.022 1.00 28.92  ? 60  LYS B N   1 
ATOM   756  C CA  . LYS B 2 7  ? -4.565  2.021   -14.333 1.00 29.89  ? 60  LYS B CA  1 
ATOM   757  C C   . LYS B 2 7  ? -4.349  3.176   -13.356 1.00 29.87  ? 60  LYS B C   1 
ATOM   758  O O   . LYS B 2 7  ? -4.238  4.322   -13.813 1.00 30.14  ? 60  LYS B O   1 
ATOM   759  C CB  . LYS B 2 7  ? -6.011  1.530   -14.292 1.00 30.72  ? 60  LYS B CB  1 
ATOM   760  C CG  . LYS B 2 7  ? -6.629  1.287   -15.658 1.00 31.19  ? 60  LYS B CG  1 
ATOM   761  C CD  . LYS B 2 7  ? -8.140  1.204   -15.638 1.00 31.60  ? 60  LYS B CD  1 
ATOM   762  C CE  . LYS B 2 7  ? -8.763  1.810   -16.880 1.00 31.76  ? 60  LYS B CE  1 
ATOM   763  N NZ  . LYS B 2 7  ? -10.226 1.576   -16.948 1.00 31.75  ? 60  LYS B NZ  1 
ATOM   764  N N   . ILE B 2 8  ? -4.246  2.882   -12.068 1.00 31.30  ? 61  ILE B N   1 
ATOM   765  C CA  . ILE B 2 8  ? -4.019  3.933   -11.035 1.00 32.81  ? 61  ILE B CA  1 
ATOM   766  C C   . ILE B 2 8  ? -2.582  4.454   -11.168 1.00 32.89  ? 61  ILE B C   1 
ATOM   767  O O   . ILE B 2 8  ? -2.353  5.637   -10.898 1.00 32.40  ? 61  ILE B O   1 
ATOM   768  C CB  . ILE B 2 8  ? -4.313  3.387   -9.629  1.00 32.75  ? 61  ILE B CB  1 
ATOM   769  C CG1 . ILE B 2 8  ? -5.656  2.659   -9.594  1.00 33.17  ? 61  ILE B CG1 1 
ATOM   770  C CG2 . ILE B 2 8  ? -4.263  4.498   -8.592  1.00 33.27  ? 61  ILE B CG2 1 
ATOM   771  C CD1 . ILE B 2 8  ? -5.835  1.777   -8.387  1.00 34.38  ? 61  ILE B CD1 1 
ATOM   772  N N   . MET B 2 9  ? -1.642  3.602   -11.565 1.00 35.07  ? 62  MET B N   1 
ATOM   773  C CA  . MET B 2 9  ? -0.218  3.999   -11.666 1.00 36.76  ? 62  MET B CA  1 
ATOM   774  C C   . MET B 2 9  ? -0.071  5.043   -12.774 1.00 36.07  ? 62  MET B C   1 
ATOM   775  O O   . MET B 2 9  ? 0.720   5.987   -12.593 1.00 33.11  ? 62  MET B O   1 
ATOM   776  C CB  . MET B 2 9  ? 0.657   2.784   -11.973 1.00 39.57  ? 62  MET B CB  1 
ATOM   777  C CG  . MET B 2 9  ? 2.111   2.957   -11.615 1.00 42.83  ? 62  MET B CG  1 
ATOM   778  S SD  . MET B 2 9  ? 2.776   1.465   -10.825 1.00 47.84  ? 62  MET B SD  1 
ATOM   779  C CE  . MET B 2 9  ? 2.111   0.182   -11.886 1.00 47.00  ? 62  MET B CE  1 
ATOM   780  N N   . LYS B 2 10 ? -0.826  4.898   -13.862 1.00 35.21  ? 63  LYS B N   1 
ATOM   781  C CA  . LYS B 2 10 ? -0.727  5.825   -15.016 1.00 35.38  ? 63  LYS B CA  1 
ATOM   782  C C   . LYS B 2 10 ? -1.787  6.917   -14.920 1.00 36.22  ? 63  LYS B C   1 
ATOM   783  O O   . LYS B 2 10 ? -1.560  7.977   -15.510 1.00 35.48  ? 63  LYS B O   1 
ATOM   784  C CB  . LYS B 2 10 ? -0.870  5.070   -16.335 1.00 35.20  ? 63  LYS B CB  1 
ATOM   785  C CG  . LYS B 2 10 ? 0.002   3.837   -16.447 1.00 34.94  ? 63  LYS B CG  1 
ATOM   786  C CD  . LYS B 2 10 ? -0.325  2.992   -17.650 1.00 36.07  ? 63  LYS B CD  1 
ATOM   787  C CE  . LYS B 2 10 ? 0.545   3.324   -18.846 1.00 37.44  ? 63  LYS B CE  1 
ATOM   788  N NZ  . LYS B 2 10 ? 0.265   2.436   -20.002 1.00 37.97  ? 63  LYS B NZ  1 
ATOM   789  N N   . ALA B 2 11 ? -2.911  6.645   -14.260 1.00 39.95  ? 64  ALA B N   1 
ATOM   790  C CA  . ALA B 2 11 ? -3.955  7.658   -13.975 1.00 40.89  ? 64  ALA B CA  1 
ATOM   791  C C   . ALA B 2 11 ? -3.273  8.855   -13.311 1.00 40.96  ? 64  ALA B C   1 
ATOM   792  O O   . ALA B 2 11 ? -3.267  9.948   -13.899 1.00 41.39  ? 64  ALA B O   1 
ATOM   793  C CB  . ALA B 2 11 ? -5.036  7.080   -13.093 1.00 40.50  ? 64  ALA B CB  1 
ATOM   794  N N   . ASP B 2 12 ? -2.689  8.642   -12.136 1.00 44.30  ? 65  ASP B N   1 
ATOM   795  C CA  . ASP B 2 12 ? -1.838  9.673   -11.499 1.00 46.22  ? 65  ASP B CA  1 
ATOM   796  C C   . ASP B 2 12 ? -0.598  9.755   -12.374 1.00 46.73  ? 65  ASP B C   1 
ATOM   797  O O   . ASP B 2 12 ? -0.258  8.743   -13.001 1.00 47.75  ? 65  ASP B O   1 
ATOM   798  C CB  . ASP B 2 12 ? -1.541  9.381   -10.026 1.00 46.63  ? 65  ASP B CB  1 
ATOM   799  C CG  . ASP B 2 12 ? -1.461  10.638  -9.169  1.00 46.33  ? 65  ASP B CG  1 
ATOM   800  O OD1 . ASP B 2 12 ? -2.068  11.661  -9.560  1.00 39.93  ? 65  ASP B OD1 1 
ATOM   801  O OD2 . ASP B 2 12 ? -0.779  10.592  -8.120  1.00 48.94  ? 65  ASP B OD2 1 
ATOM   802  N N   . GLU B 2 13 ? 0.003   10.928  -12.487 1.00 50.75  ? 66  GLU B N   1 
ATOM   803  C CA  . GLU B 2 13 ? 1.100   11.117  -13.465 1.00 52.15  ? 66  GLU B CA  1 
ATOM   804  C C   . GLU B 2 13 ? 2.154   10.019  -13.263 1.00 50.84  ? 66  GLU B C   1 
ATOM   805  O O   . GLU B 2 13 ? 2.631   9.836   -12.126 1.00 48.17  ? 66  GLU B O   1 
ATOM   806  C CB  . GLU B 2 13 ? 1.670   12.531  -13.374 1.00 53.44  ? 66  GLU B CB  1 
ATOM   807  C CG  . GLU B 2 13 ? 1.170   13.428  -14.492 1.00 54.98  ? 66  GLU B CG  1 
ATOM   808  C CD  . GLU B 2 13 ? 1.609   12.987  -15.881 1.00 55.17  ? 66  GLU B CD  1 
ATOM   809  O OE1 . GLU B 2 13 ? 0.808   13.140  -16.829 1.00 54.22  ? 66  GLU B OE1 1 
ATOM   810  O OE2 . GLU B 2 13 ? 2.754   12.493  -16.009 1.00 54.02  ? 66  GLU B OE2 1 
ATOM   811  N N   . ASP B 2 14 ? 2.445   9.284   -14.332 1.00 50.10  ? 67  ASP B N   1 
ATOM   812  C CA  . ASP B 2 14 ? 3.539   8.285   -14.395 1.00 49.29  ? 67  ASP B CA  1 
ATOM   813  C C   . ASP B 2 14 ? 4.344   8.626   -15.643 1.00 47.44  ? 67  ASP B C   1 
ATOM   814  O O   . ASP B 2 14 ? 3.773   9.253   -16.552 1.00 50.32  ? 67  ASP B O   1 
ATOM   815  C CB  . ASP B 2 14 ? 3.006   6.861   -14.514 1.00 49.58  ? 67  ASP B CB  1 
ATOM   816  C CG  . ASP B 2 14 ? 2.562   6.530   -15.930 1.00 50.75  ? 67  ASP B CG  1 
ATOM   817  O OD1 . ASP B 2 14 ? 1.881   7.385   -16.550 1.00 50.62  ? 67  ASP B OD1 1 
ATOM   818  O OD2 . ASP B 2 14 ? 2.918   5.441   -16.413 1.00 49.64  ? 67  ASP B OD2 1 
ATOM   819  N N   . VAL B 2 15 ? 5.600   8.222   -15.730 1.00 41.93  ? 68  VAL B N   1 
ATOM   820  C CA  . VAL B 2 15 ? 6.384   8.577   -16.942 1.00 37.79  ? 68  VAL B CA  1 
ATOM   821  C C   . VAL B 2 15 ? 6.090   7.528   -18.013 1.00 33.85  ? 68  VAL B C   1 
ATOM   822  O O   . VAL B 2 15 ? 6.791   6.508   -18.020 1.00 32.41  ? 68  VAL B O   1 
ATOM   823  C CB  . VAL B 2 15 ? 7.889   8.700   -16.658 1.00 37.40  ? 68  VAL B CB  1 
ATOM   824  C CG1 . VAL B 2 15 ? 8.607   9.236   -17.890 1.00 37.45  ? 68  VAL B CG1 1 
ATOM   825  C CG2 . VAL B 2 15 ? 8.177   9.568   -15.438 1.00 36.64  ? 68  VAL B CG2 1 
ATOM   826  N N   . ARG B 2 16 ? 5.074   7.757   -18.854 1.00 28.76  ? 69  ARG B N   1 
ATOM   827  C CA  . ARG B 2 16 ? 4.789   6.934   -20.059 1.00 26.51  ? 69  ARG B CA  1 
ATOM   828  C C   . ARG B 2 16 ? 4.601   5.444   -19.727 1.00 24.21  ? 69  ARG B C   1 
ATOM   829  O O   . ARG B 2 16 ? 3.646   5.104   -19.026 1.00 23.80  ? 69  ARG B O   1 
ATOM   830  C CB  . ARG B 2 16 ? 5.941   7.115   -21.049 1.00 27.70  ? 69  ARG B CB  1 
ATOM   831  C CG  . ARG B 2 16 ? 5.623   8.057   -22.202 1.00 29.00  ? 69  ARG B CG  1 
ATOM   832  C CD  . ARG B 2 16 ? 6.626   7.868   -23.321 1.00 28.69  ? 69  ARG B CD  1 
ATOM   833  N NE  . ARG B 2 16 ? 6.290   8.606   -24.520 1.00 28.10  ? 69  ARG B NE  1 
ATOM   834  C CZ  . ARG B 2 16 ? 6.910   8.465   -25.682 1.00 28.76  ? 69  ARG B CZ  1 
ATOM   835  N NH1 . ARG B 2 16 ? 7.908   7.608   -25.806 1.00 28.43  ? 69  ARG B NH1 1 
ATOM   836  N NH2 . ARG B 2 16 ? 6.521   9.181   -26.723 1.00 30.17  ? 69  ARG B NH2 1 
ATOM   837  N N   . MET B 2 17 ? 5.502   4.591   -20.213 1.00 22.47  ? 70  MET B N   1 
ATOM   838  C CA  . MET B 2 17 ? 5.427   3.108   -20.153 1.00 21.10  ? 70  MET B CA  1 
ATOM   839  C C   . MET B 2 17 ? 5.577   2.615   -18.703 1.00 19.03  ? 70  MET B C   1 
ATOM   840  O O   . MET B 2 17 ? 6.214   3.311   -17.870 1.00 17.63  ? 70  MET B O   1 
ATOM   841  C CB  . MET B 2 17 ? 6.537   2.505   -21.019 1.00 21.75  ? 70  MET B CB  1 
ATOM   842  C CG  . MET B 2 17 ? 6.763   3.272   -22.323 1.00 22.66  ? 70  MET B CG  1 
ATOM   843  S SD  . MET B 2 17 ? 8.313   2.853   -23.193 1.00 23.50  ? 70  MET B SD  1 
ATOM   844  C CE  . MET B 2 17 ? 9.527   3.689   -22.181 1.00 23.63  ? 70  MET B CE  1 
ATOM   845  N N   . ILE B 2 18 ? 4.999   1.444   -18.417 1.00 17.81  ? 71  ILE B N   1 
ATOM   846  C CA  . ILE B 2 18 ? 5.191   0.690   -17.140 1.00 16.35  ? 71  ILE B CA  1 
ATOM   847  C C   . ILE B 2 18 ? 5.654   -0.724  -17.506 1.00 14.85  ? 71  ILE B C   1 
ATOM   848  O O   . ILE B 2 18 ? 4.950   -1.391  -18.276 1.00 14.95  ? 71  ILE B O   1 
ATOM   849  C CB  . ILE B 2 18 ? 3.901   0.664   -16.297 1.00 16.40  ? 71  ILE B CB  1 
ATOM   850  C CG1 . ILE B 2 18 ? 3.265   2.052   -16.146 1.00 16.44  ? 71  ILE B CG1 1 
ATOM   851  C CG2 . ILE B 2 18 ? 4.168   0.004   -14.945 1.00 16.80  ? 71  ILE B CG2 1 
ATOM   852  C CD1 . ILE B 2 18 ? 3.758   2.828   -14.942 1.00 16.87  ? 71  ILE B CD1 1 
ATOM   853  N N   . ALA B 2 19 ? 6.808   -1.149  -16.987 1.00 13.50  ? 72  ALA B N   1 
ATOM   854  C CA  . ALA B 2 19 ? 7.324   -2.533  -17.101 1.00 12.28  ? 72  ALA B CA  1 
ATOM   855  C C   . ALA B 2 19 ? 6.335   -3.498  -16.442 1.00 11.57  ? 72  ALA B C   1 
ATOM   856  O O   . ALA B 2 19 ? 5.645   -3.123  -15.474 1.00 11.16  ? 72  ALA B O   1 
ATOM   857  C CB  . ALA B 2 19 ? 8.685   -2.638  -16.463 1.00 12.14  ? 72  ALA B CB  1 
ATOM   858  N N   . ALA B 2 20 ? 6.271   -4.721  -16.945 1.00 11.01  ? 73  ALA B N   1 
ATOM   859  C CA  . ALA B 2 20 ? 5.290   -5.727  -16.479 1.00 10.51  ? 73  ALA B CA  1 
ATOM   860  C C   . ALA B 2 20 ? 5.590   -6.103  -15.026 1.00 9.87   ? 73  ALA B C   1 
ATOM   861  O O   . ALA B 2 20 ? 4.650   -6.462  -14.308 1.00 9.91   ? 73  ALA B O   1 
ATOM   862  C CB  . ALA B 2 20 ? 5.300   -6.932  -17.387 1.00 10.52  ? 73  ALA B CB  1 
ATOM   863  N N   . GLU B 2 21 ? 6.847   -6.005  -14.600 1.00 9.14   ? 74  GLU B N   1 
ATOM   864  C CA  . GLU B 2 21 ? 7.261   -6.443  -13.243 1.00 8.78   ? 74  GLU B CA  1 
ATOM   865  C C   . GLU B 2 21 ? 6.814   -5.437  -12.175 1.00 8.61   ? 74  GLU B C   1 
ATOM   866  O O   . GLU B 2 21 ? 6.775   -5.826  -11.003 1.00 8.37   ? 74  GLU B O   1 
ATOM   867  C CB  . GLU B 2 21 ? 8.772   -6.653  -13.179 1.00 8.59   ? 74  GLU B CB  1 
ATOM   868  C CG  . GLU B 2 21 ? 9.594   -5.409  -13.468 1.00 8.40   ? 74  GLU B CG  1 
ATOM   869  C CD  . GLU B 2 21 ? 10.998  -5.466  -12.902 1.00 8.17   ? 74  GLU B CD  1 
ATOM   870  O OE1 . GLU B 2 21 ? 11.613  -6.553  -12.934 1.00 8.24   ? 74  GLU B OE1 1 
ATOM   871  O OE2 . GLU B 2 21 ? 11.464  -4.440  -12.418 1.00 7.94   ? 74  GLU B OE2 1 
ATOM   872  N N   . ALA B 2 22 ? 6.536   -4.185  -12.550 1.00 8.64   ? 75  ALA B N   1 
ATOM   873  C CA  . ALA B 2 22 ? 6.251   -3.098  -11.583 1.00 8.67   ? 75  ALA B CA  1 
ATOM   874  C C   . ALA B 2 22 ? 4.909   -3.344  -10.894 1.00 8.72   ? 75  ALA B C   1 
ATOM   875  O O   . ALA B 2 22 ? 4.832   -3.265  -9.674  1.00 8.36   ? 75  ALA B O   1 
ATOM   876  C CB  . ALA B 2 22 ? 6.321   -1.747  -12.252 1.00 8.71   ? 75  ALA B CB  1 
ATOM   877  N N   . PRO B 2 23 ? 3.804   -3.632  -11.618 1.00 9.06   ? 76  PRO B N   1 
ATOM   878  C CA  . PRO B 2 23 ? 2.542   -3.953  -10.952 1.00 9.28   ? 76  PRO B CA  1 
ATOM   879  C C   . PRO B 2 23 ? 2.595   -5.255  -10.141 1.00 9.55   ? 76  PRO B C   1 
ATOM   880  O O   . PRO B 2 23 ? 1.945   -5.340  -9.119  1.00 9.91   ? 76  PRO B O   1 
ATOM   881  C CB  . PRO B 2 23 ? 1.533   -4.090  -12.102 1.00 9.40   ? 76  PRO B CB  1 
ATOM   882  C CG  . PRO B 2 23 ? 2.171   -3.343  -13.251 1.00 9.41   ? 76  PRO B CG  1 
ATOM   883  C CD  . PRO B 2 23 ? 3.655   -3.597  -13.081 1.00 9.26   ? 76  PRO B CD  1 
ATOM   884  N N   . VAL B 2 24 ? 3.373   -6.234  -10.587 1.00 9.72   ? 77  VAL B N   1 
ATOM   885  C CA  . VAL B 2 24 ? 3.521   -7.514  -9.846  1.00 9.73   ? 77  VAL B CA  1 
ATOM   886  C C   . VAL B 2 24 ? 4.209   -7.240  -8.503  1.00 9.90   ? 77  VAL B C   1 
ATOM   887  O O   . VAL B 2 24 ? 3.733   -7.736  -7.476  1.00 10.05  ? 77  VAL B O   1 
ATOM   888  C CB  . VAL B 2 24 ? 4.296   -8.534  -10.691 1.00 9.83   ? 77  VAL B CB  1 
ATOM   889  C CG1 . VAL B 2 24 ? 4.656   -9.767  -9.877  1.00 9.79   ? 77  VAL B CG1 1 
ATOM   890  C CG2 . VAL B 2 24 ? 3.531   -8.899  -11.952 1.00 9.84   ? 77  VAL B CG2 1 
ATOM   891  N N   . VAL B 2 25 ? 5.293   -6.473  -8.504  1.00 10.23  ? 78  VAL B N   1 
ATOM   892  C CA  . VAL B 2 25 ? 6.017   -6.131  -7.250  1.00 10.94  ? 78  VAL B CA  1 
ATOM   893  C C   . VAL B 2 25 ? 5.155   -5.164  -6.435  1.00 11.32  ? 78  VAL B C   1 
ATOM   894  O O   . VAL B 2 25 ? 5.422   -5.015  -5.230  1.00 11.28  ? 78  VAL B O   1 
ATOM   895  C CB  . VAL B 2 25 ? 7.408   -5.535  -7.539  1.00 11.20  ? 78  VAL B CB  1 
ATOM   896  C CG1 . VAL B 2 25 ? 7.333   -4.091  -8.003  1.00 11.10  ? 78  VAL B CG1 1 
ATOM   897  C CG2 . VAL B 2 25 ? 8.326   -5.651  -6.337  1.00 11.28  ? 78  VAL B CG2 1 
ATOM   898  N N   . PHE B 2 26 ? 4.181   -4.504  -7.063  1.00 11.61  ? 79  PHE B N   1 
ATOM   899  C CA  . PHE B 2 26 ? 3.360   -3.487  -6.369  1.00 11.59  ? 79  PHE B CA  1 
ATOM   900  C C   . PHE B 2 26 ? 2.254   -4.187  -5.586  1.00 11.58  ? 79  PHE B C   1 
ATOM   901  O O   . PHE B 2 26 ? 2.018   -3.826  -4.418  1.00 11.62  ? 79  PHE B O   1 
ATOM   902  C CB  . PHE B 2 26 ? 2.786   -2.475  -7.359  1.00 11.79  ? 79  PHE B CB  1 
ATOM   903  C CG  . PHE B 2 26 ? 2.830   -1.058  -6.860  1.00 11.91  ? 79  PHE B CG  1 
ATOM   904  C CD1 . PHE B 2 26 ? 2.530   -0.761  -5.541  1.00 12.09  ? 79  PHE B CD1 1 
ATOM   905  C CD2 . PHE B 2 26 ? 3.173   -0.020  -7.710  1.00 12.08  ? 79  PHE B CD2 1 
ATOM   906  C CE1 . PHE B 2 26 ? 2.579   0.546   -5.082  1.00 12.33  ? 79  PHE B CE1 1 
ATOM   907  C CE2 . PHE B 2 26 ? 3.228   1.285   -7.251  1.00 12.03  ? 79  PHE B CE2 1 
ATOM   908  C CZ  . PHE B 2 26 ? 2.925   1.565   -5.941  1.00 12.23  ? 79  PHE B CZ  1 
ATOM   909  N N   . ALA B 2 27 ? 1.547   -5.119  -6.222  1.00 11.49  ? 80  ALA B N   1 
ATOM   910  C CA  . ALA B 2 27 ? 0.455   -5.872  -5.566  1.00 11.47  ? 80  ALA B CA  1 
ATOM   911  C C   . ALA B 2 27 ? 1.013   -6.547  -4.309  1.00 11.34  ? 80  ALA B C   1 
ATOM   912  O O   . ALA B 2 27 ? 0.371   -6.496  -3.260  1.00 11.74  ? 80  ALA B O   1 
ATOM   913  C CB  . ALA B 2 27 ? -0.157  -6.869  -6.520  1.00 11.38  ? 80  ALA B CB  1 
ATOM   914  N N   . ARG B 2 28 ? 2.171   -7.179  -4.410  1.00 11.25  ? 81  ARG B N   1 
ATOM   915  C CA  . ARG B 2 28 ? 2.845   -7.758  -3.226  1.00 11.80  ? 81  ARG B CA  1 
ATOM   916  C C   . ARG B 2 28 ? 3.169   -6.650  -2.217  1.00 11.23  ? 81  ARG B C   1 
ATOM   917  O O   . ARG B 2 28 ? 2.975   -6.863  -1.013  1.00 11.15  ? 81  ARG B O   1 
ATOM   918  C CB  . ARG B 2 28 ? 4.104   -8.506  -3.654  1.00 12.91  ? 81  ARG B CB  1 
ATOM   919  C CG  . ARG B 2 28 ? 4.880   -9.115  -2.498  1.00 14.00  ? 81  ARG B CG  1 
ATOM   920  C CD  . ARG B 2 28 ? 4.057   -10.110 -1.700  1.00 14.94  ? 81  ARG B CD  1 
ATOM   921  N NE  . ARG B 2 28 ? 4.905   -11.034 -0.963  1.00 16.03  ? 81  ARG B NE  1 
ATOM   922  C CZ  . ARG B 2 28 ? 5.090   -12.320 -1.262  1.00 16.80  ? 81  ARG B CZ  1 
ATOM   923  N NH1 . ARG B 2 28 ? 4.466   -12.879 -2.291  1.00 16.74  ? 81  ARG B NH1 1 
ATOM   924  N NH2 . ARG B 2 28 ? 5.907   -13.045 -0.510  1.00 17.04  ? 81  ARG B NH2 1 
ATOM   925  N N   . ALA B 2 29 ? 3.664   -5.503  -2.673  1.00 10.62  ? 82  ALA B N   1 
ATOM   926  C CA  . ALA B 2 29 ? 3.960   -4.360  -1.775  1.00 10.26  ? 82  ALA B CA  1 
ATOM   927  C C   . ALA B 2 29 ? 2.654   -3.835  -1.154  1.00 9.58   ? 82  ALA B C   1 
ATOM   928  O O   . ALA B 2 29 ? 2.644   -3.498  0.034   1.00 9.19   ? 82  ALA B O   1 
ATOM   929  C CB  . ALA B 2 29 ? 4.709   -3.285  -2.522  1.00 10.17  ? 82  ALA B CB  1 
ATOM   930  N N   . CYS B 2 30 ? 1.584   -3.760  -1.940  1.00 9.63   ? 83  CYS B N   1 
ATOM   931  C CA  . CYS B 2 30 ? 0.231   -3.403  -1.444  1.00 9.73   ? 83  CYS B CA  1 
ATOM   932  C C   . CYS B 2 30 ? -0.254  -4.472  -0.457  1.00 10.07  ? 83  CYS B C   1 
ATOM   933  O O   . CYS B 2 30 ? -0.871  -4.101  0.549   1.00 9.86   ? 83  CYS B O   1 
ATOM   934  C CB  . CYS B 2 30 ? -0.751  -3.215  -2.588  1.00 9.77   ? 83  CYS B CB  1 
ATOM   935  S SG  . CYS B 2 30 ? -0.503  -1.645  -3.458  1.00 10.02  ? 83  CYS B SG  1 
ATOM   936  N N   . GLU B 2 31 ? 0.045   -5.747  -0.707  1.00 10.44  ? 84  GLU B N   1 
ATOM   937  C CA  . GLU B 2 31 ? -0.320  -6.845  0.224   1.00 10.91  ? 84  GLU B CA  1 
ATOM   938  C C   . GLU B 2 31 ? 0.372   -6.621  1.574   1.00 10.32  ? 84  GLU B C   1 
ATOM   939  O O   . GLU B 2 31 ? -0.290  -6.767  2.614   1.00 10.18  ? 84  GLU B O   1 
ATOM   940  C CB  . GLU B 2 31 ? 0.114   -8.207  -0.308  1.00 12.01  ? 84  GLU B CB  1 
ATOM   941  C CG  . GLU B 2 31 ? -0.786  -8.797  -1.381  1.00 13.02  ? 84  GLU B CG  1 
ATOM   942  C CD  . GLU B 2 31 ? -0.268  -10.130 -1.926  1.00 14.06  ? 84  GLU B CD  1 
ATOM   943  O OE1 . GLU B 2 31 ? 0.752   -10.663 -1.362  1.00 14.01  ? 84  GLU B OE1 1 
ATOM   944  O OE2 . GLU B 2 31 ? -0.873  -10.647 -2.917  1.00 14.72  ? 84  GLU B OE2 1 
ATOM   945  N N   . MET B 2 32 ? 1.664   -6.296  1.565   1.00 9.67   ? 85  MET B N   1 
ATOM   946  C CA  . MET B 2 32 ? 2.431   -6.102  2.819   1.00 9.13   ? 85  MET B CA  1 
ATOM   947  C C   . MET B 2 32 ? 1.991   -4.786  3.455   1.00 8.48   ? 85  MET B C   1 
ATOM   948  O O   . MET B 2 32 ? 2.166   -4.642  4.667   1.00 8.00   ? 85  MET B O   1 
ATOM   949  C CB  . MET B 2 32 ? 3.944   -6.068  2.587   1.00 9.78   ? 85  MET B CB  1 
ATOM   950  C CG  . MET B 2 32 ? 4.493   -7.314  1.943   1.00 11.23  ? 85  MET B CG  1 
ATOM   951  S SD  . MET B 2 32 ? 6.292   -7.211  1.684   1.00 12.55  ? 85  MET B SD  1 
ATOM   952  C CE  . MET B 2 32 ? 6.539   -8.740  0.772   1.00 12.51  ? 85  MET B CE  1 
ATOM   953  N N   . PHE B 2 33 ? 1.470   -3.850  2.662   1.00 7.76   ? 86  PHE B N   1 
ATOM   954  C CA  . PHE B 2 33 ? 1.062   -2.530  3.194   1.00 7.12   ? 86  PHE B CA  1 
ATOM   955  C C   . PHE B 2 33 ? -0.257  -2.680  3.955   1.00 7.02   ? 86  PHE B C   1 
ATOM   956  O O   . PHE B 2 33 ? -0.392  -2.106  5.034   1.00 6.83   ? 86  PHE B O   1 
ATOM   957  C CB  . PHE B 2 33 ? 0.952   -1.499  2.081   1.00 6.96   ? 86  PHE B CB  1 
ATOM   958  C CG  . PHE B 2 33 ? 0.422   -0.174  2.563   1.00 7.06   ? 86  PHE B CG  1 
ATOM   959  C CD1 . PHE B 2 33 ? 1.203   0.639   3.376   1.00 6.78   ? 86  PHE B CD1 1 
ATOM   960  C CD2 . PHE B 2 33 ? -0.854  0.244   2.225   1.00 6.74   ? 86  PHE B CD2 1 
ATOM   961  C CE1 . PHE B 2 33 ? 0.722   1.852   3.829   1.00 6.74   ? 86  PHE B CE1 1 
ATOM   962  C CE2 . PHE B 2 33 ? -1.335  1.462   2.679   1.00 6.85   ? 86  PHE B CE2 1 
ATOM   963  C CZ  . PHE B 2 33 ? -0.542  2.261   3.481   1.00 6.92   ? 86  PHE B CZ  1 
ATOM   964  N N   . ILE B 2 34 ? -1.210  -3.424  3.401   1.00 6.90   ? 87  ILE B N   1 
ATOM   965  C CA  . ILE B 2 34 ? -2.500  -3.697  4.089   1.00 6.85   ? 87  ILE B CA  1 
ATOM   966  C C   . ILE B 2 34 ? -2.201  -4.430  5.400   1.00 6.72   ? 87  ILE B C   1 
ATOM   967  O O   . ILE B 2 34 ? -2.794  -4.081  6.424   1.00 6.42   ? 87  ILE B O   1 
ATOM   968  C CB  . ILE B 2 34 ? -3.452  -4.495  3.178   1.00 6.95   ? 87  ILE B CB  1 
ATOM   969  C CG1 . ILE B 2 34 ? -3.901  -3.653  1.980   1.00 6.99   ? 87  ILE B CG1 1 
ATOM   970  C CG2 . ILE B 2 34 ? -4.637  -5.039  3.973   1.00 6.86   ? 87  ILE B CG2 1 
ATOM   971  C CD1 . ILE B 2 34 ? -4.473  -4.463  0.838   1.00 7.04   ? 87  ILE B CD1 1 
ATOM   972  N N   . LEU B 2 35 ? -1.292  -5.400  5.368   1.00 6.63   ? 88  LEU B N   1 
ATOM   973  C CA  . LEU B 2 35 ? -0.872  -6.154  6.585   1.00 6.41   ? 88  LEU B CA  1 
ATOM   974  C C   . LEU B 2 35 ? -0.484  -5.178  7.695   1.00 6.27   ? 88  LEU B C   1 
ATOM   975  O O   . LEU B 2 35 ? -1.128  -5.217  8.754   1.00 6.38   ? 88  LEU B O   1 
ATOM   976  C CB  . LEU B 2 35 ? 0.317   -7.063  6.260   1.00 6.55   ? 88  LEU B CB  1 
ATOM   977  C CG  . LEU B 2 35 ? 0.010   -8.541  6.044   1.00 6.59   ? 88  LEU B CG  1 
ATOM   978  C CD1 . LEU B 2 35 ? -1.120  -8.743  5.035   1.00 6.69   ? 88  LEU B CD1 1 
ATOM   979  C CD2 . LEU B 2 35 ? 1.267   -9.264  5.586   1.00 6.63   ? 88  LEU B CD2 1 
ATOM   980  N N   . GLU B 2 36 ? 0.542   -4.361  7.470   1.00 6.27   ? 89  GLU B N   1 
ATOM   981  C CA  . GLU B 2 36 ? 1.102   -3.470  8.521   1.00 6.56   ? 89  GLU B CA  1 
ATOM   982  C C   . GLU B 2 36 ? 0.013   -2.498  8.987   1.00 6.28   ? 89  GLU B C   1 
ATOM   983  O O   . GLU B 2 36 ? -0.092  -2.272  10.206  1.00 5.97   ? 89  GLU B O   1 
ATOM   984  C CB  . GLU B 2 36 ? 2.326   -2.710  8.009   1.00 6.96   ? 89  GLU B CB  1 
ATOM   985  C CG  . GLU B 2 36 ? 2.909   -1.729  9.011   1.00 7.34   ? 89  GLU B CG  1 
ATOM   986  C CD  . GLU B 2 36 ? 4.107   -0.941  8.498   1.00 7.75   ? 89  GLU B CD  1 
ATOM   987  O OE1 . GLU B 2 36 ? 5.047   -0.722  9.280   1.00 8.18   ? 89  GLU B OE1 1 
ATOM   988  O OE2 . GLU B 2 36 ? 4.111   -0.541  7.318   1.00 8.11   ? 89  GLU B OE2 1 
ATOM   989  N N   . LEU B 2 37 ? -0.764  -1.944  8.048   1.00 6.00   ? 90  LEU B N   1 
ATOM   990  C CA  . LEU B 2 37 ? -1.856  -1.013  8.414   1.00 5.77   ? 90  LEU B CA  1 
ATOM   991  C C   . LEU B 2 37 ? -2.904  -1.789  9.204   1.00 5.55   ? 90  LEU B C   1 
ATOM   992  O O   . LEU B 2 37 ? -3.393  -1.246  10.195  1.00 5.59   ? 90  LEU B O   1 
ATOM   993  C CB  . LEU B 2 37 ? -2.473  -0.377  7.167   1.00 5.64   ? 90  LEU B CB  1 
ATOM   994  C CG  . LEU B 2 37 ? -3.517  0.709   7.442   1.00 5.59   ? 90  LEU B CG  1 
ATOM   995  C CD1 . LEU B 2 37 ? -2.874  1.934   8.073   1.00 5.58   ? 90  LEU B CD1 1 
ATOM   996  C CD2 . LEU B 2 37 ? -4.255  1.091   6.166   1.00 5.67   ? 90  LEU B CD2 1 
ATOM   997  N N   . THR B 2 38 ? -3.243  -3.004  8.792   1.00 5.43   ? 91  THR B N   1 
ATOM   998  C CA  . THR B 2 38 ? -4.291  -3.794  9.481   1.00 5.54   ? 91  THR B CA  1 
ATOM   999  C C   . THR B 2 38 ? -3.736  -4.331  10.804  1.00 5.54   ? 91  THR B C   1 
ATOM   1000 O O   . THR B 2 38 ? -4.482  -4.333  11.794  1.00 5.48   ? 91  THR B O   1 
ATOM   1001 C CB  . THR B 2 38 ? -4.839  -4.909  8.595   1.00 5.49   ? 91  THR B CB  1 
ATOM   1002 O OG1 . THR B 2 38 ? -5.078  -4.385  7.288   1.00 5.46   ? 91  THR B OG1 1 
ATOM   1003 C CG2 . THR B 2 38 ? -6.117  -5.476  9.157   1.00 5.42   ? 91  THR B CG2 1 
ATOM   1004 N N   . HIS B 2 39 ? -2.482  -4.773  10.821  1.00 5.55   ? 92  HIS B N   1 
ATOM   1005 C CA  . HIS B 2 39 ? -1.801  -5.160  12.082  1.00 5.59   ? 92  HIS B CA  1 
ATOM   1006 C C   . HIS B 2 39 ? -1.843  -3.997  13.073  1.00 5.63   ? 92  HIS B C   1 
ATOM   1007 O O   . HIS B 2 39 ? -2.176  -4.205  14.230  1.00 5.61   ? 92  HIS B O   1 
ATOM   1008 C CB  . HIS B 2 39 ? -0.365  -5.602  11.804  1.00 5.58   ? 92  HIS B CB  1 
ATOM   1009 C CG  . HIS B 2 39 ? -0.270  -6.976  11.234  1.00 5.59   ? 92  HIS B CG  1 
ATOM   1010 N ND1 . HIS B 2 39 ? -1.361  -7.661  10.728  1.00 5.62   ? 92  HIS B ND1 1 
ATOM   1011 C CD2 . HIS B 2 39 ? 0.783   -7.800  11.092  1.00 5.49   ? 92  HIS B CD2 1 
ATOM   1012 C CE1 . HIS B 2 39 ? -0.973  -8.840  10.293  1.00 5.52   ? 92  HIS B CE1 1 
ATOM   1013 N NE2 . HIS B 2 39 ? 0.330   -8.950  10.513  1.00 5.51   ? 92  HIS B NE2 1 
ATOM   1014 N N   . ARG B 2 40 ? -1.488  -2.805  12.630  1.00 5.78   ? 93  ARG B N   1 
ATOM   1015 C CA  . ARG B 2 40 ? -1.367  -1.635  13.531  1.00 5.90   ? 93  ARG B CA  1 
ATOM   1016 C C   . ARG B 2 40 ? -2.764  -1.198  13.983  1.00 5.76   ? 93  ARG B C   1 
ATOM   1017 O O   . ARG B 2 40 ? -2.903  -0.777  15.135  1.00 5.61   ? 93  ARG B O   1 
ATOM   1018 C CB  . ARG B 2 40 ? -0.610  -0.513  12.823  1.00 5.98   ? 93  ARG B CB  1 
ATOM   1019 C CG  . ARG B 2 40 ? -0.284  0.650   13.739  1.00 6.40   ? 93  ARG B CG  1 
ATOM   1020 C CD  . ARG B 2 40 ? 1.017   1.335   13.376  1.00 6.59   ? 93  ARG B CD  1 
ATOM   1021 N NE  . ARG B 2 40 ? 2.167   0.720   14.041  1.00 6.64   ? 93  ARG B NE  1 
ATOM   1022 C CZ  . ARG B 2 40 ? 3.044   -0.090  13.467  1.00 6.56   ? 93  ARG B CZ  1 
ATOM   1023 N NH1 . ARG B 2 40 ? 4.049   -0.578  14.181  1.00 6.67   ? 93  ARG B NH1 1 
ATOM   1024 N NH2 . ARG B 2 40 ? 2.911   -0.414  12.195  1.00 6.34   ? 93  ARG B NH2 1 
ATOM   1025 N N   . GLY B 2 41 ? -3.755  -1.275  13.091  1.00 5.76   ? 94  GLY B N   1 
ATOM   1026 C CA  . GLY B 2 41 ? -5.139  -0.888  13.420  1.00 5.76   ? 94  GLY B CA  1 
ATOM   1027 C C   . GLY B 2 41 ? -5.731  -1.809  14.469  1.00 5.80   ? 94  GLY B C   1 
ATOM   1028 O O   . GLY B 2 41 ? -6.293  -1.328  15.462  1.00 5.90   ? 94  GLY B O   1 
ATOM   1029 N N   . TRP B 2 42 ? -5.607  -3.112  14.262  1.00 6.04   ? 95  TRP B N   1 
ATOM   1030 C CA  . TRP B 2 42 ? -6.203  -4.115  15.173  1.00 6.16   ? 95  TRP B CA  1 
ATOM   1031 C C   . TRP B 2 42 ? -5.474  -4.113  16.515  1.00 6.29   ? 95  TRP B C   1 
ATOM   1032 O O   . TRP B 2 42 ? -6.136  -4.361  17.530  1.00 6.35   ? 95  TRP B O   1 
ATOM   1033 C CB  . TRP B 2 42 ? -6.188  -5.501  14.540  1.00 6.10   ? 95  TRP B CB  1 
ATOM   1034 C CG  . TRP B 2 42 ? -7.042  -6.465  15.297  1.00 6.20   ? 95  TRP B CG  1 
ATOM   1035 C CD1 . TRP B 2 42 ? -8.401  -6.569  15.251  1.00 6.20   ? 95  TRP B CD1 1 
ATOM   1036 C CD2 . TRP B 2 42 ? -6.596  -7.445  16.247  1.00 6.36   ? 95  TRP B CD2 1 
ATOM   1037 N NE1 . TRP B 2 42 ? -8.831  -7.553  16.094  1.00 6.28   ? 95  TRP B NE1 1 
ATOM   1038 C CE2 . TRP B 2 42 ? -7.748  -8.109  16.719  1.00 6.48   ? 95  TRP B CE2 1 
ATOM   1039 C CE3 . TRP B 2 42 ? -5.343  -7.821  16.741  1.00 6.31   ? 95  TRP B CE3 1 
ATOM   1040 C CZ2 . TRP B 2 42 ? -7.682  -9.136  17.663  1.00 6.57   ? 95  TRP B CZ2 1 
ATOM   1041 C CZ3 . TRP B 2 42 ? -5.277  -8.835  17.673  1.00 6.59   ? 95  TRP B CZ3 1 
ATOM   1042 C CH2 . TRP B 2 42 ? -6.433  -9.482  18.126  1.00 6.60   ? 95  TRP B CH2 1 
ATOM   1043 N N   . ALA B 2 43 ? -4.168  -3.861  16.524  1.00 6.35   ? 96  ALA B N   1 
ATOM   1044 C CA  . ALA B 2 43 ? -3.398  -3.720  17.778  1.00 6.66   ? 96  ALA B CA  1 
ATOM   1045 C C   . ALA B 2 43 ? -4.031  -2.604  18.612  1.00 7.12   ? 96  ALA B C   1 
ATOM   1046 O O   . ALA B 2 43 ? -4.143  -2.747  19.843  1.00 7.12   ? 96  ALA B O   1 
ATOM   1047 C CB  . ALA B 2 43 ? -1.944  -3.430  17.494  1.00 6.55   ? 96  ALA B CB  1 
ATOM   1048 N N   . HIS B 2 44 ? -4.430  -1.514  17.969  1.00 7.42   ? 97  HIS B N   1 
ATOM   1049 C CA  . HIS B 2 44 ? -5.133  -0.416  18.668  1.00 8.01   ? 97  HIS B CA  1 
ATOM   1050 C C   . HIS B 2 44 ? -6.515  -0.913  19.095  1.00 8.69   ? 97  HIS B C   1 
ATOM   1051 O O   . HIS B 2 44 ? -6.945  -0.562  20.211  1.00 8.92   ? 97  HIS B O   1 
ATOM   1052 C CB  . HIS B 2 44 ? -5.205  0.834   17.791  1.00 7.83   ? 97  HIS B CB  1 
ATOM   1053 C CG  . HIS B 2 44 ? -6.054  1.910   18.381  1.00 7.98   ? 97  HIS B CG  1 
ATOM   1054 N ND1 . HIS B 2 44 ? -7.357  2.139   17.970  1.00 7.95   ? 97  HIS B ND1 1 
ATOM   1055 C CD2 . HIS B 2 44 ? -5.795  2.815   19.349  1.00 7.96   ? 97  HIS B CD2 1 
ATOM   1056 C CE1 . HIS B 2 44 ? -7.854  3.147   18.651  1.00 7.97   ? 97  HIS B CE1 1 
ATOM   1057 N NE2 . HIS B 2 44 ? -6.918  3.576   19.509  1.00 7.96   ? 97  HIS B NE2 1 
ATOM   1058 N N   . ALA B 2 45 ? -7.197  -1.666  18.234  1.00 9.37   ? 98  ALA B N   1 
ATOM   1059 C CA  . ALA B 2 45 ? -8.556  -2.169  18.523  1.00 10.71  ? 98  ALA B CA  1 
ATOM   1060 C C   . ALA B 2 45 ? -8.488  -3.179  19.674  1.00 12.11  ? 98  ALA B C   1 
ATOM   1061 O O   . ALA B 2 45 ? -9.302  -3.114  20.593  1.00 12.31  ? 98  ALA B O   1 
ATOM   1062 C CB  . ALA B 2 45 ? -9.189  -2.763  17.281  1.00 10.23  ? 98  ALA B CB  1 
ATOM   1063 N N   . GLU B 2 46 ? -7.557  -4.112  19.621  1.00 14.58  ? 99  GLU B N   1 
ATOM   1064 C CA  . GLU B 2 46 ? -7.427  -5.139  20.680  1.00 17.42  ? 99  GLU B CA  1 
ATOM   1065 C C   . GLU B 2 46 ? -6.943  -4.491  21.983  1.00 18.05  ? 99  GLU B C   1 
ATOM   1066 O O   . GLU B 2 46 ? -7.357  -4.933  23.047  1.00 20.08  ? 99  GLU B O   1 
ATOM   1067 C CB  . GLU B 2 46 ? -6.497  -6.250  20.212  1.00 19.95  ? 99  GLU B CB  1 
ATOM   1068 C CG  . GLU B 2 46 ? -5.955  -7.108  21.339  1.00 22.21  ? 99  GLU B CG  1 
ATOM   1069 C CD  . GLU B 2 46 ? -4.501  -6.833  21.684  1.00 24.88  ? 99  GLU B CD  1 
ATOM   1070 O OE1 . GLU B 2 46 ? -3.734  -6.456  20.760  1.00 27.25  ? 99  GLU B OE1 1 
ATOM   1071 O OE2 . GLU B 2 46 ? -4.131  -7.010  22.871  1.00 27.30  ? 99  GLU B OE2 1 
ATOM   1072 N N   . GLU B 2 47 ? -6.115  -3.462  21.924  1.00 18.07  ? 100 GLU B N   1 
ATOM   1073 C CA  . GLU B 2 47 ? -5.644  -2.777  23.160  1.00 18.73  ? 100 GLU B CA  1 
ATOM   1074 C C   . GLU B 2 47 ? -6.818  -2.112  23.884  1.00 17.00  ? 100 GLU B C   1 
ATOM   1075 O O   . GLU B 2 47 ? -6.796  -2.070  25.137  1.00 15.85  ? 100 GLU B O   1 
ATOM   1076 C CB  . GLU B 2 47 ? -4.559  -1.750  22.835  1.00 20.88  ? 100 GLU B CB  1 
ATOM   1077 C CG  . GLU B 2 47 ? -3.899  -1.167  24.059  1.00 22.92  ? 100 GLU B CG  1 
ATOM   1078 C CD  . GLU B 2 47 ? -3.034  -2.133  24.856  1.00 26.29  ? 100 GLU B CD  1 
ATOM   1079 O OE1 . GLU B 2 47 ? -3.071  -3.363  24.572  1.00 28.25  ? 100 GLU B OE1 1 
ATOM   1080 O OE2 . GLU B 2 47 ? -2.343  -1.650  25.784  1.00 29.55  ? 100 GLU B OE2 1 
ATOM   1081 N N   . ASN B 2 48 ? -7.803  -1.623  23.133  1.00 15.67  ? 101 ASN B N   1 
ATOM   1082 C CA  . ASN B 2 48 ? -9.043  -1.060  23.713  1.00 15.18  ? 101 ASN B CA  1 
ATOM   1083 C C   . ASN B 2 48 ? -10.022 -2.172  24.108  1.00 15.04  ? 101 ASN B C   1 
ATOM   1084 O O   . ASN B 2 48 ? -11.171 -1.828  24.445  1.00 15.99  ? 101 ASN B O   1 
ATOM   1085 C CB  . ASN B 2 48 ? -9.681  -0.067  22.749  1.00 15.05  ? 101 ASN B CB  1 
ATOM   1086 C CG  . ASN B 2 48 ? -9.118  1.331   22.880  1.00 14.73  ? 101 ASN B CG  1 
ATOM   1087 O OD1 . ASN B 2 48 ? -8.726  1.749   23.962  1.00 14.37  ? 101 ASN B OD1 1 
ATOM   1088 N ND2 . ASN B 2 48 ? -9.091  2.072   21.787  1.00 14.36  ? 101 ASN B ND2 1 
ATOM   1089 N N   . LYS B 2 49 ? -9.598  -3.443  24.085  1.00 14.37  ? 102 LYS B N   1 
ATOM   1090 C CA  . LYS B 2 49 ? -10.435 -4.618  24.440  1.00 13.82  ? 102 LYS B CA  1 
ATOM   1091 C C   . LYS B 2 49 ? -11.690 -4.651  23.570  1.00 13.63  ? 102 LYS B C   1 
ATOM   1092 O O   . LYS B 2 49 ? -12.756 -5.003  24.079  1.00 13.57  ? 102 LYS B O   1 
ATOM   1093 C CB  . LYS B 2 49 ? -10.827 -4.569  25.914  1.00 13.83  ? 102 LYS B CB  1 
ATOM   1094 C CG  . LYS B 2 49 ? -9.670  -4.321  26.860  1.00 14.12  ? 102 LYS B CG  1 
ATOM   1095 C CD  . LYS B 2 49 ? -8.535  -5.307  26.725  1.00 13.91  ? 102 LYS B CD  1 
ATOM   1096 C CE  . LYS B 2 49 ? -7.437  -4.998  27.721  1.00 13.79  ? 102 LYS B CE  1 
ATOM   1097 N NZ  . LYS B 2 49 ? -6.332  -5.980  27.671  1.00 14.11  ? 102 LYS B NZ  1 
ATOM   1098 N N   . ARG B 2 50 ? -11.546 -4.321  22.293  1.00 12.76  ? 103 ARG B N   1 
ATOM   1099 C CA  . ARG B 2 50 ? -12.614 -4.482  21.286  1.00 13.89  ? 103 ARG B CA  1 
ATOM   1100 C C   . ARG B 2 50 ? -12.187 -5.561  20.291  1.00 14.57  ? 103 ARG B C   1 
ATOM   1101 O O   . ARG B 2 50 ? -11.023 -5.570  19.862  1.00 14.95  ? 103 ARG B O   1 
ATOM   1102 C CB  . ARG B 2 50 ? -12.871 -3.151  20.587  1.00 13.77  ? 103 ARG B CB  1 
ATOM   1103 C CG  . ARG B 2 50 ? -14.344 -2.841  20.352  1.00 13.53  ? 103 ARG B CG  1 
ATOM   1104 C CD  . ARG B 2 50 ? -14.547 -1.488  19.692  1.00 12.77  ? 103 ARG B CD  1 
ATOM   1105 N NE  . ARG B 2 50 ? -13.443 -0.565  19.934  1.00 13.56  ? 103 ARG B NE  1 
ATOM   1106 C CZ  . ARG B 2 50 ? -12.557 -0.168  19.020  1.00 13.82  ? 103 ARG B CZ  1 
ATOM   1107 N NH1 . ARG B 2 50 ? -11.586 0.672   19.336  1.00 13.81  ? 103 ARG B NH1 1 
ATOM   1108 N NH2 . ARG B 2 50 ? -12.649 -0.589  17.776  1.00 14.03  ? 103 ARG B NH2 1 
ATOM   1109 N N   . ARG B 2 51 ? -13.119 -6.424  19.911  1.00 15.52  ? 104 ARG B N   1 
ATOM   1110 C CA  . ARG B 2 51 ? -12.856 -7.501  18.929  1.00 16.53  ? 104 ARG B CA  1 
ATOM   1111 C C   . ARG B 2 51 ? -13.265 -7.051  17.525  1.00 15.44  ? 104 ARG B C   1 
ATOM   1112 O O   . ARG B 2 51 ? -13.033 -7.829  16.585  1.00 14.19  ? 104 ARG B O   1 
ATOM   1113 C CB  . ARG B 2 51 ? -13.569 -8.783  19.366  1.00 18.22  ? 104 ARG B CB  1 
ATOM   1114 C CG  . ARG B 2 51 ? -13.140 -9.278  20.743  1.00 19.34  ? 104 ARG B CG  1 
ATOM   1115 C CD  . ARG B 2 51 ? -12.674 -10.726 20.744  1.00 20.98  ? 104 ARG B CD  1 
ATOM   1116 N NE  . ARG B 2 51 ? -12.035 -11.091 22.011  1.00 22.20  ? 104 ARG B NE  1 
ATOM   1117 C CZ  . ARG B 2 51 ? -10.738 -10.939 22.302  1.00 22.69  ? 104 ARG B CZ  1 
ATOM   1118 N NH1 . ARG B 2 51 ? -9.892  -10.431 21.419  1.00 22.69  ? 104 ARG B NH1 1 
ATOM   1119 N NH2 . ARG B 2 51 ? -10.293 -11.300 23.494  1.00 22.79  ? 104 ARG B NH2 1 
ATOM   1120 N N   . THR B 2 52 ? -13.842 -5.861  17.375  1.00 15.05  ? 105 THR B N   1 
ATOM   1121 C CA  . THR B 2 52 ? -14.261 -5.346  16.049  1.00 15.25  ? 105 THR B CA  1 
ATOM   1122 C C   . THR B 2 52 ? -13.256 -4.312  15.556  1.00 15.21  ? 105 THR B C   1 
ATOM   1123 O O   . THR B 2 52 ? -13.022 -3.339  16.257  1.00 13.46  ? 105 THR B O   1 
ATOM   1124 C CB  . THR B 2 52 ? -15.667 -4.750  16.073  1.00 15.21  ? 105 THR B CB  1 
ATOM   1125 O OG1 . THR B 2 52 ? -16.583 -5.781  16.441  1.00 16.14  ? 105 THR B OG1 1 
ATOM   1126 C CG2 . THR B 2 52 ? -16.074 -4.183  14.733  1.00 15.01  ? 105 THR B CG2 1 
ATOM   1127 N N   . LEU B 2 53 ? -12.744 -4.523  14.346  1.00 15.95  ? 106 LEU B N   1 
ATOM   1128 C CA  . LEU B 2 53 ? -11.856 -3.571  13.642  1.00 16.10  ? 106 LEU B CA  1 
ATOM   1129 C C   . LEU B 2 53 ? -12.730 -2.536  12.934  1.00 17.13  ? 106 LEU B C   1 
ATOM   1130 O O   . LEU B 2 53 ? -13.327 -2.865  11.902  1.00 16.95  ? 106 LEU B O   1 
ATOM   1131 C CB  . LEU B 2 53 ? -10.977 -4.322  12.642  1.00 15.57  ? 106 LEU B CB  1 
ATOM   1132 C CG  . LEU B 2 53 ? -9.915  -3.464  11.953  1.00 14.92  ? 106 LEU B CG  1 
ATOM   1133 C CD1 . LEU B 2 53 ? -8.894  -2.961  12.964  1.00 13.56  ? 106 LEU B CD1 1 
ATOM   1134 C CD2 . LEU B 2 53 ? -9.228  -4.239  10.835  1.00 14.94  ? 106 LEU B CD2 1 
ATOM   1135 N N   . GLN B 2 54 ? -12.791 -1.326  13.483  1.00 18.52  ? 107 GLN B N   1 
ATOM   1136 C CA  . GLN B 2 54 ? -13.659 -0.241  12.967  1.00 19.88  ? 107 GLN B CA  1 
ATOM   1137 C C   . GLN B 2 54 ? -12.810 0.845   12.302  1.00 19.59  ? 107 GLN B C   1 
ATOM   1138 O O   . GLN B 2 54 ? -11.574 0.761   12.323  1.00 19.44  ? 107 GLN B O   1 
ATOM   1139 C CB  . GLN B 2 54 ? -14.507 0.323   14.105  1.00 20.85  ? 107 GLN B CB  1 
ATOM   1140 C CG  . GLN B 2 54 ? -15.317 -0.730  14.849  1.00 21.53  ? 107 GLN B CG  1 
ATOM   1141 C CD  . GLN B 2 54 ? -15.661 -0.258  16.244  1.00 22.89  ? 107 GLN B CD  1 
ATOM   1142 O OE1 . GLN B 2 54 ? -14.972 0.584   16.822  1.00 23.63  ? 107 GLN B OE1 1 
ATOM   1143 N NE2 . GLN B 2 54 ? -16.720 -0.806  16.824  1.00 23.33  ? 107 GLN B NE2 1 
ATOM   1144 N N   . LYS B 2 55 ? -13.469 1.841   11.724  1.00 19.21  ? 108 LYS B N   1 
ATOM   1145 C CA  . LYS B 2 55 ? -12.808 2.926   10.953  1.00 19.26  ? 108 LYS B CA  1 
ATOM   1146 C C   . LYS B 2 55 ? -11.927 3.760   11.880  1.00 17.46  ? 108 LYS B C   1 
ATOM   1147 O O   . LYS B 2 55 ? -10.945 4.293   11.392  1.00 17.52  ? 108 LYS B O   1 
ATOM   1148 C CB  . LYS B 2 55 ? -13.834 3.831   10.269  1.00 20.71  ? 108 LYS B CB  1 
ATOM   1149 C CG  . LYS B 2 55 ? -15.135 3.152   9.887   1.00 22.57  ? 108 LYS B CG  1 
ATOM   1150 C CD  . LYS B 2 55 ? -16.183 3.224   10.974  1.00 24.14  ? 108 LYS B CD  1 
ATOM   1151 C CE  . LYS B 2 55 ? -17.528 2.722   10.501  1.00 25.19  ? 108 LYS B CE  1 
ATOM   1152 N NZ  . LYS B 2 55 ? -18.536 2.763   11.587  1.00 26.00  ? 108 LYS B NZ  1 
ATOM   1153 N N   . SER B 2 56 ? -12.295 3.881   13.151  1.00 16.50  ? 109 SER B N   1 
ATOM   1154 C CA  . SER B 2 56 ? -11.550 4.654   14.180  1.00 15.93  ? 109 SER B CA  1 
ATOM   1155 C C   . SER B 2 56 ? -10.142 4.065   14.367  1.00 15.37  ? 109 SER B C   1 
ATOM   1156 O O   . SER B 2 56 ? -9.200  4.828   14.602  1.00 15.02  ? 109 SER B O   1 
ATOM   1157 C CB  . SER B 2 56 ? -12.305 4.680   15.508  1.00 15.95  ? 109 SER B CB  1 
ATOM   1158 O OG  . SER B 2 56 ? -13.720 4.583   15.337  1.00 15.56  ? 109 SER B OG  1 
ATOM   1159 N N   . ASP B 2 57 ? -10.010 2.747   14.286  1.00 15.00  ? 110 ASP B N   1 
ATOM   1160 C CA  . ASP B 2 57 ? -8.741  2.051   14.608  1.00 14.84  ? 110 ASP B CA  1 
ATOM   1161 C C   . ASP B 2 57 ? -7.689  2.422   13.568  1.00 14.54  ? 110 ASP B C   1 
ATOM   1162 O O   . ASP B 2 57 ? -6.509  2.597   13.950  1.00 14.32  ? 110 ASP B O   1 
ATOM   1163 C CB  . ASP B 2 57 ? -8.954  0.543   14.645  1.00 15.11  ? 110 ASP B CB  1 
ATOM   1164 C CG  . ASP B 2 57 ? -10.058 0.138   15.598  1.00 15.60  ? 110 ASP B CG  1 
ATOM   1165 O OD1 . ASP B 2 57 ? -10.010 0.556   16.768  1.00 16.27  ? 110 ASP B OD1 1 
ATOM   1166 O OD2 . ASP B 2 57 ? -10.966 -0.578  15.162  1.00 15.75  ? 110 ASP B OD2 1 
ATOM   1167 N N   . ILE B 2 58 ? -8.101  2.551   12.308  1.00 13.75  ? 111 ILE B N   1 
ATOM   1168 C CA  . ILE B 2 58 ? -7.158  2.858   11.196  1.00 13.16  ? 111 ILE B CA  1 
ATOM   1169 C C   . ILE B 2 58 ? -6.681  4.295   11.367  1.00 12.74  ? 111 ILE B C   1 
ATOM   1170 O O   . ILE B 2 58 ? -5.523  4.562   11.021  1.00 12.02  ? 111 ILE B O   1 
ATOM   1171 C CB  . ILE B 2 58 ? -7.828  2.597   9.838   1.00 12.82  ? 111 ILE B CB  1 
ATOM   1172 C CG1 . ILE B 2 58 ? -8.354  1.159   9.785   1.00 12.79  ? 111 ILE B CG1 1 
ATOM   1173 C CG2 . ILE B 2 58 ? -6.880  2.908   8.694   1.00 11.82  ? 111 ILE B CG2 1 
ATOM   1174 C CD1 . ILE B 2 58 ? -9.325  0.907   8.666   1.00 12.92  ? 111 ILE B CD1 1 
ATOM   1175 N N   . ALA B 2 59 ? -7.535  5.181   11.886  1.00 12.69  ? 112 ALA B N   1 
ATOM   1176 C CA  . ALA B 2 59 ? -7.154  6.586   12.144  1.00 12.72  ? 112 ALA B CA  1 
ATOM   1177 C C   . ALA B 2 59 ? -6.045  6.599   13.204  1.00 12.53  ? 112 ALA B C   1 
ATOM   1178 O O   . ALA B 2 59 ? -5.082  7.331   13.050  1.00 12.49  ? 112 ALA B O   1 
ATOM   1179 C CB  . ALA B 2 59 ? -8.360  7.396   12.542  1.00 12.77  ? 112 ALA B CB  1 
ATOM   1180 N N   . ALA B 2 60 ? -6.130  5.757   14.221  1.00 12.98  ? 113 ALA B N   1 
ATOM   1181 C CA  . ALA B 2 60 ? -5.126  5.734   15.306  1.00 13.48  ? 113 ALA B CA  1 
ATOM   1182 C C   . ALA B 2 60 ? -3.796  5.200   14.764  1.00 13.79  ? 113 ALA B C   1 
ATOM   1183 O O   . ALA B 2 60 ? -2.737  5.692   15.200  1.00 13.41  ? 113 ALA B O   1 
ATOM   1184 C CB  . ALA B 2 60 ? -5.634  4.920   16.458  1.00 13.29  ? 113 ALA B CB  1 
ATOM   1185 N N   . ALA B 2 61 ? -3.858  4.225   13.859  1.00 14.21  ? 114 ALA B N   1 
ATOM   1186 C CA  . ALA B 2 61 ? -2.671  3.585   13.251  1.00 14.58  ? 114 ALA B CA  1 
ATOM   1187 C C   . ALA B 2 61 ? -1.934  4.608   12.378  1.00 14.97  ? 114 ALA B C   1 
ATOM   1188 O O   . ALA B 2 61 ? -0.702  4.700   12.469  1.00 15.05  ? 114 ALA B O   1 
ATOM   1189 C CB  . ALA B 2 61 ? -3.102  2.373   12.468  1.00 14.46  ? 114 ALA B CB  1 
ATOM   1190 N N   . ILE B 2 62 ? -2.665  5.347   11.550  1.00 15.40  ? 115 ILE B N   1 
ATOM   1191 C CA  . ILE B 2 62 ? -2.086  6.420   10.692  1.00 16.32  ? 115 ILE B CA  1 
ATOM   1192 C C   . ILE B 2 62 ? -1.508  7.530   11.582  1.00 17.00  ? 115 ILE B C   1 
ATOM   1193 O O   . ILE B 2 62 ? -0.418  8.011   11.271  1.00 16.41  ? 115 ILE B O   1 
ATOM   1194 C CB  . ILE B 2 62 ? -3.143  6.950   9.706   1.00 16.09  ? 115 ILE B CB  1 
ATOM   1195 C CG1 . ILE B 2 62 ? -3.378  5.959   8.569   1.00 16.34  ? 115 ILE B CG1 1 
ATOM   1196 C CG2 . ILE B 2 62 ? -2.766  8.326   9.180   1.00 16.03  ? 115 ILE B CG2 1 
ATOM   1197 C CD1 . ILE B 2 62 ? -4.702  6.127   7.876   1.00 16.32  ? 115 ILE B CD1 1 
ATOM   1198 N N   . ALA B 2 63 ? -2.205  7.898   12.659  1.00 18.61  ? 116 ALA B N   1 
ATOM   1199 C CA  . ALA B 2 63 ? -1.906  9.087   13.484  1.00 20.08  ? 116 ALA B CA  1 
ATOM   1200 C C   . ALA B 2 63 ? -0.492  9.022   14.080  1.00 22.58  ? 116 ALA B C   1 
ATOM   1201 O O   . ALA B 2 63 ? 0.263   9.992   13.907  1.00 23.62  ? 116 ALA B O   1 
ATOM   1202 C CB  . ALA B 2 63 ? -2.940  9.233   14.560  1.00 19.61  ? 116 ALA B CB  1 
ATOM   1203 N N   . ARG B 2 64 ? -0.139  7.967   14.803  1.00 25.82  ? 117 ARG B N   1 
ATOM   1204 C CA  . ARG B 2 64 ? 1.130   7.985   15.562  1.00 29.45  ? 117 ARG B CA  1 
ATOM   1205 C C   . ARG B 2 64 ? 2.202   7.202   14.807  1.00 29.19  ? 117 ARG B C   1 
ATOM   1206 O O   . ARG B 2 64 ? 3.343   7.161   15.295  1.00 26.63  ? 117 ARG B O   1 
ATOM   1207 C CB  . ARG B 2 64 ? 0.907   7.508   16.998  1.00 33.46  ? 117 ARG B CB  1 
ATOM   1208 C CG  . ARG B 2 64 ? 1.933   8.040   17.994  1.00 36.22  ? 117 ARG B CG  1 
ATOM   1209 C CD  . ARG B 2 64 ? 2.346   9.488   17.765  1.00 36.90  ? 117 ARG B CD  1 
ATOM   1210 N NE  . ARG B 2 64 ? 3.432   9.616   16.799  1.00 38.06  ? 117 ARG B NE  1 
ATOM   1211 C CZ  . ARG B 2 64 ? 4.090   10.743  16.523  1.00 38.19  ? 117 ARG B CZ  1 
ATOM   1212 N NH1 . ARG B 2 64 ? 5.067   10.734  15.630  1.00 38.08  ? 117 ARG B NH1 1 
ATOM   1213 N NH2 . ARG B 2 64 ? 3.783   11.873  17.131  1.00 36.78  ? 117 ARG B NH2 1 
ATOM   1214 N N   . THR B 2 65 ? 1.877   6.655   13.635  1.00 30.83  ? 118 THR B N   1 
ATOM   1215 C CA  . THR B 2 65 ? 2.907   6.060   12.746  1.00 32.66  ? 118 THR B CA  1 
ATOM   1216 C C   . THR B 2 65 ? 3.445   7.170   11.850  1.00 33.76  ? 118 THR B C   1 
ATOM   1217 O O   . THR B 2 65 ? 2.645   7.746   11.090  1.00 36.01  ? 118 THR B O   1 
ATOM   1218 C CB  . THR B 2 65 ? 2.358   4.862   11.971  1.00 32.74  ? 118 THR B CB  1 
ATOM   1219 O OG1 . THR B 2 65 ? 1.540   4.147   12.896  1.00 32.69  ? 118 THR B OG1 1 
ATOM   1220 C CG2 . THR B 2 65 ? 3.446   3.963   11.423  1.00 32.84  ? 118 THR B CG2 1 
ATOM   1221 N N   . GLU B 2 66 ? 4.736   7.469   11.982  1.00 34.08  ? 119 GLU B N   1 
ATOM   1222 C CA  . GLU B 2 66 ? 5.447   8.489   11.175  1.00 35.03  ? 119 GLU B CA  1 
ATOM   1223 C C   . GLU B 2 66 ? 5.643   7.909   9.778   1.00 33.69  ? 119 GLU B C   1 
ATOM   1224 O O   . GLU B 2 66 ? 5.951   8.663   8.851   1.00 34.59  ? 119 GLU B O   1 
ATOM   1225 C CB  . GLU B 2 66 ? 6.761   8.854   11.864  1.00 37.93  ? 119 GLU B CB  1 
ATOM   1226 C CG  . GLU B 2 66 ? 7.815   9.435   10.940  1.00 40.29  ? 119 GLU B CG  1 
ATOM   1227 C CD  . GLU B 2 66 ? 9.199   9.537   11.559  1.00 42.74  ? 119 GLU B CD  1 
ATOM   1228 O OE1 . GLU B 2 66 ? 9.305   9.485   12.804  1.00 41.81  ? 119 GLU B OE1 1 
ATOM   1229 O OE2 . GLU B 2 66 ? 10.178  9.650   10.789  1.00 46.43  ? 119 GLU B OE2 1 
ATOM   1230 N N   . VAL B 2 67 ? 5.472   6.608   9.644   1.00 32.01  ? 120 VAL B N   1 
ATOM   1231 C CA  . VAL B 2 67 ? 5.587   5.958   8.318   1.00 32.25  ? 120 VAL B CA  1 
ATOM   1232 C C   . VAL B 2 67 ? 4.364   6.338   7.480   1.00 31.77  ? 120 VAL B C   1 
ATOM   1233 O O   . VAL B 2 67 ? 4.502   6.452   6.256   1.00 31.01  ? 120 VAL B O   1 
ATOM   1234 C CB  . VAL B 2 67 ? 5.742   4.436   8.453   1.00 32.15  ? 120 VAL B CB  1 
ATOM   1235 C CG1 . VAL B 2 67 ? 6.281   3.846   7.167   1.00 31.41  ? 120 VAL B CG1 1 
ATOM   1236 C CG2 . VAL B 2 67 ? 6.632   4.063   9.631   1.00 32.93  ? 120 VAL B CG2 1 
ATOM   1237 N N   . PHE B 2 68 ? 3.208   6.541   8.110   1.00 31.71  ? 121 PHE B N   1 
ATOM   1238 C CA  . PHE B 2 68 ? 1.941   6.819   7.386   1.00 31.04  ? 121 PHE B CA  1 
ATOM   1239 C C   . PHE B 2 68 ? 1.510   8.265   7.599   1.00 28.58  ? 121 PHE B C   1 
ATOM   1240 O O   . PHE B 2 68 ? 0.307   8.521   7.714   1.00 25.87  ? 121 PHE B O   1 
ATOM   1241 C CB  . PHE B 2 68 ? 0.830   5.870   7.827   1.00 32.88  ? 121 PHE B CB  1 
ATOM   1242 C CG  . PHE B 2 68 ? 1.203   4.415   7.788   1.00 33.40  ? 121 PHE B CG  1 
ATOM   1243 C CD1 . PHE B 2 68 ? 2.029   3.915   6.796   1.00 33.98  ? 121 PHE B CD1 1 
ATOM   1244 C CD2 . PHE B 2 68 ? 0.713   3.544   8.747   1.00 34.22  ? 121 PHE B CD2 1 
ATOM   1245 C CE1 . PHE B 2 68 ? 2.365   2.571   6.770   1.00 34.75  ? 121 PHE B CE1 1 
ATOM   1246 C CE2 . PHE B 2 68 ? 1.047   2.199   8.714   1.00 35.34  ? 121 PHE B CE2 1 
ATOM   1247 C CZ  . PHE B 2 68 ? 1.880   1.715   7.733   1.00 34.86  ? 121 PHE B CZ  1 
ATOM   1248 N N   . ASP B 2 69 ? 2.460   9.190   7.612   1.00 28.17  ? 122 ASP B N   1 
ATOM   1249 C CA  . ASP B 2 69 ? 2.154   10.629  7.796   1.00 27.04  ? 122 ASP B CA  1 
ATOM   1250 C C   . ASP B 2 69 ? 1.356   11.145  6.594   1.00 24.76  ? 122 ASP B C   1 
ATOM   1251 O O   . ASP B 2 69 ? 0.653   12.162  6.753   1.00 26.24  ? 122 ASP B O   1 
ATOM   1252 C CB  . ASP B 2 69 ? 3.430   11.441  8.002   1.00 27.91  ? 122 ASP B CB  1 
ATOM   1253 C CG  . ASP B 2 69 ? 3.151   12.905  8.269   1.00 29.01  ? 122 ASP B CG  1 
ATOM   1254 O OD1 . ASP B 2 69 ? 2.366   13.186  9.196   1.00 31.43  ? 122 ASP B OD1 1 
ATOM   1255 O OD2 . ASP B 2 69 ? 3.692   13.751  7.531   1.00 28.57  ? 122 ASP B OD2 1 
ATOM   1256 N N   . PHE B 2 70 ? 1.472   10.497  5.433   1.00 21.81  ? 123 PHE B N   1 
ATOM   1257 C CA  . PHE B 2 70 ? 0.848   10.966  4.173   1.00 20.73  ? 123 PHE B CA  1 
ATOM   1258 C C   . PHE B 2 70 ? -0.643  10.612  4.129   1.00 21.15  ? 123 PHE B C   1 
ATOM   1259 O O   . PHE B 2 70 ? -1.320  11.070  3.189   1.00 21.40  ? 123 PHE B O   1 
ATOM   1260 C CB  . PHE B 2 70 ? 1.567   10.378  2.958   1.00 19.91  ? 123 PHE B CB  1 
ATOM   1261 C CG  . PHE B 2 70 ? 1.221   8.942   2.668   1.00 19.30  ? 123 PHE B CG  1 
ATOM   1262 C CD1 . PHE B 2 70 ? 1.842   7.918   3.362   1.00 18.75  ? 123 PHE B CD1 1 
ATOM   1263 C CD2 . PHE B 2 70 ? 0.265   8.612   1.716   1.00 19.34  ? 123 PHE B CD2 1 
ATOM   1264 C CE1 . PHE B 2 70 ? 1.521   6.595   3.111   1.00 18.55  ? 123 PHE B CE1 1 
ATOM   1265 C CE2 . PHE B 2 70 ? -0.056  7.287   1.465   1.00 19.22  ? 123 PHE B CE2 1 
ATOM   1266 C CZ  . PHE B 2 70 ? 0.570   6.280   2.166   1.00 19.13  ? 123 PHE B CZ  1 
ATOM   1267 N N   . LEU B 2 71 ? -1.154  9.830   5.081   1.00 21.77  ? 124 LEU B N   1 
ATOM   1268 C CA  . LEU B 2 71 ? -2.541  9.297   5.008   1.00 22.95  ? 124 LEU B CA  1 
ATOM   1269 C C   . LEU B 2 71 ? -3.522  10.109  5.857   1.00 23.94  ? 124 LEU B C   1 
ATOM   1270 O O   . LEU B 2 71 ? -4.724  9.771   5.827   1.00 24.09  ? 124 LEU B O   1 
ATOM   1271 C CB  . LEU B 2 71 ? -2.537  7.836   5.464   1.00 23.07  ? 124 LEU B CB  1 
ATOM   1272 C CG  . LEU B 2 71 ? -2.246  6.810   4.376   1.00 23.04  ? 124 LEU B CG  1 
ATOM   1273 C CD1 . LEU B 2 71 ? -2.303  5.406   4.964   1.00 23.08  ? 124 LEU B CD1 1 
ATOM   1274 C CD2 . LEU B 2 71 ? -3.224  6.952   3.217   1.00 22.85  ? 124 LEU B CD2 1 
ATOM   1275 N N   . VAL B 2 72 ? -3.069  11.140  6.567   1.00 24.63  ? 125 VAL B N   1 
ATOM   1276 C CA  . VAL B 2 72 ? -3.946  11.875  7.525   1.00 25.20  ? 125 VAL B CA  1 
ATOM   1277 C C   . VAL B 2 72 ? -5.046  12.634  6.767   1.00 25.91  ? 125 VAL B C   1 
ATOM   1278 O O   . VAL B 2 72 ? -6.037  13.018  7.396   1.00 24.71  ? 125 VAL B O   1 
ATOM   1279 C CB  . VAL B 2 72 ? -3.111  12.799  8.421   1.00 25.27  ? 125 VAL B CB  1 
ATOM   1280 C CG1 . VAL B 2 72 ? -3.940  13.356  9.565   1.00 25.51  ? 125 VAL B CG1 1 
ATOM   1281 C CG2 . VAL B 2 72 ? -1.887  12.069  8.960   1.00 25.72  ? 125 VAL B CG2 1 
ATOM   1282 N N   . ASP B 2 73 ? -4.917  12.808  5.454   1.00 27.44  ? 126 ASP B N   1 
ATOM   1283 C CA  . ASP B 2 73 ? -5.950  13.511  4.656   1.00 29.75  ? 126 ASP B CA  1 
ATOM   1284 C C   . ASP B 2 73 ? -7.248  12.699  4.673   1.00 31.52  ? 126 ASP B C   1 
ATOM   1285 O O   . ASP B 2 73 ? -8.314  13.295  4.495   1.00 30.90  ? 126 ASP B O   1 
ATOM   1286 C CB  . ASP B 2 73 ? -5.506  13.745  3.215   1.00 30.39  ? 126 ASP B CB  1 
ATOM   1287 C CG  . ASP B 2 73 ? -5.391  12.465  2.413   1.00 31.68  ? 126 ASP B CG  1 
ATOM   1288 O OD1 . ASP B 2 73 ? -4.431  11.701  2.666   1.00 32.94  ? 126 ASP B OD1 1 
ATOM   1289 O OD2 . ASP B 2 73 ? -6.272  12.234  1.559   1.00 31.76  ? 126 ASP B OD2 1 
ATOM   1290 N N   . ILE B 2 74 ? -7.170  11.388  4.879   1.00 34.28  ? 127 ILE B N   1 
ATOM   1291 C CA  . ILE B 2 74 ? -8.362  10.498  4.770   1.00 36.62  ? 127 ILE B CA  1 
ATOM   1292 C C   . ILE B 2 74 ? -9.049  10.366  6.134   1.00 39.07  ? 127 ILE B C   1 
ATOM   1293 O O   . ILE B 2 74 ? -10.285 10.254  6.160   1.00 41.15  ? 127 ILE B O   1 
ATOM   1294 C CB  . ILE B 2 74 ? -7.950  9.142   4.180   1.00 35.71  ? 127 ILE B CB  1 
ATOM   1295 C CG1 . ILE B 2 74 ? -7.481  9.313   2.735   1.00 36.91  ? 127 ILE B CG1 1 
ATOM   1296 C CG2 . ILE B 2 74 ? -9.078  8.130   4.301   1.00 34.32  ? 127 ILE B CG2 1 
ATOM   1297 C CD1 . ILE B 2 74 ? -6.674  8.157   2.203   1.00 38.08  ? 127 ILE B CD1 1 
ATOM   1298 N N   . VAL B 2 75 ? -8.287  10.375  7.218   1.00 41.26  ? 128 VAL B N   1 
ATOM   1299 C CA  . VAL B 2 75 ? -8.835  10.166  8.585   1.00 44.38  ? 128 VAL B CA  1 
ATOM   1300 C C   . VAL B 2 75 ? -8.785  11.493  9.324   1.00 46.38  ? 128 VAL B C   1 
ATOM   1301 O O   . VAL B 2 75 ? -7.724  12.100  9.410   1.00 45.97  ? 128 VAL B O   1 
ATOM   1302 C CB  . VAL B 2 75 ? -8.051  9.072   9.320   1.00 45.15  ? 128 VAL B CB  1 
ATOM   1303 C CG1 . VAL B 2 75 ? -8.463  7.686   8.835   1.00 46.30  ? 128 VAL B CG1 1 
ATOM   1304 C CG2 . VAL B 2 75 ? -6.549  9.268   9.188   1.00 43.45  ? 128 VAL B CG2 1 
ATOM   1305 N N   . PRO B 2 76 ? -9.914  11.991  9.875   1.00 50.46  ? 129 PRO B N   1 
ATOM   1306 C CA  . PRO B 2 76 ? -9.884  13.173  10.739  1.00 51.63  ? 129 PRO B CA  1 
ATOM   1307 C C   . PRO B 2 76 ? -9.188  12.906  12.084  1.00 52.11  ? 129 PRO B C   1 
ATOM   1308 O O   . PRO B 2 76 ? -9.799  13.064  13.128  1.00 52.53  ? 129 PRO B O   1 
ATOM   1309 C CB  . PRO B 2 76 ? -11.363 13.532  10.940  1.00 51.73  ? 129 PRO B CB  1 
ATOM   1310 C CG  . PRO B 2 76 ? -12.096 12.755  9.863   1.00 52.32  ? 129 PRO B CG  1 
ATOM   1311 C CD  . PRO B 2 76 ? -11.282 11.496  9.657   1.00 51.54  ? 129 PRO B CD  1 
ATOM   1312 N N   . ARG B 2 77 ? -7.911  12.528  12.022  1.00 53.80  ? 130 ARG B N   1 
ATOM   1313 C CA  . ARG B 2 77 ? -7.054  12.270  13.207  1.00 53.15  ? 130 ARG B CA  1 
ATOM   1314 C C   . ARG B 2 77 ? -7.791  11.373  14.204  1.00 50.75  ? 130 ARG B C   1 
ATOM   1315 O O   . ARG B 2 77 ? -7.148  10.790  15.069  1.00 50.65  ? 130 ARG B O   1 
ATOM   1316 C CB  . ARG B 2 77 ? -6.650  13.597  13.857  1.00 52.43  ? 130 ARG B CB  1 
ATOM   1317 C CG  . ARG B 2 77 ? -5.436  14.257  13.212  1.00 50.84  ? 130 ARG B CG  1 
ATOM   1318 C CD  . ARG B 2 77 ? -4.236  13.331  13.130  1.00 49.20  ? 130 ARG B CD  1 
ATOM   1319 N NE  . ARG B 2 77 ? -3.917  12.705  14.410  1.00 49.43  ? 130 ARG B NE  1 
ATOM   1320 C CZ  . ARG B 2 77 ? -3.010  13.154  15.283  1.00 47.21  ? 130 ARG B CZ  1 
ATOM   1321 N NH1 . ARG B 2 77 ? -2.314  14.253  15.039  1.00 45.97  ? 130 ARG B NH1 1 
ATOM   1322 N NH2 . ARG B 2 77 ? -2.805  12.505  16.414  1.00 46.70  ? 130 ARG B NH2 1 
HETATM 1323 C C1  . GOL C 3 .  ? 3.200   -16.520 -9.054  1.00 36.71  ? 201 GOL A C1  1 
HETATM 1324 O O1  . GOL C 3 .  ? 2.249   -16.259 -10.079 1.00 33.96  ? 201 GOL A O1  1 
HETATM 1325 C C2  . GOL C 3 .  ? 4.621   -16.374 -9.565  1.00 37.36  ? 201 GOL A C2  1 
HETATM 1326 O O2  . GOL C 3 .  ? 4.770   -15.183 -10.336 1.00 35.95  ? 201 GOL A O2  1 
HETATM 1327 C C3  . GOL C 3 .  ? 5.641   -16.369 -8.449  1.00 37.60  ? 201 GOL A C3  1 
HETATM 1328 O O3  . GOL C 3 .  ? 5.740   -17.643 -7.818  1.00 37.04  ? 201 GOL A O3  1 
HETATM 1329 C C1  . GOL D 3 .  ? 0.689   -11.952 -14.695 1.00 40.18  ? 202 GOL A C1  1 
HETATM 1330 O O1  . GOL D 3 .  ? -0.008  -11.028 -15.524 1.00 39.85  ? 202 GOL A O1  1 
HETATM 1331 C C2  . GOL D 3 .  ? 1.974   -12.417 -15.348 1.00 40.71  ? 202 GOL A C2  1 
HETATM 1332 O O2  . GOL D 3 .  ? 2.500   -11.394 -16.192 1.00 41.62  ? 202 GOL A O2  1 
HETATM 1333 C C3  . GOL D 3 .  ? 3.029   -12.808 -14.341 1.00 40.31  ? 202 GOL A C3  1 
HETATM 1334 O O3  . GOL D 3 .  ? 2.470   -13.559 -13.269 1.00 39.87  ? 202 GOL A O3  1 
HETATM 1335 O O   . HOH E 4 .  ? -4.024  7.630   -7.723  1.00 20.32  ? 301 HOH A O   1 
HETATM 1336 O O   . HOH E 4 .  ? -6.301  -14.600 9.877   1.00 6.98   ? 302 HOH A O   1 
HETATM 1337 O O   . HOH E 4 .  ? -18.804 -5.745  9.386   1.00 1.06   ? 303 HOH A O   1 
HETATM 1338 O O   . HOH E 4 .  ? 12.602  -13.041 -16.099 1.00 1.76   ? 304 HOH A O   1 
HETATM 1339 O O   . HOH E 4 .  ? 10.100  13.729  -22.601 1.00 22.46  ? 305 HOH A O   1 
HETATM 1340 O O   . HOH E 4 .  ? 14.631  11.345  -7.875  1.00 31.42  ? 306 HOH A O   1 
HETATM 1341 O O   . HOH E 4 .  ? 10.954  10.757  1.886   1.00 3.38   ? 307 HOH A O   1 
HETATM 1342 O O   . HOH E 4 .  ? 13.866  16.755  -23.819 1.00 21.75  ? 308 HOH A O   1 
HETATM 1343 O O   . HOH E 4 .  ? 0.233   11.821  -1.642  1.00 24.57  ? 309 HOH A O   1 
HETATM 1344 O O   . HOH E 4 .  ? 11.113  16.050  -6.260  1.00 25.23  ? 310 HOH A O   1 
HETATM 1345 O O   . HOH E 4 .  ? 17.142  -0.216  -12.763 1.00 5.62   ? 311 HOH A O   1 
HETATM 1346 O O   . HOH E 4 .  ? 20.070  3.371   -11.330 1.00 29.23  ? 312 HOH A O   1 
HETATM 1347 O O   . HOH E 4 .  ? 22.227  6.591   -9.767  1.00 10.53  ? 313 HOH A O   1 
HETATM 1348 O O   . HOH E 4 .  ? -1.911  -16.003 2.961   1.00 14.39  ? 314 HOH A O   1 
HETATM 1349 O O   . HOH E 4 .  ? 11.077  13.767  -1.827  1.00 10.22  ? 315 HOH A O   1 
HETATM 1350 O O   . HOH E 4 .  ? -13.379 6.884   8.493   1.00 0.50   ? 316 HOH A O   1 
HETATM 1351 O O   . HOH E 4 .  ? -4.543  -14.244 -3.061  1.00 22.80  ? 317 HOH A O   1 
HETATM 1352 O O   . HOH E 4 .  ? 22.521  10.346  -8.047  1.00 12.87  ? 318 HOH A O   1 
HETATM 1353 O O   A HOH E 4 .  ? 10.638  0.137   10.072  0.50 3.10   ? 319 HOH A O   1 
HETATM 1354 O O   B HOH E 4 .  ? 8.061   0.045   7.950   0.50 0.50   ? 319 HOH A O   1 
HETATM 1355 O O   . HOH E 4 .  ? 7.811   11.244  -21.117 1.00 13.60  ? 320 HOH A O   1 
HETATM 1356 O O   . HOH E 4 .  ? -3.285  -17.792 7.291   1.00 21.82  ? 321 HOH A O   1 
HETATM 1357 O O   . HOH E 4 .  ? 8.446   12.869  0.610   1.00 24.14  ? 322 HOH A O   1 
HETATM 1358 O O   . HOH E 4 .  ? -7.068  6.050   -21.172 1.00 1.02   ? 323 HOH A O   1 
HETATM 1359 O O   . HOH F 4 .  ? 4.793   11.784  -14.266 1.00 5.07   ? 201 HOH B O   1 
HETATM 1360 O O   . HOH F 4 .  ? 2.435   11.730  14.163  1.00 7.75   ? 202 HOH B O   1 
HETATM 1361 O O   . HOH F 4 .  ? 2.038   2.227   16.421  1.00 5.27   ? 203 HOH B O   1 
HETATM 1362 O O   . HOH F 4 .  ? -0.097  11.661  17.026  1.00 14.77  ? 204 HOH B O   1 
HETATM 1363 O O   . HOH F 4 .  ? 1.789   6.692   -20.983 1.00 28.22  ? 205 HOH B O   1 
HETATM 1364 O O   . HOH F 4 .  ? 7.681   -5.652  -19.822 1.00 50.42  ? 206 HOH B O   1 
HETATM 1365 O O   . HOH F 4 .  ? -18.569 -1.503  19.591  1.00 7.65   ? 207 HOH B O   1 
HETATM 1366 O O   . HOH F 4 .  ? -13.077 12.373  6.984   1.00 13.13  ? 208 HOH B O   1 
HETATM 1367 O O   . HOH F 4 .  ? -1.157  2.426   15.919  1.00 16.13  ? 209 HOH B O   1 
HETATM 1368 O O   . HOH F 4 .  ? -2.919  2.337   -21.954 1.00 0.50   ? 210 HOH B O   1 
HETATM 1369 O O   . HOH F 4 .  ? -7.711  2.907   -19.611 1.00 11.14  ? 211 HOH B O   1 
HETATM 1370 O O   . HOH F 4 .  ? 4.601   14.157  -19.078 1.00 23.91  ? 212 HOH B O   1 
HETATM 1371 O O   . HOH F 4 .  ? 4.793   11.622  -29.690 1.00 31.65  ? 213 HOH B O   1 
HETATM 1372 O O   . HOH F 4 .  ? -8.407  -1.534  -19.666 1.00 7.53   ? 214 HOH B O   1 
HETATM 1373 O O   . HOH F 4 .  ? 2.184   13.552  1.244   1.00 3.86   ? 215 HOH B O   1 
HETATM 1374 O O   . HOH F 4 .  ? -6.655  13.233  -14.698 1.00 32.87  ? 216 HOH B O   1 
HETATM 1375 O O   . HOH F 4 .  ? -4.916  5.965   -19.558 1.00 0.91   ? 217 HOH B O   1 
HETATM 1376 O O   . HOH F 4 .  ? -3.706  10.621  -23.431 1.00 30.02  ? 218 HOH B O   1 
# 
